data_1E85
# 
_entry.id   1E85 
# 
_audit_conform.dict_name       mmcif_pdbx.dic 
_audit_conform.dict_version    5.397 
_audit_conform.dict_location   http://mmcif.pdb.org/dictionaries/ascii/mmcif_pdbx.dic 
# 
loop_
_database_2.database_id 
_database_2.database_code 
_database_2.pdbx_database_accession 
_database_2.pdbx_DOI 
PDB   1E85         pdb_00001e85 10.2210/pdb1e85/pdb 
PDBE  EBI-5366     ?            ?                   
WWPDB D_1290005366 ?            ?                   
# 
loop_
_pdbx_audit_revision_history.ordinal 
_pdbx_audit_revision_history.data_content_type 
_pdbx_audit_revision_history.major_revision 
_pdbx_audit_revision_history.minor_revision 
_pdbx_audit_revision_history.revision_date 
1 'Structure model' 1 0 2000-11-06 
2 'Structure model' 1 1 2011-05-08 
3 'Structure model' 1 2 2011-07-13 
4 'Structure model' 1 3 2019-05-08 
5 'Structure model' 2 0 2020-03-11 
6 'Structure model' 2 1 2023-12-13 
7 'Structure model' 2 2 2024-10-23 
# 
_pdbx_audit_revision_details.ordinal             1 
_pdbx_audit_revision_details.revision_ordinal    1 
_pdbx_audit_revision_details.data_content_type   'Structure model' 
_pdbx_audit_revision_details.provider            repository 
_pdbx_audit_revision_details.type                'Initial release' 
_pdbx_audit_revision_details.description         ? 
_pdbx_audit_revision_details.details             ? 
# 
loop_
_pdbx_audit_revision_group.ordinal 
_pdbx_audit_revision_group.revision_ordinal 
_pdbx_audit_revision_group.data_content_type 
_pdbx_audit_revision_group.group 
1  2 'Structure model' 'Version format compliance' 
2  3 'Structure model' 'Version format compliance' 
3  4 'Structure model' 'Data collection'           
4  4 'Structure model' 'Derived calculations'      
5  4 'Structure model' 'Experimental preparation'  
6  4 'Structure model' Other                       
7  5 'Structure model' Other                       
8  5 'Structure model' 'Polymer sequence'          
9  6 'Structure model' 'Data collection'           
10 6 'Structure model' 'Database references'       
11 6 'Structure model' 'Derived calculations'      
12 6 'Structure model' 'Refinement description'    
13 7 'Structure model' 'Structure summary'         
# 
loop_
_pdbx_audit_revision_category.ordinal 
_pdbx_audit_revision_category.revision_ordinal 
_pdbx_audit_revision_category.data_content_type 
_pdbx_audit_revision_category.category 
1  4 'Structure model' database_PDB_rev              
2  4 'Structure model' database_PDB_rev_record       
3  4 'Structure model' exptl_crystal_grow            
4  4 'Structure model' pdbx_database_proc            
5  4 'Structure model' pdbx_database_status          
6  4 'Structure model' struct_conn                   
7  5 'Structure model' entity_poly                   
8  5 'Structure model' pdbx_database_status          
9  6 'Structure model' chem_comp_atom                
10 6 'Structure model' chem_comp_bond                
11 6 'Structure model' database_2                    
12 6 'Structure model' pdbx_initial_refinement_model 
13 6 'Structure model' struct_site                   
14 7 'Structure model' pdbx_entry_details            
15 7 'Structure model' pdbx_modification_feature     
# 
loop_
_pdbx_audit_revision_item.ordinal 
_pdbx_audit_revision_item.revision_ordinal 
_pdbx_audit_revision_item.data_content_type 
_pdbx_audit_revision_item.item 
1  4 'Structure model' '_exptl_crystal_grow.method'                   
2  4 'Structure model' '_pdbx_database_status.recvd_author_approval'  
3  4 'Structure model' '_struct_conn.pdbx_leaving_atom_flag'          
4  5 'Structure model' '_entity_poly.pdbx_seq_one_letter_code_can'    
5  5 'Structure model' '_pdbx_database_status.status_code_sf'         
6  6 'Structure model' '_database_2.pdbx_DOI'                         
7  6 'Structure model' '_database_2.pdbx_database_accession'          
8  6 'Structure model' '_struct_site.pdbx_auth_asym_id'               
9  6 'Structure model' '_struct_site.pdbx_auth_comp_id'               
10 6 'Structure model' '_struct_site.pdbx_auth_seq_id'                
11 7 'Structure model' '_pdbx_entry_details.has_protein_modification' 
# 
_pdbx_database_status.status_code                     REL 
_pdbx_database_status.entry_id                        1E85 
_pdbx_database_status.deposit_site                    PDBE 
_pdbx_database_status.process_site                    PDBE 
_pdbx_database_status.SG_entry                        . 
_pdbx_database_status.recvd_initial_deposition_date   2000-09-15 
_pdbx_database_status.pdb_format_compatible           Y 
_pdbx_database_status.status_code_sf                  REL 
_pdbx_database_status.status_code_mr                  ? 
_pdbx_database_status.status_code_cs                  ? 
_pdbx_database_status.methods_development_category    ? 
_pdbx_database_status.status_code_nmr_data            ? 
# 
loop_
_pdbx_database_related.db_name 
_pdbx_database_related.db_id 
_pdbx_database_related.content_type 
_pdbx_database_related.details 
PDB 1CGO unspecified 
;CYTOCHROME C'
;
PDB 1E83 unspecified 
;CYTOCHROME C' FROM ALCALIGENES XYLOSOXIDANS - OXIDIZED STRUCTURE
;
PDB 1E84 unspecified 
;CYTOCHROME C' FROM ALCALIGENES XYLOSOXIDANS - REDUCED STRUCTURE
;
PDB 1E86 unspecified 
;CYTOCHROME C' FROM ALCALIGENES XYLOSOXIDANS - REDUCED STRUCTURE WITH CO BOUND TO DISTAL SIDE OF HEME
;
# 
loop_
_audit_author.name 
_audit_author.pdbx_ordinal 
'Lawson, D.M.'      1 
'Stevenson, C.E.M.' 2 
'Andrew, C.R.'      3 
'Eady, R.R.'        4 
# 
loop_
_citation.id 
_citation.title 
_citation.journal_abbrev 
_citation.journal_volume 
_citation.page_first 
_citation.page_last 
_citation.year 
_citation.journal_id_ASTM 
_citation.country 
_citation.journal_id_ISSN 
_citation.journal_id_CSD 
_citation.book_publisher 
_citation.pdbx_database_id_PubMed 
_citation.pdbx_database_id_DOI 
primary 'Unprecedented Proximal Binding of Nitric Oxide to Heme: Implications for Guanylate Cyclase.' 'Embo J.'                  
19 5661 ? 2000 EMJODG UK 0261-4189 0897 ? 11060017 10.1093/EMBOJ/19.21.5661  
1       
;The Three-Dimensional Structure of Cytochrome C' from Two Alcaligenes Species and Their Implications for Four-Helix Bundles
;
'Acta Crystallogr.,Sect.D' 52 356  ? 1996 ABCRE6 DK 0907-4449 0766 ? 15299707 10.1107/S0907444995008328 
# 
loop_
_citation_author.citation_id 
_citation_author.name 
_citation_author.ordinal 
_citation_author.identifier_ORCID 
primary 'Lawson, D.M.'      1 ? 
primary 'Stevenson, C.E.M.' 2 ? 
primary 'Andrew, C.R.'      3 ? 
primary 'Eady, R.R.'        4 ? 
1       'Dobbs, A.J.'       5 ? 
1       'Faber, H.R.'       6 ? 
1       'Anderson, B.F.'    7 ? 
1       'Baker, E.N.'       8 ? 
# 
loop_
_entity.id 
_entity.type 
_entity.src_method 
_entity.pdbx_description 
_entity.formula_weight 
_entity.pdbx_number_of_molecules 
_entity.pdbx_ec 
_entity.pdbx_mutation 
_entity.pdbx_fragment 
_entity.details 
1 polymer     nat 
;CYTOCHROME C'
;
13631.442 1   ? ? ? ? 
2 non-polymer syn 'HEME C'        618.503   1   ? ? ? ? 
3 non-polymer syn 'NITRIC OXIDE'  30.006    1   ? ? ? ? 
4 water       nat water           18.015    204 ? ? ? ? 
# 
_entity_poly.entity_id                      1 
_entity_poly.type                           'polypeptide(L)' 
_entity_poly.nstd_linkage                   no 
_entity_poly.nstd_monomer                   yes 
_entity_poly.pdbx_seq_one_letter_code       
;(PCA)FAKPEDAVKYRQSALTLMASHFGRMTPVVKGQAPYDAAQIKANVEVLKTLSALPWAAFGPGTEGGDARPEIWSDA
ASFKQKQQAFQDNIVKLSAAADAGDLDKLRAAFGDVGASCKACHDAYRKKK
;
_entity_poly.pdbx_seq_one_letter_code_can   
;QFAKPEDAVKYRQSALTLMASHFGRMTPVVKGQAPYDAAQIKANVEVLKTLSALPWAAFGPGTEGGDARPEIWSDAASFK
QKQQAFQDNIVKLSAAADAGDLDKLRAAFGDVGASCKACHDAYRKKK
;
_entity_poly.pdbx_strand_id                 A 
_entity_poly.pdbx_target_identifier         ? 
# 
loop_
_pdbx_entity_nonpoly.entity_id 
_pdbx_entity_nonpoly.name 
_pdbx_entity_nonpoly.comp_id 
2 'HEME C'       HEC 
3 'NITRIC OXIDE' NO  
4 water          HOH 
# 
loop_
_entity_poly_seq.entity_id 
_entity_poly_seq.num 
_entity_poly_seq.mon_id 
_entity_poly_seq.hetero 
1 1   PCA n 
1 2   PHE n 
1 3   ALA n 
1 4   LYS n 
1 5   PRO n 
1 6   GLU n 
1 7   ASP n 
1 8   ALA n 
1 9   VAL n 
1 10  LYS n 
1 11  TYR n 
1 12  ARG n 
1 13  GLN n 
1 14  SER n 
1 15  ALA n 
1 16  LEU n 
1 17  THR n 
1 18  LEU n 
1 19  MET n 
1 20  ALA n 
1 21  SER n 
1 22  HIS n 
1 23  PHE n 
1 24  GLY n 
1 25  ARG n 
1 26  MET n 
1 27  THR n 
1 28  PRO n 
1 29  VAL n 
1 30  VAL n 
1 31  LYS n 
1 32  GLY n 
1 33  GLN n 
1 34  ALA n 
1 35  PRO n 
1 36  TYR n 
1 37  ASP n 
1 38  ALA n 
1 39  ALA n 
1 40  GLN n 
1 41  ILE n 
1 42  LYS n 
1 43  ALA n 
1 44  ASN n 
1 45  VAL n 
1 46  GLU n 
1 47  VAL n 
1 48  LEU n 
1 49  LYS n 
1 50  THR n 
1 51  LEU n 
1 52  SER n 
1 53  ALA n 
1 54  LEU n 
1 55  PRO n 
1 56  TRP n 
1 57  ALA n 
1 58  ALA n 
1 59  PHE n 
1 60  GLY n 
1 61  PRO n 
1 62  GLY n 
1 63  THR n 
1 64  GLU n 
1 65  GLY n 
1 66  GLY n 
1 67  ASP n 
1 68  ALA n 
1 69  ARG n 
1 70  PRO n 
1 71  GLU n 
1 72  ILE n 
1 73  TRP n 
1 74  SER n 
1 75  ASP n 
1 76  ALA n 
1 77  ALA n 
1 78  SER n 
1 79  PHE n 
1 80  LYS n 
1 81  GLN n 
1 82  LYS n 
1 83  GLN n 
1 84  GLN n 
1 85  ALA n 
1 86  PHE n 
1 87  GLN n 
1 88  ASP n 
1 89  ASN n 
1 90  ILE n 
1 91  VAL n 
1 92  LYS n 
1 93  LEU n 
1 94  SER n 
1 95  ALA n 
1 96  ALA n 
1 97  ALA n 
1 98  ASP n 
1 99  ALA n 
1 100 GLY n 
1 101 ASP n 
1 102 LEU n 
1 103 ASP n 
1 104 LYS n 
1 105 LEU n 
1 106 ARG n 
1 107 ALA n 
1 108 ALA n 
1 109 PHE n 
1 110 GLY n 
1 111 ASP n 
1 112 VAL n 
1 113 GLY n 
1 114 ALA n 
1 115 SER n 
1 116 CYS n 
1 117 LYS n 
1 118 ALA n 
1 119 CYS n 
1 120 HIS n 
1 121 ASP n 
1 122 ALA n 
1 123 TYR n 
1 124 ARG n 
1 125 LYS n 
1 126 LYS n 
1 127 LYS n 
# 
_entity_src_nat.entity_id                  1 
_entity_src_nat.pdbx_src_id                1 
_entity_src_nat.pdbx_alt_source_flag       sample 
_entity_src_nat.pdbx_beg_seq_num           ? 
_entity_src_nat.pdbx_end_seq_num           ? 
_entity_src_nat.common_name                ? 
_entity_src_nat.pdbx_organism_scientific   'ACHROMOBACTER XYLOSOXIDANS' 
_entity_src_nat.pdbx_ncbi_taxonomy_id      85698 
_entity_src_nat.genus                      ? 
_entity_src_nat.species                    ? 
_entity_src_nat.strain                     'NCIB 11015' 
_entity_src_nat.tissue                     ? 
_entity_src_nat.tissue_fraction            ? 
_entity_src_nat.pdbx_secretion             ? 
_entity_src_nat.pdbx_fragment              ? 
_entity_src_nat.pdbx_variant               ? 
_entity_src_nat.pdbx_cell_line             ? 
_entity_src_nat.pdbx_atcc                  ? 
_entity_src_nat.pdbx_cellular_location     PERIPLASM 
_entity_src_nat.pdbx_organ                 ? 
_entity_src_nat.pdbx_organelle             ? 
_entity_src_nat.pdbx_cell                  ? 
_entity_src_nat.pdbx_plasmid_name          ? 
_entity_src_nat.pdbx_plasmid_details       ? 
_entity_src_nat.details                    'FORMERLY KNOWN AS ALCALIGENES SP.' 
# 
loop_
_chem_comp.id 
_chem_comp.type 
_chem_comp.mon_nstd_flag 
_chem_comp.name 
_chem_comp.pdbx_synonyms 
_chem_comp.formula 
_chem_comp.formula_weight 
ALA 'L-peptide linking' y ALANINE             ?                   'C3 H7 N O2'       89.093  
ARG 'L-peptide linking' y ARGININE            ?                   'C6 H15 N4 O2 1'   175.209 
ASN 'L-peptide linking' y ASPARAGINE          ?                   'C4 H8 N2 O3'      132.118 
ASP 'L-peptide linking' y 'ASPARTIC ACID'     ?                   'C4 H7 N O4'       133.103 
CYS 'L-peptide linking' y CYSTEINE            ?                   'C3 H7 N O2 S'     121.158 
GLN 'L-peptide linking' y GLUTAMINE           ?                   'C5 H10 N2 O3'     146.144 
GLU 'L-peptide linking' y 'GLUTAMIC ACID'     ?                   'C5 H9 N O4'       147.129 
GLY 'peptide linking'   y GLYCINE             ?                   'C2 H5 N O2'       75.067  
HEC non-polymer         . 'HEME C'            ?                   'C34 H34 Fe N4 O4' 618.503 
HIS 'L-peptide linking' y HISTIDINE           ?                   'C6 H10 N3 O2 1'   156.162 
HOH non-polymer         . WATER               ?                   'H2 O'             18.015  
ILE 'L-peptide linking' y ISOLEUCINE          ?                   'C6 H13 N O2'      131.173 
LEU 'L-peptide linking' y LEUCINE             ?                   'C6 H13 N O2'      131.173 
LYS 'L-peptide linking' y LYSINE              ?                   'C6 H15 N2 O2 1'   147.195 
MET 'L-peptide linking' y METHIONINE          ?                   'C5 H11 N O2 S'    149.211 
NO  non-polymer         . 'NITRIC OXIDE'      'Nitrogen monoxide' 'N O'              30.006  
PCA 'L-peptide linking' n 'PYROGLUTAMIC ACID' ?                   'C5 H7 N O3'       129.114 
PHE 'L-peptide linking' y PHENYLALANINE       ?                   'C9 H11 N O2'      165.189 
PRO 'L-peptide linking' y PROLINE             ?                   'C5 H9 N O2'       115.130 
SER 'L-peptide linking' y SERINE              ?                   'C3 H7 N O3'       105.093 
THR 'L-peptide linking' y THREONINE           ?                   'C4 H9 N O3'       119.119 
TRP 'L-peptide linking' y TRYPTOPHAN          ?                   'C11 H12 N2 O2'    204.225 
TYR 'L-peptide linking' y TYROSINE            ?                   'C9 H11 N O3'      181.189 
VAL 'L-peptide linking' y VALINE              ?                   'C5 H11 N O2'      117.146 
# 
loop_
_pdbx_poly_seq_scheme.asym_id 
_pdbx_poly_seq_scheme.entity_id 
_pdbx_poly_seq_scheme.seq_id 
_pdbx_poly_seq_scheme.mon_id 
_pdbx_poly_seq_scheme.ndb_seq_num 
_pdbx_poly_seq_scheme.pdb_seq_num 
_pdbx_poly_seq_scheme.auth_seq_num 
_pdbx_poly_seq_scheme.pdb_mon_id 
_pdbx_poly_seq_scheme.auth_mon_id 
_pdbx_poly_seq_scheme.pdb_strand_id 
_pdbx_poly_seq_scheme.pdb_ins_code 
_pdbx_poly_seq_scheme.hetero 
A 1 1   PCA 1   1   1   PCA PCA A . n 
A 1 2   PHE 2   2   2   PHE PHE A . n 
A 1 3   ALA 3   3   3   ALA ALA A . n 
A 1 4   LYS 4   4   4   LYS LYS A . n 
A 1 5   PRO 5   5   5   PRO PRO A . n 
A 1 6   GLU 6   6   6   GLU GLU A . n 
A 1 7   ASP 7   7   7   ASP ASP A . n 
A 1 8   ALA 8   8   8   ALA ALA A . n 
A 1 9   VAL 9   9   9   VAL VAL A . n 
A 1 10  LYS 10  10  10  LYS LYS A . n 
A 1 11  TYR 11  11  11  TYR TYR A . n 
A 1 12  ARG 12  12  12  ARG ARG A . n 
A 1 13  GLN 13  13  13  GLN GLN A . n 
A 1 14  SER 14  14  14  SER SER A . n 
A 1 15  ALA 15  15  15  ALA ALA A . n 
A 1 16  LEU 16  16  16  LEU LEU A . n 
A 1 17  THR 17  17  17  THR THR A . n 
A 1 18  LEU 18  18  18  LEU LEU A . n 
A 1 19  MET 19  19  19  MET MET A . n 
A 1 20  ALA 20  20  20  ALA ALA A . n 
A 1 21  SER 21  21  21  SER SER A . n 
A 1 22  HIS 22  22  22  HIS HIS A . n 
A 1 23  PHE 23  23  23  PHE PHE A . n 
A 1 24  GLY 24  24  24  GLY GLY A . n 
A 1 25  ARG 25  25  25  ARG ARG A . n 
A 1 26  MET 26  26  26  MET MET A . n 
A 1 27  THR 27  27  27  THR THR A . n 
A 1 28  PRO 28  28  28  PRO PRO A . n 
A 1 29  VAL 29  29  29  VAL VAL A . n 
A 1 30  VAL 30  30  30  VAL VAL A . n 
A 1 31  LYS 31  31  31  LYS LYS A . n 
A 1 32  GLY 32  32  32  GLY GLY A . n 
A 1 33  GLN 33  33  33  GLN GLN A . n 
A 1 34  ALA 34  34  34  ALA ALA A . n 
A 1 35  PRO 35  35  35  PRO PRO A . n 
A 1 36  TYR 36  36  36  TYR TYR A . n 
A 1 37  ASP 37  37  37  ASP ASP A . n 
A 1 38  ALA 38  38  38  ALA ALA A . n 
A 1 39  ALA 39  39  39  ALA ALA A . n 
A 1 40  GLN 40  40  40  GLN GLN A . n 
A 1 41  ILE 41  41  41  ILE ILE A . n 
A 1 42  LYS 42  42  42  LYS LYS A . n 
A 1 43  ALA 43  43  43  ALA ALA A . n 
A 1 44  ASN 44  44  44  ASN ASN A . n 
A 1 45  VAL 45  45  45  VAL VAL A . n 
A 1 46  GLU 46  46  46  GLU GLU A . n 
A 1 47  VAL 47  47  47  VAL VAL A . n 
A 1 48  LEU 48  48  48  LEU LEU A . n 
A 1 49  LYS 49  49  49  LYS LYS A . n 
A 1 50  THR 50  50  50  THR THR A . n 
A 1 51  LEU 51  51  51  LEU LEU A . n 
A 1 52  SER 52  52  52  SER SER A . n 
A 1 53  ALA 53  53  53  ALA ALA A . n 
A 1 54  LEU 54  54  54  LEU LEU A . n 
A 1 55  PRO 55  55  55  PRO PRO A . n 
A 1 56  TRP 56  56  56  TRP TRP A . n 
A 1 57  ALA 57  57  57  ALA ALA A . n 
A 1 58  ALA 58  58  58  ALA ALA A . n 
A 1 59  PHE 59  59  59  PHE PHE A . n 
A 1 60  GLY 60  60  60  GLY GLY A . n 
A 1 61  PRO 61  61  61  PRO PRO A . n 
A 1 62  GLY 62  62  62  GLY GLY A . n 
A 1 63  THR 63  63  63  THR THR A . n 
A 1 64  GLU 64  64  64  GLU GLU A . n 
A 1 65  GLY 65  65  65  GLY GLY A . n 
A 1 66  GLY 66  66  66  GLY GLY A . n 
A 1 67  ASP 67  67  67  ASP ASP A . n 
A 1 68  ALA 68  68  68  ALA ALA A . n 
A 1 69  ARG 69  69  69  ARG ARG A . n 
A 1 70  PRO 70  70  70  PRO PRO A . n 
A 1 71  GLU 71  71  71  GLU GLU A . n 
A 1 72  ILE 72  72  72  ILE ILE A . n 
A 1 73  TRP 73  73  73  TRP TRP A . n 
A 1 74  SER 74  74  74  SER SER A . n 
A 1 75  ASP 75  75  75  ASP ASP A . n 
A 1 76  ALA 76  76  76  ALA ALA A . n 
A 1 77  ALA 77  77  77  ALA ALA A . n 
A 1 78  SER 78  78  78  SER SER A . n 
A 1 79  PHE 79  79  79  PHE PHE A . n 
A 1 80  LYS 80  80  80  LYS LYS A . n 
A 1 81  GLN 81  81  81  GLN GLN A . n 
A 1 82  LYS 82  82  82  LYS LYS A . n 
A 1 83  GLN 83  83  83  GLN GLN A . n 
A 1 84  GLN 84  84  84  GLN GLN A . n 
A 1 85  ALA 85  85  85  ALA ALA A . n 
A 1 86  PHE 86  86  86  PHE PHE A . n 
A 1 87  GLN 87  87  87  GLN GLN A . n 
A 1 88  ASP 88  88  88  ASP ASP A . n 
A 1 89  ASN 89  89  89  ASN ASN A . n 
A 1 90  ILE 90  90  90  ILE ILE A . n 
A 1 91  VAL 91  91  91  VAL VAL A . n 
A 1 92  LYS 92  92  92  LYS LYS A . n 
A 1 93  LEU 93  93  93  LEU LEU A . n 
A 1 94  SER 94  94  94  SER SER A . n 
A 1 95  ALA 95  95  95  ALA ALA A . n 
A 1 96  ALA 96  96  96  ALA ALA A . n 
A 1 97  ALA 97  97  97  ALA ALA A . n 
A 1 98  ASP 98  98  98  ASP ASP A . n 
A 1 99  ALA 99  99  99  ALA ALA A . n 
A 1 100 GLY 100 100 100 GLY GLY A . n 
A 1 101 ASP 101 101 101 ASP ASP A . n 
A 1 102 LEU 102 102 102 LEU LEU A . n 
A 1 103 ASP 103 103 103 ASP ASP A . n 
A 1 104 LYS 104 104 104 LYS LYS A . n 
A 1 105 LEU 105 105 105 LEU LEU A . n 
A 1 106 ARG 106 106 106 ARG ARG A . n 
A 1 107 ALA 107 107 107 ALA ALA A . n 
A 1 108 ALA 108 108 108 ALA ALA A . n 
A 1 109 PHE 109 109 109 PHE PHE A . n 
A 1 110 GLY 110 110 110 GLY GLY A . n 
A 1 111 ASP 111 111 111 ASP ASP A . n 
A 1 112 VAL 112 112 112 VAL VAL A . n 
A 1 113 GLY 113 113 113 GLY GLY A . n 
A 1 114 ALA 114 114 114 ALA ALA A . n 
A 1 115 SER 115 115 115 SER SER A . n 
A 1 116 CYS 116 116 116 CYS CYS A . n 
A 1 117 LYS 117 117 117 LYS LYS A . n 
A 1 118 ALA 118 118 118 ALA ALA A . n 
A 1 119 CYS 119 119 119 CYS CYS A . n 
A 1 120 HIS 120 120 120 HIS HIS A . n 
A 1 121 ASP 121 121 121 ASP ASP A . n 
A 1 122 ALA 122 122 122 ALA ALA A . n 
A 1 123 TYR 123 123 123 TYR TYR A . n 
A 1 124 ARG 124 124 124 ARG ARG A . n 
A 1 125 LYS 125 125 125 LYS LYS A . n 
A 1 126 LYS 126 126 ?   ?   ?   A . n 
A 1 127 LYS 127 127 ?   ?   ?   A . n 
# 
loop_
_pdbx_nonpoly_scheme.asym_id 
_pdbx_nonpoly_scheme.entity_id 
_pdbx_nonpoly_scheme.mon_id 
_pdbx_nonpoly_scheme.ndb_seq_num 
_pdbx_nonpoly_scheme.pdb_seq_num 
_pdbx_nonpoly_scheme.auth_seq_num 
_pdbx_nonpoly_scheme.pdb_mon_id 
_pdbx_nonpoly_scheme.auth_mon_id 
_pdbx_nonpoly_scheme.pdb_strand_id 
_pdbx_nonpoly_scheme.pdb_ins_code 
B 2 HEC 1   128  128  HEC HEC A . 
C 3 NO  1   130  130  NO  NO  A . 
D 4 HOH 1   2001 2001 HOH HOH A . 
D 4 HOH 2   2002 2002 HOH HOH A . 
D 4 HOH 3   2003 2003 HOH HOH A . 
D 4 HOH 4   2004 2004 HOH HOH A . 
D 4 HOH 5   2005 2005 HOH HOH A . 
D 4 HOH 6   2006 2006 HOH HOH A . 
D 4 HOH 7   2007 2007 HOH HOH A . 
D 4 HOH 8   2008 2008 HOH HOH A . 
D 4 HOH 9   2009 2009 HOH HOH A . 
D 4 HOH 10  2010 2010 HOH HOH A . 
D 4 HOH 11  2011 2011 HOH HOH A . 
D 4 HOH 12  2012 2012 HOH HOH A . 
D 4 HOH 13  2013 2013 HOH HOH A . 
D 4 HOH 14  2014 2014 HOH HOH A . 
D 4 HOH 15  2015 2015 HOH HOH A . 
D 4 HOH 16  2016 2016 HOH HOH A . 
D 4 HOH 17  2017 2017 HOH HOH A . 
D 4 HOH 18  2018 2018 HOH HOH A . 
D 4 HOH 19  2019 2019 HOH HOH A . 
D 4 HOH 20  2020 2020 HOH HOH A . 
D 4 HOH 21  2021 2021 HOH HOH A . 
D 4 HOH 22  2022 2022 HOH HOH A . 
D 4 HOH 23  2023 2023 HOH HOH A . 
D 4 HOH 24  2024 2024 HOH HOH A . 
D 4 HOH 25  2025 2025 HOH HOH A . 
D 4 HOH 26  2026 2026 HOH HOH A . 
D 4 HOH 27  2027 2027 HOH HOH A . 
D 4 HOH 28  2028 2028 HOH HOH A . 
D 4 HOH 29  2029 2029 HOH HOH A . 
D 4 HOH 30  2030 2030 HOH HOH A . 
D 4 HOH 31  2031 2031 HOH HOH A . 
D 4 HOH 32  2032 2032 HOH HOH A . 
D 4 HOH 33  2033 2033 HOH HOH A . 
D 4 HOH 34  2034 2034 HOH HOH A . 
D 4 HOH 35  2035 2035 HOH HOH A . 
D 4 HOH 36  2036 2036 HOH HOH A . 
D 4 HOH 37  2037 2037 HOH HOH A . 
D 4 HOH 38  2038 2038 HOH HOH A . 
D 4 HOH 39  2039 2039 HOH HOH A . 
D 4 HOH 40  2040 2040 HOH HOH A . 
D 4 HOH 41  2041 2041 HOH HOH A . 
D 4 HOH 42  2042 2042 HOH HOH A . 
D 4 HOH 43  2043 2043 HOH HOH A . 
D 4 HOH 44  2044 2044 HOH HOH A . 
D 4 HOH 45  2045 2045 HOH HOH A . 
D 4 HOH 46  2046 2046 HOH HOH A . 
D 4 HOH 47  2047 2047 HOH HOH A . 
D 4 HOH 48  2048 2048 HOH HOH A . 
D 4 HOH 49  2049 2049 HOH HOH A . 
D 4 HOH 50  2050 2050 HOH HOH A . 
D 4 HOH 51  2051 2051 HOH HOH A . 
D 4 HOH 52  2052 2052 HOH HOH A . 
D 4 HOH 53  2053 2053 HOH HOH A . 
D 4 HOH 54  2054 2054 HOH HOH A . 
D 4 HOH 55  2055 2055 HOH HOH A . 
D 4 HOH 56  2056 2056 HOH HOH A . 
D 4 HOH 57  2057 2057 HOH HOH A . 
D 4 HOH 58  2058 2058 HOH HOH A . 
D 4 HOH 59  2059 2059 HOH HOH A . 
D 4 HOH 60  2060 2060 HOH HOH A . 
D 4 HOH 61  2061 2061 HOH HOH A . 
D 4 HOH 62  2062 2062 HOH HOH A . 
D 4 HOH 63  2063 2063 HOH HOH A . 
D 4 HOH 64  2064 2064 HOH HOH A . 
D 4 HOH 65  2065 2065 HOH HOH A . 
D 4 HOH 66  2066 2066 HOH HOH A . 
D 4 HOH 67  2067 2067 HOH HOH A . 
D 4 HOH 68  2068 2068 HOH HOH A . 
D 4 HOH 69  2069 2069 HOH HOH A . 
D 4 HOH 70  2070 2070 HOH HOH A . 
D 4 HOH 71  2071 2071 HOH HOH A . 
D 4 HOH 72  2072 2072 HOH HOH A . 
D 4 HOH 73  2073 2073 HOH HOH A . 
D 4 HOH 74  2074 2074 HOH HOH A . 
D 4 HOH 75  2075 2075 HOH HOH A . 
D 4 HOH 76  2076 2076 HOH HOH A . 
D 4 HOH 77  2077 2077 HOH HOH A . 
D 4 HOH 78  2078 2078 HOH HOH A . 
D 4 HOH 79  2079 2079 HOH HOH A . 
D 4 HOH 80  2080 2080 HOH HOH A . 
D 4 HOH 81  2081 2081 HOH HOH A . 
D 4 HOH 82  2082 2082 HOH HOH A . 
D 4 HOH 83  2083 2083 HOH HOH A . 
D 4 HOH 84  2084 2084 HOH HOH A . 
D 4 HOH 85  2085 2085 HOH HOH A . 
D 4 HOH 86  2086 2086 HOH HOH A . 
D 4 HOH 87  2087 2087 HOH HOH A . 
D 4 HOH 88  2088 2088 HOH HOH A . 
D 4 HOH 89  2089 2089 HOH HOH A . 
D 4 HOH 90  2090 2090 HOH HOH A . 
D 4 HOH 91  2091 2091 HOH HOH A . 
D 4 HOH 92  2092 2092 HOH HOH A . 
D 4 HOH 93  2093 2093 HOH HOH A . 
D 4 HOH 94  2094 2094 HOH HOH A . 
D 4 HOH 95  2095 2095 HOH HOH A . 
D 4 HOH 96  2096 2096 HOH HOH A . 
D 4 HOH 97  2097 2097 HOH HOH A . 
D 4 HOH 98  2098 2098 HOH HOH A . 
D 4 HOH 99  2099 2099 HOH HOH A . 
D 4 HOH 100 2100 2100 HOH HOH A . 
D 4 HOH 101 2101 2101 HOH HOH A . 
D 4 HOH 102 2102 2102 HOH HOH A . 
D 4 HOH 103 2103 2103 HOH HOH A . 
D 4 HOH 104 2104 2104 HOH HOH A . 
D 4 HOH 105 2105 2105 HOH HOH A . 
D 4 HOH 106 2106 2106 HOH HOH A . 
D 4 HOH 107 2107 2107 HOH HOH A . 
D 4 HOH 108 2108 2108 HOH HOH A . 
D 4 HOH 109 2109 2109 HOH HOH A . 
D 4 HOH 110 2110 2110 HOH HOH A . 
D 4 HOH 111 2111 2111 HOH HOH A . 
D 4 HOH 112 2112 2112 HOH HOH A . 
D 4 HOH 113 2113 2113 HOH HOH A . 
D 4 HOH 114 2114 2114 HOH HOH A . 
D 4 HOH 115 2115 2115 HOH HOH A . 
D 4 HOH 116 2116 2116 HOH HOH A . 
D 4 HOH 117 2117 2117 HOH HOH A . 
D 4 HOH 118 2118 2118 HOH HOH A . 
D 4 HOH 119 2119 2119 HOH HOH A . 
D 4 HOH 120 2120 2120 HOH HOH A . 
D 4 HOH 121 2121 2121 HOH HOH A . 
D 4 HOH 122 2122 2122 HOH HOH A . 
D 4 HOH 123 2123 2123 HOH HOH A . 
D 4 HOH 124 2124 2124 HOH HOH A . 
D 4 HOH 125 2125 2125 HOH HOH A . 
D 4 HOH 126 2126 2126 HOH HOH A . 
D 4 HOH 127 2127 2127 HOH HOH A . 
D 4 HOH 128 2128 2128 HOH HOH A . 
D 4 HOH 129 2129 2129 HOH HOH A . 
D 4 HOH 130 2130 2130 HOH HOH A . 
D 4 HOH 131 2131 2131 HOH HOH A . 
D 4 HOH 132 2132 2132 HOH HOH A . 
D 4 HOH 133 2133 2133 HOH HOH A . 
D 4 HOH 134 2134 2134 HOH HOH A . 
D 4 HOH 135 2135 2135 HOH HOH A . 
D 4 HOH 136 2136 2136 HOH HOH A . 
D 4 HOH 137 2137 2137 HOH HOH A . 
D 4 HOH 138 2138 2138 HOH HOH A . 
D 4 HOH 139 2139 2139 HOH HOH A . 
D 4 HOH 140 2140 2140 HOH HOH A . 
D 4 HOH 141 2141 2141 HOH HOH A . 
D 4 HOH 142 2142 2142 HOH HOH A . 
D 4 HOH 143 2143 2143 HOH HOH A . 
D 4 HOH 144 2144 2144 HOH HOH A . 
D 4 HOH 145 2145 2145 HOH HOH A . 
D 4 HOH 146 2146 2146 HOH HOH A . 
D 4 HOH 147 2147 2147 HOH HOH A . 
D 4 HOH 148 2148 2148 HOH HOH A . 
D 4 HOH 149 2149 2149 HOH HOH A . 
D 4 HOH 150 2150 2150 HOH HOH A . 
D 4 HOH 151 2151 2151 HOH HOH A . 
D 4 HOH 152 2152 2152 HOH HOH A . 
D 4 HOH 153 2153 2153 HOH HOH A . 
D 4 HOH 154 2154 2154 HOH HOH A . 
D 4 HOH 155 2155 2155 HOH HOH A . 
D 4 HOH 156 2156 2156 HOH HOH A . 
D 4 HOH 157 2157 2157 HOH HOH A . 
D 4 HOH 158 2158 2158 HOH HOH A . 
D 4 HOH 159 2159 2159 HOH HOH A . 
D 4 HOH 160 2160 2160 HOH HOH A . 
D 4 HOH 161 2161 2161 HOH HOH A . 
D 4 HOH 162 2162 2162 HOH HOH A . 
D 4 HOH 163 2163 2163 HOH HOH A . 
D 4 HOH 164 2164 2164 HOH HOH A . 
D 4 HOH 165 2165 2165 HOH HOH A . 
D 4 HOH 166 2166 2166 HOH HOH A . 
D 4 HOH 167 2167 2167 HOH HOH A . 
D 4 HOH 168 2168 2168 HOH HOH A . 
D 4 HOH 169 2169 2169 HOH HOH A . 
D 4 HOH 170 2170 2170 HOH HOH A . 
D 4 HOH 171 2171 2171 HOH HOH A . 
D 4 HOH 172 2172 2172 HOH HOH A . 
D 4 HOH 173 2173 2173 HOH HOH A . 
D 4 HOH 174 2174 2174 HOH HOH A . 
D 4 HOH 175 2175 2175 HOH HOH A . 
D 4 HOH 176 2176 2176 HOH HOH A . 
D 4 HOH 177 2177 2177 HOH HOH A . 
D 4 HOH 178 2178 2178 HOH HOH A . 
D 4 HOH 179 2179 2179 HOH HOH A . 
D 4 HOH 180 2180 2180 HOH HOH A . 
D 4 HOH 181 2181 2181 HOH HOH A . 
D 4 HOH 182 2182 2182 HOH HOH A . 
D 4 HOH 183 2183 2183 HOH HOH A . 
D 4 HOH 184 2184 2184 HOH HOH A . 
D 4 HOH 185 2185 2185 HOH HOH A . 
D 4 HOH 186 2186 2186 HOH HOH A . 
D 4 HOH 187 2187 2187 HOH HOH A . 
D 4 HOH 188 2188 2188 HOH HOH A . 
D 4 HOH 189 2189 2189 HOH HOH A . 
D 4 HOH 190 2190 2190 HOH HOH A . 
D 4 HOH 191 2191 2191 HOH HOH A . 
D 4 HOH 192 2192 2192 HOH HOH A . 
D 4 HOH 193 2193 2193 HOH HOH A . 
D 4 HOH 194 2194 2194 HOH HOH A . 
D 4 HOH 195 2195 2195 HOH HOH A . 
D 4 HOH 196 2196 2196 HOH HOH A . 
D 4 HOH 197 2197 2197 HOH HOH A . 
D 4 HOH 198 2198 2198 HOH HOH A . 
D 4 HOH 199 2199 2199 HOH HOH A . 
D 4 HOH 200 2200 2200 HOH HOH A . 
D 4 HOH 201 2201 2201 HOH HOH A . 
D 4 HOH 202 2202 2202 HOH HOH A . 
D 4 HOH 203 2203 2203 HOH HOH A . 
D 4 HOH 204 2204 2204 HOH HOH A . 
# 
loop_
_pdbx_unobs_or_zero_occ_atoms.id 
_pdbx_unobs_or_zero_occ_atoms.PDB_model_num 
_pdbx_unobs_or_zero_occ_atoms.polymer_flag 
_pdbx_unobs_or_zero_occ_atoms.occupancy_flag 
_pdbx_unobs_or_zero_occ_atoms.auth_asym_id 
_pdbx_unobs_or_zero_occ_atoms.auth_comp_id 
_pdbx_unobs_or_zero_occ_atoms.auth_seq_id 
_pdbx_unobs_or_zero_occ_atoms.PDB_ins_code 
_pdbx_unobs_or_zero_occ_atoms.auth_atom_id 
_pdbx_unobs_or_zero_occ_atoms.label_alt_id 
_pdbx_unobs_or_zero_occ_atoms.label_asym_id 
_pdbx_unobs_or_zero_occ_atoms.label_comp_id 
_pdbx_unobs_or_zero_occ_atoms.label_seq_id 
_pdbx_unobs_or_zero_occ_atoms.label_atom_id 
1  1 Y 1 A LYS 4   ? CE ? A LYS 4   CE 
2  1 Y 1 A LYS 4   ? NZ ? A LYS 4   NZ 
3  1 Y 1 A LYS 31  ? CE ? A LYS 31  CE 
4  1 Y 1 A LYS 31  ? NZ ? A LYS 31  NZ 
5  1 Y 1 A LYS 80  ? CD ? A LYS 80  CD 
6  1 Y 1 A LYS 80  ? CE ? A LYS 80  CE 
7  1 Y 1 A LYS 80  ? NZ ? A LYS 80  NZ 
8  1 Y 1 A LYS 104 ? CE ? A LYS 104 CE 
9  1 Y 1 A LYS 104 ? NZ ? A LYS 104 NZ 
10 1 Y 1 A LYS 125 ? CG ? A LYS 125 CG 
11 1 Y 1 A LYS 125 ? CD ? A LYS 125 CD 
12 1 Y 1 A LYS 125 ? CE ? A LYS 125 CE 
13 1 Y 1 A LYS 125 ? NZ ? A LYS 125 NZ 
# 
loop_
_software.name 
_software.classification 
_software.version 
_software.citation_id 
_software.pdbx_ordinal 
REFMAC    refinement       . ? 1 
DENZO     'data reduction' . ? 2 
SCALEPACK 'data scaling'   . ? 3 
AMoRE     phasing          . ? 4 
# 
_cell.entry_id           1E85 
_cell.length_a           53.035 
_cell.length_b           53.035 
_cell.length_c           180.993 
_cell.angle_alpha        90.00 
_cell.angle_beta         90.00 
_cell.angle_gamma        120.00 
_cell.Z_PDB              12 
_cell.pdbx_unique_axis   ? 
# 
_symmetry.entry_id                         1E85 
_symmetry.space_group_name_H-M             'P 65 2 2' 
_symmetry.pdbx_full_space_group_name_H-M   ? 
_symmetry.cell_setting                     ? 
_symmetry.Int_Tables_number                179 
# 
_exptl.entry_id          1E85 
_exptl.method            'X-RAY DIFFRACTION' 
_exptl.crystals_number   1 
# 
_exptl_crystal.id                    1 
_exptl_crystal.density_meas          ? 
_exptl_crystal.density_Matthews      2.71 
_exptl_crystal.density_percent_sol   54.30 
_exptl_crystal.description           ? 
# 
_exptl_crystal_grow.crystal_id      1 
_exptl_crystal_grow.method          'VAPOR DIFFUSION, HANGING DROP' 
_exptl_crystal_grow.temp            ? 
_exptl_crystal_grow.temp_details    ? 
_exptl_crystal_grow.pH              7.5 
_exptl_crystal_grow.pdbx_pH_range   ? 
_exptl_crystal_grow.pdbx_details    
;HANGING DROP VAPOUR DIFFUSION. PROTEIN AT CONCENTRATION 8 MG/ML WAS MIXED WITH AN EQUAL VOLUME OF WELL SOLUTION CONSISTING OF 55-65% SATURATED AMMONIUM SULFATE IN 100 MM HEPES BUFFER AT PH 7.5. REDUCED USING MOTHER LIQUOR CONTAINING 20 MM SODIUM DITHIONITE, THEN INCUBATED FOR 6 DAYS IN MOTHER LIQUOR SATURATED WITH NO.
;
# 
_diffrn.id                     1 
_diffrn.ambient_temp           100 
_diffrn.ambient_temp_details   ? 
_diffrn.crystal_id             1 
# 
_diffrn_detector.diffrn_id              1 
_diffrn_detector.detector               CCD 
_diffrn_detector.type                   'ADSC CCD' 
_diffrn_detector.pdbx_collection_date   2000-01-15 
_diffrn_detector.details                MIRRORS 
# 
_diffrn_radiation.diffrn_id                        1 
_diffrn_radiation.wavelength_id                    1 
_diffrn_radiation.pdbx_monochromatic_or_laue_m_l   M 
_diffrn_radiation.monochromator                    DIAMOND 
_diffrn_radiation.pdbx_diffrn_protocol             'SINGLE WAVELENGTH' 
_diffrn_radiation.pdbx_scattering_type             x-ray 
# 
_diffrn_radiation_wavelength.id           1 
_diffrn_radiation_wavelength.wavelength   0.933 
_diffrn_radiation_wavelength.wt           1.0 
# 
_diffrn_source.diffrn_id                   1 
_diffrn_source.source                      SYNCHROTRON 
_diffrn_source.type                        'ESRF BEAMLINE ID14-2' 
_diffrn_source.pdbx_synchrotron_site       ESRF 
_diffrn_source.pdbx_synchrotron_beamline   ID14-2 
_diffrn_source.pdbx_wavelength             0.933 
_diffrn_source.pdbx_wavelength_list        ? 
# 
_reflns.pdbx_diffrn_id               1 
_reflns.pdbx_ordinal                 1 
_reflns.entry_id                     1E85 
_reflns.observed_criterion_sigma_I   -3 
_reflns.observed_criterion_sigma_F   ? 
_reflns.d_resolution_low             40.0 
_reflns.d_resolution_high            1.35 
_reflns.number_obs                   33925 
_reflns.number_all                   ? 
_reflns.percent_possible_obs         98.8 
_reflns.pdbx_Rmerge_I_obs            0.039 
_reflns.pdbx_Rsym_value              ? 
_reflns.pdbx_netI_over_sigmaI        39.8 
_reflns.B_iso_Wilson_estimate        16 
_reflns.pdbx_redundancy              6.8 
# 
_reflns_shell.pdbx_diffrn_id         1 
_reflns_shell.pdbx_ordinal           1 
_reflns_shell.d_res_high             1.35 
_reflns_shell.d_res_low              1.37 
_reflns_shell.percent_possible_all   93.1 
_reflns_shell.Rmerge_I_obs           0.227 
_reflns_shell.pdbx_Rsym_value        ? 
_reflns_shell.meanI_over_sigI_obs    3.9 
_reflns_shell.pdbx_redundancy        ? 
# 
_refine.pdbx_refine_id                           'X-RAY DIFFRACTION' 
_refine.entry_id                                 1E85 
_refine.pdbx_diffrn_id                           1 
_refine.pdbx_TLS_residual_ADP_flag               ? 
_refine.ls_number_reflns_obs                     33925 
_refine.ls_number_reflns_all                     ? 
_refine.pdbx_ls_sigma_I                          ? 
_refine.pdbx_ls_sigma_F                          0.0 
_refine.pdbx_data_cutoff_high_absF               ? 
_refine.pdbx_data_cutoff_low_absF                ? 
_refine.pdbx_data_cutoff_high_rms_absF           ? 
_refine.ls_d_res_low                             40.0 
_refine.ls_d_res_high                            1.35 
_refine.ls_percent_reflns_obs                    98.8 
_refine.ls_R_factor_obs                          ? 
_refine.ls_R_factor_all                          ? 
_refine.ls_R_factor_R_work                       0.194 
_refine.ls_R_factor_R_free                       0.220 
_refine.ls_R_factor_R_free_error                 ? 
_refine.ls_R_factor_R_free_error_details         ? 
_refine.ls_percent_reflns_R_free                 5.0 
_refine.ls_number_reflns_R_free                  1732 
_refine.ls_number_parameters                     ? 
_refine.ls_number_restraints                     ? 
_refine.occupancy_min                            ? 
_refine.occupancy_max                            ? 
_refine.correlation_coeff_Fo_to_Fc               ? 
_refine.correlation_coeff_Fo_to_Fc_free          ? 
_refine.B_iso_mean                               18 
_refine.aniso_B[1][1]                            ? 
_refine.aniso_B[2][2]                            ? 
_refine.aniso_B[3][3]                            ? 
_refine.aniso_B[1][2]                            ? 
_refine.aniso_B[1][3]                            ? 
_refine.aniso_B[2][3]                            ? 
_refine.solvent_model_details                    ? 
_refine.solvent_model_param_ksol                 ? 
_refine.solvent_model_param_bsol                 ? 
_refine.pdbx_solvent_vdw_probe_radii             ? 
_refine.pdbx_solvent_ion_probe_radii             ? 
_refine.pdbx_solvent_shrinkage_radii             ? 
_refine.pdbx_ls_cross_valid_method               THROUGHOUT 
_refine.details                                  'FE ATOM OF HEME REFINED WITH ANISOTROPIC THERMAL PARAMETERS' 
_refine.pdbx_starting_model                      'PDB ENTRY 1CGO' 
_refine.pdbx_method_to_determine_struct          'MOLECULAR REPLACEMENT' 
_refine.pdbx_isotropic_thermal_model             ? 
_refine.pdbx_stereochemistry_target_values       ? 
_refine.pdbx_stereochem_target_val_spec_case     ? 
_refine.pdbx_R_Free_selection_details            RANDOM 
_refine.pdbx_overall_ESU_R                       0.06 
_refine.pdbx_overall_ESU_R_Free                  0.06 
_refine.overall_SU_ML                            ? 
_refine.pdbx_overall_phase_error                 ? 
_refine.overall_SU_B                             ? 
_refine.overall_SU_R_Cruickshank_DPI             ? 
_refine.pdbx_overall_SU_R_free_Cruickshank_DPI   ? 
_refine.pdbx_overall_SU_R_Blow_DPI               ? 
_refine.pdbx_overall_SU_R_free_Blow_DPI          ? 
# 
_refine_hist.pdbx_refine_id                   'X-RAY DIFFRACTION' 
_refine_hist.cycle_id                         LAST 
_refine_hist.pdbx_number_atoms_protein        927 
_refine_hist.pdbx_number_atoms_nucleic_acid   0 
_refine_hist.pdbx_number_atoms_ligand         45 
_refine_hist.number_atoms_solvent             204 
_refine_hist.number_atoms_total               1176 
_refine_hist.d_res_high                       1.35 
_refine_hist.d_res_low                        40.0 
# 
loop_
_refine_ls_restr.type 
_refine_ls_restr.dev_ideal 
_refine_ls_restr.dev_ideal_target 
_refine_ls_restr.weight 
_refine_ls_restr.number 
_refine_ls_restr.pdbx_refine_id 
_refine_ls_restr.pdbx_restraint_function 
p_bond_d            0.011  0.020 ? ? 'X-RAY DIFFRACTION' ? 
p_angle_d           0.024  0.040 ? ? 'X-RAY DIFFRACTION' ? 
p_angle_deg         ?      ?     ? ? 'X-RAY DIFFRACTION' ? 
p_planar_d          0.030  0.050 ? ? 'X-RAY DIFFRACTION' ? 
p_hb_or_metal_coord ?      ?     ? ? 'X-RAY DIFFRACTION' ? 
p_mcbond_it         1.238  3.000 ? ? 'X-RAY DIFFRACTION' ? 
p_mcangle_it        1.623  5.000 ? ? 'X-RAY DIFFRACTION' ? 
p_scbond_it         2.867  6.000 ? ? 'X-RAY DIFFRACTION' ? 
p_scangle_it        3.959  8.000 ? ? 'X-RAY DIFFRACTION' ? 
p_plane_restr       0.0239 0.04  ? ? 'X-RAY DIFFRACTION' ? 
p_chiral_restr      0.092  0.150 ? ? 'X-RAY DIFFRACTION' ? 
p_singtor_nbd       0.170  0.300 ? ? 'X-RAY DIFFRACTION' ? 
p_multtor_nbd       0.267  0.300 ? ? 'X-RAY DIFFRACTION' ? 
p_xhyhbond_nbd      ?      ?     ? ? 'X-RAY DIFFRACTION' ? 
p_xyhbond_nbd       0.140  0.300 ? ? 'X-RAY DIFFRACTION' ? 
p_planar_tor        4.3    7.0   ? ? 'X-RAY DIFFRACTION' ? 
p_staggered_tor     12.8   15.0  ? ? 'X-RAY DIFFRACTION' ? 
p_orthonormal_tor   ?      ?     ? ? 'X-RAY DIFFRACTION' ? 
p_transverse_tor    27.4   20.0  ? ? 'X-RAY DIFFRACTION' ? 
p_special_tor       ?      ?     ? ? 'X-RAY DIFFRACTION' ? 
# 
_struct.entry_id                  1E85 
_struct.title                     
;Cytochrome c' from Alcaligenes xylosoxidans - reduced structure with NO bound to proximal side of heme
;
_struct.pdbx_model_details        ? 
_struct.pdbx_CASP_flag            ? 
_struct.pdbx_model_type_details   ? 
# 
_struct_keywords.entry_id        1E85 
_struct_keywords.pdbx_keywords   'ELECTRON TRANSPORT' 
_struct_keywords.text            'ELECTRON TRANSPORT, CYTOCHROME, HEME, 4-HELIX BUNDLE, NITRIC OXIDE' 
# 
loop_
_struct_asym.id 
_struct_asym.pdbx_blank_PDB_chainid_flag 
_struct_asym.pdbx_modified 
_struct_asym.entity_id 
_struct_asym.details 
A N N 1 ? 
B N N 2 ? 
C N N 3 ? 
D N N 4 ? 
# 
_struct_ref.id                         1 
_struct_ref.db_name                    UNP 
_struct_ref.db_code                    CYCP_ALCXX 
_struct_ref.entity_id                  1 
_struct_ref.pdbx_seq_one_letter_code   ? 
_struct_ref.pdbx_align_begin           ? 
_struct_ref.pdbx_db_accession          P00138 
_struct_ref.pdbx_db_isoform            ? 
# 
_struct_ref_seq.align_id                      1 
_struct_ref_seq.ref_id                        1 
_struct_ref_seq.pdbx_PDB_id_code              1E85 
_struct_ref_seq.pdbx_strand_id                A 
_struct_ref_seq.seq_align_beg                 2 
_struct_ref_seq.pdbx_seq_align_beg_ins_code   ? 
_struct_ref_seq.seq_align_end                 127 
_struct_ref_seq.pdbx_seq_align_end_ins_code   ? 
_struct_ref_seq.pdbx_db_accession             P00138 
_struct_ref_seq.db_align_beg                  2 
_struct_ref_seq.pdbx_db_align_beg_ins_code    ? 
_struct_ref_seq.db_align_end                  127 
_struct_ref_seq.pdbx_db_align_end_ins_code    ? 
_struct_ref_seq.pdbx_auth_seq_align_beg       2 
_struct_ref_seq.pdbx_auth_seq_align_end       127 
# 
_pdbx_struct_assembly.id                   1 
_pdbx_struct_assembly.details              author_and_software_defined_assembly 
_pdbx_struct_assembly.method_details       PQS 
_pdbx_struct_assembly.oligomeric_details   dimeric 
_pdbx_struct_assembly.oligomeric_count     2 
# 
loop_
_pdbx_struct_assembly_prop.biol_id 
_pdbx_struct_assembly_prop.type 
_pdbx_struct_assembly_prop.value 
_pdbx_struct_assembly_prop.details 
1 'ABSA (A^2)' 3050  ? 
1 MORE         -15.1 ? 
1 'SSA (A^2)'  14780 ? 
# 
_pdbx_struct_assembly_gen.assembly_id       1 
_pdbx_struct_assembly_gen.oper_expression   1,2 
_pdbx_struct_assembly_gen.asym_id_list      A,B,C,D 
# 
loop_
_pdbx_struct_oper_list.id 
_pdbx_struct_oper_list.type 
_pdbx_struct_oper_list.name 
_pdbx_struct_oper_list.symmetry_operation 
_pdbx_struct_oper_list.matrix[1][1] 
_pdbx_struct_oper_list.matrix[1][2] 
_pdbx_struct_oper_list.matrix[1][3] 
_pdbx_struct_oper_list.vector[1] 
_pdbx_struct_oper_list.matrix[2][1] 
_pdbx_struct_oper_list.matrix[2][2] 
_pdbx_struct_oper_list.matrix[2][3] 
_pdbx_struct_oper_list.vector[2] 
_pdbx_struct_oper_list.matrix[3][1] 
_pdbx_struct_oper_list.matrix[3][2] 
_pdbx_struct_oper_list.matrix[3][3] 
_pdbx_struct_oper_list.vector[3] 
1 'identity operation'         1_555  x,y,z         1.0000000000  0.0000000000  0.0000000000  0.0000000000   0.0000000000  1.0000000000  0.0000000000 0.0000000000  0.0000000000  0.0000000000 1.0000000000  0.0000000000   
2 'crystal symmetry operation' 11_555 -x+y,y,-z+1/2 -0.0913325576 -0.4390525236 -0.8938071635 -16.6584330401 -0.4390525236 -0.7878573508 0.4318722917 -8.7007165518 -0.8938071635 0.4318722917 -0.1208100916 -12.6614606016 
# 
_struct_biol.id   1 
# 
loop_
_struct_conf.conf_type_id 
_struct_conf.id 
_struct_conf.pdbx_PDB_helix_id 
_struct_conf.beg_label_comp_id 
_struct_conf.beg_label_asym_id 
_struct_conf.beg_label_seq_id 
_struct_conf.pdbx_beg_PDB_ins_code 
_struct_conf.end_label_comp_id 
_struct_conf.end_label_asym_id 
_struct_conf.end_label_seq_id 
_struct_conf.pdbx_end_PDB_ins_code 
_struct_conf.beg_auth_comp_id 
_struct_conf.beg_auth_asym_id 
_struct_conf.beg_auth_seq_id 
_struct_conf.end_auth_comp_id 
_struct_conf.end_auth_asym_id 
_struct_conf.end_auth_seq_id 
_struct_conf.pdbx_PDB_helix_class 
_struct_conf.details 
_struct_conf.pdbx_PDB_helix_length 
HELX_P HELX_P1 1 LYS A 4   ? ARG A 25  ? LYS A 4   ARG A 25  1 ? 22 
HELX_P HELX_P2 2 MET A 26  ? LYS A 31  ? MET A 26  LYS A 31  1 ? 6  
HELX_P HELX_P3 3 ASP A 37  ? ALA A 53  ? ASP A 37  ALA A 53  1 ? 17 
HELX_P HELX_P4 4 PRO A 55  ? PHE A 59  ? PRO A 55  PHE A 59  5 ? 5  
HELX_P HELX_P5 5 PRO A 70  ? ASP A 75  ? PRO A 70  ASP A 75  1 ? 6  
HELX_P HELX_P6 6 ASP A 75  ? GLY A 100 ? ASP A 75  GLY A 100 1 ? 26 
HELX_P HELX_P7 7 ASP A 101 ? ARG A 124 ? ASP A 101 ARG A 124 1 ? 24 
# 
_struct_conf_type.id          HELX_P 
_struct_conf_type.criteria    ? 
_struct_conf_type.reference   ? 
# 
loop_
_struct_conn.id 
_struct_conn.conn_type_id 
_struct_conn.pdbx_leaving_atom_flag 
_struct_conn.pdbx_PDB_id 
_struct_conn.ptnr1_label_asym_id 
_struct_conn.ptnr1_label_comp_id 
_struct_conn.ptnr1_label_seq_id 
_struct_conn.ptnr1_label_atom_id 
_struct_conn.pdbx_ptnr1_label_alt_id 
_struct_conn.pdbx_ptnr1_PDB_ins_code 
_struct_conn.pdbx_ptnr1_standard_comp_id 
_struct_conn.ptnr1_symmetry 
_struct_conn.ptnr2_label_asym_id 
_struct_conn.ptnr2_label_comp_id 
_struct_conn.ptnr2_label_seq_id 
_struct_conn.ptnr2_label_atom_id 
_struct_conn.pdbx_ptnr2_label_alt_id 
_struct_conn.pdbx_ptnr2_PDB_ins_code 
_struct_conn.ptnr1_auth_asym_id 
_struct_conn.ptnr1_auth_comp_id 
_struct_conn.ptnr1_auth_seq_id 
_struct_conn.ptnr2_auth_asym_id 
_struct_conn.ptnr2_auth_comp_id 
_struct_conn.ptnr2_auth_seq_id 
_struct_conn.ptnr2_symmetry 
_struct_conn.pdbx_ptnr3_label_atom_id 
_struct_conn.pdbx_ptnr3_label_seq_id 
_struct_conn.pdbx_ptnr3_label_comp_id 
_struct_conn.pdbx_ptnr3_label_asym_id 
_struct_conn.pdbx_ptnr3_label_alt_id 
_struct_conn.pdbx_ptnr3_PDB_ins_code 
_struct_conn.details 
_struct_conn.pdbx_dist_value 
_struct_conn.pdbx_value_order 
_struct_conn.pdbx_role 
covale1 covale both ? A PCA 1   C  ? ? ? 1_555 A PHE 2 N   ? ? A PCA 1   A PHE 2   1_555 ? ? ? ? ? ? ? 1.327 ? ? 
covale2 covale none ? A CYS 116 SG ? ? ? 1_555 B HEC . CAB ? ? A CYS 116 A HEC 128 1_555 ? ? ? ? ? ? ? 1.841 ? ? 
covale3 covale none ? A CYS 119 SG ? ? ? 1_555 B HEC . CAC ? ? A CYS 119 A HEC 128 1_555 ? ? ? ? ? ? ? 1.861 ? ? 
metalc1 metalc ?    ? B HEC .   FE ? ? ? 1_555 C NO  . N   B ? A HEC 128 A NO  130 1_555 ? ? ? ? ? ? ? 1.929 ? ? 
metalc2 metalc ?    ? B HEC .   FE ? ? ? 1_555 C NO  . O   B ? A HEC 128 A NO  130 1_555 ? ? ? ? ? ? ? 2.841 ? ? 
metalc3 metalc ?    ? B HEC .   FE ? ? ? 1_555 C NO  . O   A ? A HEC 128 A NO  130 1_555 ? ? ? ? ? ? ? 2.868 ? ? 
metalc4 metalc ?    ? B HEC .   FE ? ? ? 1_555 C NO  . N   A ? A HEC 128 A NO  130 1_555 ? ? ? ? ? ? ? 2.037 ? ? 
# 
loop_
_struct_conn_type.id 
_struct_conn_type.criteria 
_struct_conn_type.reference 
covale ? ? 
metalc ? ? 
# 
loop_
_pdbx_struct_conn_angle.id 
_pdbx_struct_conn_angle.ptnr1_label_atom_id 
_pdbx_struct_conn_angle.ptnr1_label_alt_id 
_pdbx_struct_conn_angle.ptnr1_label_asym_id 
_pdbx_struct_conn_angle.ptnr1_label_comp_id 
_pdbx_struct_conn_angle.ptnr1_label_seq_id 
_pdbx_struct_conn_angle.ptnr1_auth_atom_id 
_pdbx_struct_conn_angle.ptnr1_auth_asym_id 
_pdbx_struct_conn_angle.ptnr1_auth_comp_id 
_pdbx_struct_conn_angle.ptnr1_auth_seq_id 
_pdbx_struct_conn_angle.ptnr1_PDB_ins_code 
_pdbx_struct_conn_angle.ptnr1_symmetry 
_pdbx_struct_conn_angle.ptnr2_label_atom_id 
_pdbx_struct_conn_angle.ptnr2_label_alt_id 
_pdbx_struct_conn_angle.ptnr2_label_asym_id 
_pdbx_struct_conn_angle.ptnr2_label_comp_id 
_pdbx_struct_conn_angle.ptnr2_label_seq_id 
_pdbx_struct_conn_angle.ptnr2_auth_atom_id 
_pdbx_struct_conn_angle.ptnr2_auth_asym_id 
_pdbx_struct_conn_angle.ptnr2_auth_comp_id 
_pdbx_struct_conn_angle.ptnr2_auth_seq_id 
_pdbx_struct_conn_angle.ptnr2_PDB_ins_code 
_pdbx_struct_conn_angle.ptnr2_symmetry 
_pdbx_struct_conn_angle.ptnr3_label_atom_id 
_pdbx_struct_conn_angle.ptnr3_label_alt_id 
_pdbx_struct_conn_angle.ptnr3_label_asym_id 
_pdbx_struct_conn_angle.ptnr3_label_comp_id 
_pdbx_struct_conn_angle.ptnr3_label_seq_id 
_pdbx_struct_conn_angle.ptnr3_auth_atom_id 
_pdbx_struct_conn_angle.ptnr3_auth_asym_id 
_pdbx_struct_conn_angle.ptnr3_auth_comp_id 
_pdbx_struct_conn_angle.ptnr3_auth_seq_id 
_pdbx_struct_conn_angle.ptnr3_PDB_ins_code 
_pdbx_struct_conn_angle.ptnr3_symmetry 
_pdbx_struct_conn_angle.value 
_pdbx_struct_conn_angle.value_esd 
1  N  B C NO  . ? A NO  130 ? 1_555 FE ? B HEC . ? A HEC 128 ? 1_555 NA ? B HEC . ? A HEC 128 ? 1_555 93.7  ? 
2  N  B C NO  . ? A NO  130 ? 1_555 FE ? B HEC . ? A HEC 128 ? 1_555 NB ? B HEC . ? A HEC 128 ? 1_555 92.3  ? 
3  NA ? B HEC . ? A HEC 128 ? 1_555 FE ? B HEC . ? A HEC 128 ? 1_555 NB ? B HEC . ? A HEC 128 ? 1_555 90.4  ? 
4  N  B C NO  . ? A NO  130 ? 1_555 FE ? B HEC . ? A HEC 128 ? 1_555 NC ? B HEC . ? A HEC 128 ? 1_555 97.6  ? 
5  NA ? B HEC . ? A HEC 128 ? 1_555 FE ? B HEC . ? A HEC 128 ? 1_555 NC ? B HEC . ? A HEC 128 ? 1_555 168.7 ? 
6  NB ? B HEC . ? A HEC 128 ? 1_555 FE ? B HEC . ? A HEC 128 ? 1_555 NC ? B HEC . ? A HEC 128 ? 1_555 89.1  ? 
7  N  B C NO  . ? A NO  130 ? 1_555 FE ? B HEC . ? A HEC 128 ? 1_555 ND ? B HEC . ? A HEC 128 ? 1_555 97.6  ? 
8  NA ? B HEC . ? A HEC 128 ? 1_555 FE ? B HEC . ? A HEC 128 ? 1_555 ND ? B HEC . ? A HEC 128 ? 1_555 89.3  ? 
9  NB ? B HEC . ? A HEC 128 ? 1_555 FE ? B HEC . ? A HEC 128 ? 1_555 ND ? B HEC . ? A HEC 128 ? 1_555 170.1 ? 
10 NC ? B HEC . ? A HEC 128 ? 1_555 FE ? B HEC . ? A HEC 128 ? 1_555 ND ? B HEC . ? A HEC 128 ? 1_555 89.2  ? 
11 N  B C NO  . ? A NO  130 ? 1_555 FE ? B HEC . ? A HEC 128 ? 1_555 O  B C NO  . ? A NO  130 ? 1_555 17.8  ? 
12 NA ? B HEC . ? A HEC 128 ? 1_555 FE ? B HEC . ? A HEC 128 ? 1_555 O  B C NO  . ? A NO  130 ? 1_555 79.7  ? 
13 NB ? B HEC . ? A HEC 128 ? 1_555 FE ? B HEC . ? A HEC 128 ? 1_555 O  B C NO  . ? A NO  130 ? 1_555 81.6  ? 
14 NC ? B HEC . ? A HEC 128 ? 1_555 FE ? B HEC . ? A HEC 128 ? 1_555 O  B C NO  . ? A NO  130 ? 1_555 111.4 ? 
15 ND ? B HEC . ? A HEC 128 ? 1_555 FE ? B HEC . ? A HEC 128 ? 1_555 O  B C NO  . ? A NO  130 ? 1_555 108.1 ? 
16 N  B C NO  . ? A NO  130 ? 1_555 FE ? B HEC . ? A HEC 128 ? 1_555 O  A C NO  . ? A NO  130 ? 1_555 26.9  ? 
17 NA ? B HEC . ? A HEC 128 ? 1_555 FE ? B HEC . ? A HEC 128 ? 1_555 O  A C NO  . ? A NO  130 ? 1_555 109.7 ? 
18 NB ? B HEC . ? A HEC 128 ? 1_555 FE ? B HEC . ? A HEC 128 ? 1_555 O  A C NO  . ? A NO  130 ? 1_555 112.7 ? 
19 NC ? B HEC . ? A HEC 128 ? 1_555 FE ? B HEC . ? A HEC 128 ? 1_555 O  A C NO  . ? A NO  130 ? 1_555 80.8  ? 
20 ND ? B HEC . ? A HEC 128 ? 1_555 FE ? B HEC . ? A HEC 128 ? 1_555 O  A C NO  . ? A NO  130 ? 1_555 76.6  ? 
21 O  B C NO  . ? A NO  130 ? 1_555 FE ? B HEC . ? A HEC 128 ? 1_555 O  A C NO  . ? A NO  130 ? 1_555 44.3  ? 
22 N  B C NO  . ? A NO  130 ? 1_555 FE ? B HEC . ? A HEC 128 ? 1_555 N  A C NO  . ? A NO  130 ? 1_555 9.4   ? 
23 NA ? B HEC . ? A HEC 128 ? 1_555 FE ? B HEC . ? A HEC 128 ? 1_555 N  A C NO  . ? A NO  130 ? 1_555 102.5 ? 
24 NB ? B HEC . ? A HEC 128 ? 1_555 FE ? B HEC . ? A HEC 128 ? 1_555 N  A C NO  . ? A NO  130 ? 1_555 95.3  ? 
25 NC ? B HEC . ? A HEC 128 ? 1_555 FE ? B HEC . ? A HEC 128 ? 1_555 N  A C NO  . ? A NO  130 ? 1_555 88.7  ? 
26 ND ? B HEC . ? A HEC 128 ? 1_555 FE ? B HEC . ? A HEC 128 ? 1_555 N  A C NO  . ? A NO  130 ? 1_555 94.4  ? 
27 O  B C NO  . ? A NO  130 ? 1_555 FE ? B HEC . ? A HEC 128 ? 1_555 N  A C NO  . ? A NO  130 ? 1_555 26.9  ? 
28 O  A C NO  . ? A NO  130 ? 1_555 FE ? B HEC . ? A HEC 128 ? 1_555 N  A C NO  . ? A NO  130 ? 1_555 19.5  ? 
# 
loop_
_pdbx_modification_feature.ordinal 
_pdbx_modification_feature.label_comp_id 
_pdbx_modification_feature.label_asym_id 
_pdbx_modification_feature.label_seq_id 
_pdbx_modification_feature.label_alt_id 
_pdbx_modification_feature.modified_residue_label_comp_id 
_pdbx_modification_feature.modified_residue_label_asym_id 
_pdbx_modification_feature.modified_residue_label_seq_id 
_pdbx_modification_feature.modified_residue_label_alt_id 
_pdbx_modification_feature.auth_comp_id 
_pdbx_modification_feature.auth_asym_id 
_pdbx_modification_feature.auth_seq_id 
_pdbx_modification_feature.PDB_ins_code 
_pdbx_modification_feature.symmetry 
_pdbx_modification_feature.modified_residue_auth_comp_id 
_pdbx_modification_feature.modified_residue_auth_asym_id 
_pdbx_modification_feature.modified_residue_auth_seq_id 
_pdbx_modification_feature.modified_residue_PDB_ins_code 
_pdbx_modification_feature.modified_residue_symmetry 
_pdbx_modification_feature.comp_id_linking_atom 
_pdbx_modification_feature.modified_residue_id_linking_atom 
_pdbx_modification_feature.modified_residue_id 
_pdbx_modification_feature.ref_pcm_id 
_pdbx_modification_feature.ref_comp_id 
_pdbx_modification_feature.type 
_pdbx_modification_feature.category 
1 PCA A 1 ? .   . .   . PCA A 1   ? 1_555 .   . .   . .     .   .  GLN 1 PCA 'Pyrrolidone carboxylic acid' 
'Named protein modification' 
2 HEC B . ? CYS A 116 ? HEC A 128 ? 1_555 CYS A 116 ? 1_555 CAB SG CYS 2 HEC None                          Heme/heme-like 
3 HEC B . ? CYS A 119 ? HEC A 128 ? 1_555 CYS A 119 ? 1_555 CAC SG CYS 3 HEC None                          Heme/heme-like 
# 
loop_
_struct_site.id 
_struct_site.pdbx_evidence_code 
_struct_site.pdbx_auth_asym_id 
_struct_site.pdbx_auth_comp_id 
_struct_site.pdbx_auth_seq_id 
_struct_site.pdbx_auth_ins_code 
_struct_site.pdbx_num_residues 
_struct_site.details 
AC1 Software A HEC 128 ? 20 'BINDING SITE FOR RESIDUE HEC A 128' 
AC2 Software A NO  130 ? 3  'BINDING SITE FOR RESIDUE NO A 130'  
# 
loop_
_struct_site_gen.id 
_struct_site_gen.site_id 
_struct_site_gen.pdbx_num_res 
_struct_site_gen.label_comp_id 
_struct_site_gen.label_asym_id 
_struct_site_gen.label_seq_id 
_struct_site_gen.pdbx_auth_ins_code 
_struct_site_gen.auth_comp_id 
_struct_site_gen.auth_asym_id 
_struct_site_gen.auth_seq_id 
_struct_site_gen.label_atom_id 
_struct_site_gen.label_alt_id 
_struct_site_gen.symmetry 
_struct_site_gen.details 
1  AC1 20 ARG A 12  ? ARG A 12   . ? 1_555 ? 
2  AC1 20 GLN A 13  ? GLN A 13   . ? 1_555 ? 
3  AC1 20 LEU A 16  ? LEU A 16   . ? 1_555 ? 
4  AC1 20 THR A 17  ? THR A 17   . ? 1_555 ? 
5  AC1 20 MET A 19  ? MET A 19   . ? 1_555 ? 
6  AC1 20 ALA A 20  ? ALA A 20   . ? 1_555 ? 
7  AC1 20 TRP A 56  ? TRP A 56   . ? 1_555 ? 
8  AC1 20 GLY A 66  ? GLY A 66   . ? 1_555 ? 
9  AC1 20 ASP A 67  ? ASP A 67   . ? 1_555 ? 
10 AC1 20 ILE A 72  ? ILE A 72   . ? 1_555 ? 
11 AC1 20 GLN A 83  ? GLN A 83   . ? 1_555 ? 
12 AC1 20 PHE A 86  ? PHE A 86   . ? 1_555 ? 
13 AC1 20 CYS A 116 ? CYS A 116  . ? 1_555 ? 
14 AC1 20 CYS A 119 ? CYS A 119  . ? 1_555 ? 
15 AC1 20 TYR A 123 ? TYR A 123  . ? 1_555 ? 
16 AC1 20 ARG A 124 ? ARG A 124  . ? 1_555 ? 
17 AC1 20 NO  C .   ? NO  A 130  . ? 1_555 ? 
18 AC1 20 HOH D .   ? HOH A 2202 . ? 1_555 ? 
19 AC1 20 HOH D .   ? HOH A 2203 . ? 1_555 ? 
20 AC1 20 HOH D .   ? HOH A 2204 . ? 1_555 ? 
21 AC2 3  HIS A 120 ? HIS A 120  . ? 1_555 ? 
22 AC2 3  ARG A 124 ? ARG A 124  . ? 1_555 ? 
23 AC2 3  HEC B .   ? HEC A 128  . ? 1_555 ? 
# 
_pdbx_entry_details.entry_id                   1E85 
_pdbx_entry_details.compound_details           
;CYTOCHROME C' IS THE MOST WIDELY OCCURRING BACTERIAL
 C-TYPE CYTOCHROME.
;
_pdbx_entry_details.source_details             ? 
_pdbx_entry_details.nonpolymer_details         ? 
_pdbx_entry_details.sequence_details           'N-TERMINAL RESIDUE IS PYRROLIDONE CARBOXYLIC ACID (PCA)' 
_pdbx_entry_details.has_ligand_of_interest     ? 
_pdbx_entry_details.has_protein_modification   Y 
# 
loop_
_pdbx_validate_rmsd_angle.id 
_pdbx_validate_rmsd_angle.PDB_model_num 
_pdbx_validate_rmsd_angle.auth_atom_id_1 
_pdbx_validate_rmsd_angle.auth_asym_id_1 
_pdbx_validate_rmsd_angle.auth_comp_id_1 
_pdbx_validate_rmsd_angle.auth_seq_id_1 
_pdbx_validate_rmsd_angle.PDB_ins_code_1 
_pdbx_validate_rmsd_angle.label_alt_id_1 
_pdbx_validate_rmsd_angle.auth_atom_id_2 
_pdbx_validate_rmsd_angle.auth_asym_id_2 
_pdbx_validate_rmsd_angle.auth_comp_id_2 
_pdbx_validate_rmsd_angle.auth_seq_id_2 
_pdbx_validate_rmsd_angle.PDB_ins_code_2 
_pdbx_validate_rmsd_angle.label_alt_id_2 
_pdbx_validate_rmsd_angle.auth_atom_id_3 
_pdbx_validate_rmsd_angle.auth_asym_id_3 
_pdbx_validate_rmsd_angle.auth_comp_id_3 
_pdbx_validate_rmsd_angle.auth_seq_id_3 
_pdbx_validate_rmsd_angle.PDB_ins_code_3 
_pdbx_validate_rmsd_angle.label_alt_id_3 
_pdbx_validate_rmsd_angle.angle_value 
_pdbx_validate_rmsd_angle.angle_target_value 
_pdbx_validate_rmsd_angle.angle_deviation 
_pdbx_validate_rmsd_angle.angle_standard_deviation 
_pdbx_validate_rmsd_angle.linker_flag 
1 1 NE A ARG 12  ? ? CZ A ARG 12  ? ? NH1 A ARG 12  ? ? 123.64 120.30 3.34  0.50 N 
2 1 CB A MET 19  ? B CA A MET 19  ? ? C   A MET 19  ? ? 131.46 110.40 21.06 2.00 N 
3 1 CA A MET 19  ? ? CB A MET 19  ? A CG  A MET 19  ? A 126.74 113.30 13.44 1.70 N 
4 1 CA A MET 19  ? ? CB A MET 19  ? B CG  A MET 19  ? B 123.61 113.30 10.31 1.70 N 
5 1 NE A ARG 106 ? ? CZ A ARG 106 ? ? NH2 A ARG 106 ? ? 115.12 120.30 -5.18 0.50 N 
6 1 CA A CYS 116 ? ? CB A CYS 116 ? ? SG  A CYS 116 ? ? 120.92 114.20 6.72  1.10 N 
7 1 CB A ASP 121 ? ? CG A ASP 121 ? ? OD2 A ASP 121 ? ? 112.62 118.30 -5.68 0.90 N 
# 
_pdbx_struct_mod_residue.id               1 
_pdbx_struct_mod_residue.label_asym_id    A 
_pdbx_struct_mod_residue.label_comp_id    PCA 
_pdbx_struct_mod_residue.label_seq_id     1 
_pdbx_struct_mod_residue.auth_asym_id     A 
_pdbx_struct_mod_residue.auth_comp_id     PCA 
_pdbx_struct_mod_residue.auth_seq_id      1 
_pdbx_struct_mod_residue.PDB_ins_code     ? 
_pdbx_struct_mod_residue.parent_comp_id   GLU 
_pdbx_struct_mod_residue.details          'PYROGLUTAMIC ACID' 
# 
_pdbx_struct_special_symmetry.id              1 
_pdbx_struct_special_symmetry.PDB_model_num   1 
_pdbx_struct_special_symmetry.auth_asym_id    A 
_pdbx_struct_special_symmetry.auth_comp_id    HOH 
_pdbx_struct_special_symmetry.auth_seq_id     2096 
_pdbx_struct_special_symmetry.PDB_ins_code    ? 
_pdbx_struct_special_symmetry.label_asym_id   D 
_pdbx_struct_special_symmetry.label_comp_id   HOH 
_pdbx_struct_special_symmetry.label_seq_id    . 
# 
_pdbx_distant_solvent_atoms.id                                1 
_pdbx_distant_solvent_atoms.PDB_model_num                     1 
_pdbx_distant_solvent_atoms.auth_atom_id                      O 
_pdbx_distant_solvent_atoms.label_alt_id                      ? 
_pdbx_distant_solvent_atoms.auth_asym_id                      A 
_pdbx_distant_solvent_atoms.auth_comp_id                      HOH 
_pdbx_distant_solvent_atoms.auth_seq_id                       2016 
_pdbx_distant_solvent_atoms.PDB_ins_code                      ? 
_pdbx_distant_solvent_atoms.neighbor_macromolecule_distance   6.25 
_pdbx_distant_solvent_atoms.neighbor_ligand_distance          . 
# 
loop_
_pdbx_unobs_or_zero_occ_residues.id 
_pdbx_unobs_or_zero_occ_residues.PDB_model_num 
_pdbx_unobs_or_zero_occ_residues.polymer_flag 
_pdbx_unobs_or_zero_occ_residues.occupancy_flag 
_pdbx_unobs_or_zero_occ_residues.auth_asym_id 
_pdbx_unobs_or_zero_occ_residues.auth_comp_id 
_pdbx_unobs_or_zero_occ_residues.auth_seq_id 
_pdbx_unobs_or_zero_occ_residues.PDB_ins_code 
_pdbx_unobs_or_zero_occ_residues.label_asym_id 
_pdbx_unobs_or_zero_occ_residues.label_comp_id 
_pdbx_unobs_or_zero_occ_residues.label_seq_id 
1 1 Y 1 A LYS 126 ? A LYS 126 
2 1 Y 1 A LYS 127 ? A LYS 127 
# 
loop_
_chem_comp_atom.comp_id 
_chem_comp_atom.atom_id 
_chem_comp_atom.type_symbol 
_chem_comp_atom.pdbx_aromatic_flag 
_chem_comp_atom.pdbx_stereo_config 
_chem_comp_atom.pdbx_ordinal 
ALA N    N  N N 1   
ALA CA   C  N S 2   
ALA C    C  N N 3   
ALA O    O  N N 4   
ALA CB   C  N N 5   
ALA OXT  O  N N 6   
ALA H    H  N N 7   
ALA H2   H  N N 8   
ALA HA   H  N N 9   
ALA HB1  H  N N 10  
ALA HB2  H  N N 11  
ALA HB3  H  N N 12  
ALA HXT  H  N N 13  
ARG N    N  N N 14  
ARG CA   C  N S 15  
ARG C    C  N N 16  
ARG O    O  N N 17  
ARG CB   C  N N 18  
ARG CG   C  N N 19  
ARG CD   C  N N 20  
ARG NE   N  N N 21  
ARG CZ   C  N N 22  
ARG NH1  N  N N 23  
ARG NH2  N  N N 24  
ARG OXT  O  N N 25  
ARG H    H  N N 26  
ARG H2   H  N N 27  
ARG HA   H  N N 28  
ARG HB2  H  N N 29  
ARG HB3  H  N N 30  
ARG HG2  H  N N 31  
ARG HG3  H  N N 32  
ARG HD2  H  N N 33  
ARG HD3  H  N N 34  
ARG HE   H  N N 35  
ARG HH11 H  N N 36  
ARG HH12 H  N N 37  
ARG HH21 H  N N 38  
ARG HH22 H  N N 39  
ARG HXT  H  N N 40  
ASN N    N  N N 41  
ASN CA   C  N S 42  
ASN C    C  N N 43  
ASN O    O  N N 44  
ASN CB   C  N N 45  
ASN CG   C  N N 46  
ASN OD1  O  N N 47  
ASN ND2  N  N N 48  
ASN OXT  O  N N 49  
ASN H    H  N N 50  
ASN H2   H  N N 51  
ASN HA   H  N N 52  
ASN HB2  H  N N 53  
ASN HB3  H  N N 54  
ASN HD21 H  N N 55  
ASN HD22 H  N N 56  
ASN HXT  H  N N 57  
ASP N    N  N N 58  
ASP CA   C  N S 59  
ASP C    C  N N 60  
ASP O    O  N N 61  
ASP CB   C  N N 62  
ASP CG   C  N N 63  
ASP OD1  O  N N 64  
ASP OD2  O  N N 65  
ASP OXT  O  N N 66  
ASP H    H  N N 67  
ASP H2   H  N N 68  
ASP HA   H  N N 69  
ASP HB2  H  N N 70  
ASP HB3  H  N N 71  
ASP HD2  H  N N 72  
ASP HXT  H  N N 73  
CYS N    N  N N 74  
CYS CA   C  N R 75  
CYS C    C  N N 76  
CYS O    O  N N 77  
CYS CB   C  N N 78  
CYS SG   S  N N 79  
CYS OXT  O  N N 80  
CYS H    H  N N 81  
CYS H2   H  N N 82  
CYS HA   H  N N 83  
CYS HB2  H  N N 84  
CYS HB3  H  N N 85  
CYS HG   H  N N 86  
CYS HXT  H  N N 87  
GLN N    N  N N 88  
GLN CA   C  N S 89  
GLN C    C  N N 90  
GLN O    O  N N 91  
GLN CB   C  N N 92  
GLN CG   C  N N 93  
GLN CD   C  N N 94  
GLN OE1  O  N N 95  
GLN NE2  N  N N 96  
GLN OXT  O  N N 97  
GLN H    H  N N 98  
GLN H2   H  N N 99  
GLN HA   H  N N 100 
GLN HB2  H  N N 101 
GLN HB3  H  N N 102 
GLN HG2  H  N N 103 
GLN HG3  H  N N 104 
GLN HE21 H  N N 105 
GLN HE22 H  N N 106 
GLN HXT  H  N N 107 
GLU N    N  N N 108 
GLU CA   C  N S 109 
GLU C    C  N N 110 
GLU O    O  N N 111 
GLU CB   C  N N 112 
GLU CG   C  N N 113 
GLU CD   C  N N 114 
GLU OE1  O  N N 115 
GLU OE2  O  N N 116 
GLU OXT  O  N N 117 
GLU H    H  N N 118 
GLU H2   H  N N 119 
GLU HA   H  N N 120 
GLU HB2  H  N N 121 
GLU HB3  H  N N 122 
GLU HG2  H  N N 123 
GLU HG3  H  N N 124 
GLU HE2  H  N N 125 
GLU HXT  H  N N 126 
GLY N    N  N N 127 
GLY CA   C  N N 128 
GLY C    C  N N 129 
GLY O    O  N N 130 
GLY OXT  O  N N 131 
GLY H    H  N N 132 
GLY H2   H  N N 133 
GLY HA2  H  N N 134 
GLY HA3  H  N N 135 
GLY HXT  H  N N 136 
HEC FE   FE N N 137 
HEC CHA  C  N N 138 
HEC CHB  C  N N 139 
HEC CHC  C  N N 140 
HEC CHD  C  N N 141 
HEC NA   N  Y N 142 
HEC C1A  C  Y N 143 
HEC C2A  C  Y N 144 
HEC C3A  C  Y N 145 
HEC C4A  C  Y N 146 
HEC CMA  C  N N 147 
HEC CAA  C  N N 148 
HEC CBA  C  N N 149 
HEC CGA  C  N N 150 
HEC O1A  O  N N 151 
HEC O2A  O  N N 152 
HEC NB   N  Y N 153 
HEC C1B  C  Y N 154 
HEC C2B  C  Y N 155 
HEC C3B  C  Y N 156 
HEC C4B  C  Y N 157 
HEC CMB  C  N N 158 
HEC CAB  C  N N 159 
HEC CBB  C  N N 160 
HEC NC   N  Y N 161 
HEC C1C  C  Y N 162 
HEC C2C  C  Y N 163 
HEC C3C  C  Y N 164 
HEC C4C  C  Y N 165 
HEC CMC  C  N N 166 
HEC CAC  C  N N 167 
HEC CBC  C  N N 168 
HEC ND   N  Y N 169 
HEC C1D  C  Y N 170 
HEC C2D  C  Y N 171 
HEC C3D  C  Y N 172 
HEC C4D  C  Y N 173 
HEC CMD  C  N N 174 
HEC CAD  C  N N 175 
HEC CBD  C  N N 176 
HEC CGD  C  N N 177 
HEC O1D  O  N N 178 
HEC O2D  O  N N 179 
HEC HHA  H  N N 180 
HEC HHB  H  N N 181 
HEC HHC  H  N N 182 
HEC HHD  H  N N 183 
HEC HMA1 H  N N 184 
HEC HMA2 H  N N 185 
HEC HMA3 H  N N 186 
HEC HAA1 H  N N 187 
HEC HAA2 H  N N 188 
HEC HBA1 H  N N 189 
HEC HBA2 H  N N 190 
HEC H2A  H  N N 191 
HEC HMB1 H  N N 192 
HEC HMB2 H  N N 193 
HEC HMB3 H  N N 194 
HEC HAB  H  N N 195 
HEC HBB1 H  N N 196 
HEC HBB2 H  N N 197 
HEC HBB3 H  N N 198 
HEC HMC1 H  N N 199 
HEC HMC2 H  N N 200 
HEC HMC3 H  N N 201 
HEC HAC  H  N N 202 
HEC HBC1 H  N N 203 
HEC HBC2 H  N N 204 
HEC HBC3 H  N N 205 
HEC HMD1 H  N N 206 
HEC HMD2 H  N N 207 
HEC HMD3 H  N N 208 
HEC HAD1 H  N N 209 
HEC HAD2 H  N N 210 
HEC HBD1 H  N N 211 
HEC HBD2 H  N N 212 
HEC H2D  H  N N 213 
HIS N    N  N N 214 
HIS CA   C  N S 215 
HIS C    C  N N 216 
HIS O    O  N N 217 
HIS CB   C  N N 218 
HIS CG   C  Y N 219 
HIS ND1  N  Y N 220 
HIS CD2  C  Y N 221 
HIS CE1  C  Y N 222 
HIS NE2  N  Y N 223 
HIS OXT  O  N N 224 
HIS H    H  N N 225 
HIS H2   H  N N 226 
HIS HA   H  N N 227 
HIS HB2  H  N N 228 
HIS HB3  H  N N 229 
HIS HD1  H  N N 230 
HIS HD2  H  N N 231 
HIS HE1  H  N N 232 
HIS HE2  H  N N 233 
HIS HXT  H  N N 234 
HOH O    O  N N 235 
HOH H1   H  N N 236 
HOH H2   H  N N 237 
ILE N    N  N N 238 
ILE CA   C  N S 239 
ILE C    C  N N 240 
ILE O    O  N N 241 
ILE CB   C  N S 242 
ILE CG1  C  N N 243 
ILE CG2  C  N N 244 
ILE CD1  C  N N 245 
ILE OXT  O  N N 246 
ILE H    H  N N 247 
ILE H2   H  N N 248 
ILE HA   H  N N 249 
ILE HB   H  N N 250 
ILE HG12 H  N N 251 
ILE HG13 H  N N 252 
ILE HG21 H  N N 253 
ILE HG22 H  N N 254 
ILE HG23 H  N N 255 
ILE HD11 H  N N 256 
ILE HD12 H  N N 257 
ILE HD13 H  N N 258 
ILE HXT  H  N N 259 
LEU N    N  N N 260 
LEU CA   C  N S 261 
LEU C    C  N N 262 
LEU O    O  N N 263 
LEU CB   C  N N 264 
LEU CG   C  N N 265 
LEU CD1  C  N N 266 
LEU CD2  C  N N 267 
LEU OXT  O  N N 268 
LEU H    H  N N 269 
LEU H2   H  N N 270 
LEU HA   H  N N 271 
LEU HB2  H  N N 272 
LEU HB3  H  N N 273 
LEU HG   H  N N 274 
LEU HD11 H  N N 275 
LEU HD12 H  N N 276 
LEU HD13 H  N N 277 
LEU HD21 H  N N 278 
LEU HD22 H  N N 279 
LEU HD23 H  N N 280 
LEU HXT  H  N N 281 
LYS N    N  N N 282 
LYS CA   C  N S 283 
LYS C    C  N N 284 
LYS O    O  N N 285 
LYS CB   C  N N 286 
LYS CG   C  N N 287 
LYS CD   C  N N 288 
LYS CE   C  N N 289 
LYS NZ   N  N N 290 
LYS OXT  O  N N 291 
LYS H    H  N N 292 
LYS H2   H  N N 293 
LYS HA   H  N N 294 
LYS HB2  H  N N 295 
LYS HB3  H  N N 296 
LYS HG2  H  N N 297 
LYS HG3  H  N N 298 
LYS HD2  H  N N 299 
LYS HD3  H  N N 300 
LYS HE2  H  N N 301 
LYS HE3  H  N N 302 
LYS HZ1  H  N N 303 
LYS HZ2  H  N N 304 
LYS HZ3  H  N N 305 
LYS HXT  H  N N 306 
MET N    N  N N 307 
MET CA   C  N S 308 
MET C    C  N N 309 
MET O    O  N N 310 
MET CB   C  N N 311 
MET CG   C  N N 312 
MET SD   S  N N 313 
MET CE   C  N N 314 
MET OXT  O  N N 315 
MET H    H  N N 316 
MET H2   H  N N 317 
MET HA   H  N N 318 
MET HB2  H  N N 319 
MET HB3  H  N N 320 
MET HG2  H  N N 321 
MET HG3  H  N N 322 
MET HE1  H  N N 323 
MET HE2  H  N N 324 
MET HE3  H  N N 325 
MET HXT  H  N N 326 
NO  N    N  N N 327 
NO  O    O  N N 328 
PCA N    N  N N 329 
PCA CA   C  N S 330 
PCA CB   C  N N 331 
PCA CG   C  N N 332 
PCA CD   C  N N 333 
PCA OE   O  N N 334 
PCA C    C  N N 335 
PCA O    O  N N 336 
PCA OXT  O  N N 337 
PCA H    H  N N 338 
PCA HA   H  N N 339 
PCA HB2  H  N N 340 
PCA HB3  H  N N 341 
PCA HG2  H  N N 342 
PCA HG3  H  N N 343 
PCA HXT  H  N N 344 
PHE N    N  N N 345 
PHE CA   C  N S 346 
PHE C    C  N N 347 
PHE O    O  N N 348 
PHE CB   C  N N 349 
PHE CG   C  Y N 350 
PHE CD1  C  Y N 351 
PHE CD2  C  Y N 352 
PHE CE1  C  Y N 353 
PHE CE2  C  Y N 354 
PHE CZ   C  Y N 355 
PHE OXT  O  N N 356 
PHE H    H  N N 357 
PHE H2   H  N N 358 
PHE HA   H  N N 359 
PHE HB2  H  N N 360 
PHE HB3  H  N N 361 
PHE HD1  H  N N 362 
PHE HD2  H  N N 363 
PHE HE1  H  N N 364 
PHE HE2  H  N N 365 
PHE HZ   H  N N 366 
PHE HXT  H  N N 367 
PRO N    N  N N 368 
PRO CA   C  N S 369 
PRO C    C  N N 370 
PRO O    O  N N 371 
PRO CB   C  N N 372 
PRO CG   C  N N 373 
PRO CD   C  N N 374 
PRO OXT  O  N N 375 
PRO H    H  N N 376 
PRO HA   H  N N 377 
PRO HB2  H  N N 378 
PRO HB3  H  N N 379 
PRO HG2  H  N N 380 
PRO HG3  H  N N 381 
PRO HD2  H  N N 382 
PRO HD3  H  N N 383 
PRO HXT  H  N N 384 
SER N    N  N N 385 
SER CA   C  N S 386 
SER C    C  N N 387 
SER O    O  N N 388 
SER CB   C  N N 389 
SER OG   O  N N 390 
SER OXT  O  N N 391 
SER H    H  N N 392 
SER H2   H  N N 393 
SER HA   H  N N 394 
SER HB2  H  N N 395 
SER HB3  H  N N 396 
SER HG   H  N N 397 
SER HXT  H  N N 398 
THR N    N  N N 399 
THR CA   C  N S 400 
THR C    C  N N 401 
THR O    O  N N 402 
THR CB   C  N R 403 
THR OG1  O  N N 404 
THR CG2  C  N N 405 
THR OXT  O  N N 406 
THR H    H  N N 407 
THR H2   H  N N 408 
THR HA   H  N N 409 
THR HB   H  N N 410 
THR HG1  H  N N 411 
THR HG21 H  N N 412 
THR HG22 H  N N 413 
THR HG23 H  N N 414 
THR HXT  H  N N 415 
TRP N    N  N N 416 
TRP CA   C  N S 417 
TRP C    C  N N 418 
TRP O    O  N N 419 
TRP CB   C  N N 420 
TRP CG   C  Y N 421 
TRP CD1  C  Y N 422 
TRP CD2  C  Y N 423 
TRP NE1  N  Y N 424 
TRP CE2  C  Y N 425 
TRP CE3  C  Y N 426 
TRP CZ2  C  Y N 427 
TRP CZ3  C  Y N 428 
TRP CH2  C  Y N 429 
TRP OXT  O  N N 430 
TRP H    H  N N 431 
TRP H2   H  N N 432 
TRP HA   H  N N 433 
TRP HB2  H  N N 434 
TRP HB3  H  N N 435 
TRP HD1  H  N N 436 
TRP HE1  H  N N 437 
TRP HE3  H  N N 438 
TRP HZ2  H  N N 439 
TRP HZ3  H  N N 440 
TRP HH2  H  N N 441 
TRP HXT  H  N N 442 
TYR N    N  N N 443 
TYR CA   C  N S 444 
TYR C    C  N N 445 
TYR O    O  N N 446 
TYR CB   C  N N 447 
TYR CG   C  Y N 448 
TYR CD1  C  Y N 449 
TYR CD2  C  Y N 450 
TYR CE1  C  Y N 451 
TYR CE2  C  Y N 452 
TYR CZ   C  Y N 453 
TYR OH   O  N N 454 
TYR OXT  O  N N 455 
TYR H    H  N N 456 
TYR H2   H  N N 457 
TYR HA   H  N N 458 
TYR HB2  H  N N 459 
TYR HB3  H  N N 460 
TYR HD1  H  N N 461 
TYR HD2  H  N N 462 
TYR HE1  H  N N 463 
TYR HE2  H  N N 464 
TYR HH   H  N N 465 
TYR HXT  H  N N 466 
VAL N    N  N N 467 
VAL CA   C  N S 468 
VAL C    C  N N 469 
VAL O    O  N N 470 
VAL CB   C  N N 471 
VAL CG1  C  N N 472 
VAL CG2  C  N N 473 
VAL OXT  O  N N 474 
VAL H    H  N N 475 
VAL H2   H  N N 476 
VAL HA   H  N N 477 
VAL HB   H  N N 478 
VAL HG11 H  N N 479 
VAL HG12 H  N N 480 
VAL HG13 H  N N 481 
VAL HG21 H  N N 482 
VAL HG22 H  N N 483 
VAL HG23 H  N N 484 
VAL HXT  H  N N 485 
# 
loop_
_chem_comp_bond.comp_id 
_chem_comp_bond.atom_id_1 
_chem_comp_bond.atom_id_2 
_chem_comp_bond.value_order 
_chem_comp_bond.pdbx_aromatic_flag 
_chem_comp_bond.pdbx_stereo_config 
_chem_comp_bond.pdbx_ordinal 
ALA N   CA   sing N N 1   
ALA N   H    sing N N 2   
ALA N   H2   sing N N 3   
ALA CA  C    sing N N 4   
ALA CA  CB   sing N N 5   
ALA CA  HA   sing N N 6   
ALA C   O    doub N N 7   
ALA C   OXT  sing N N 8   
ALA CB  HB1  sing N N 9   
ALA CB  HB2  sing N N 10  
ALA CB  HB3  sing N N 11  
ALA OXT HXT  sing N N 12  
ARG N   CA   sing N N 13  
ARG N   H    sing N N 14  
ARG N   H2   sing N N 15  
ARG CA  C    sing N N 16  
ARG CA  CB   sing N N 17  
ARG CA  HA   sing N N 18  
ARG C   O    doub N N 19  
ARG C   OXT  sing N N 20  
ARG CB  CG   sing N N 21  
ARG CB  HB2  sing N N 22  
ARG CB  HB3  sing N N 23  
ARG CG  CD   sing N N 24  
ARG CG  HG2  sing N N 25  
ARG CG  HG3  sing N N 26  
ARG CD  NE   sing N N 27  
ARG CD  HD2  sing N N 28  
ARG CD  HD3  sing N N 29  
ARG NE  CZ   sing N N 30  
ARG NE  HE   sing N N 31  
ARG CZ  NH1  sing N N 32  
ARG CZ  NH2  doub N N 33  
ARG NH1 HH11 sing N N 34  
ARG NH1 HH12 sing N N 35  
ARG NH2 HH21 sing N N 36  
ARG NH2 HH22 sing N N 37  
ARG OXT HXT  sing N N 38  
ASN N   CA   sing N N 39  
ASN N   H    sing N N 40  
ASN N   H2   sing N N 41  
ASN CA  C    sing N N 42  
ASN CA  CB   sing N N 43  
ASN CA  HA   sing N N 44  
ASN C   O    doub N N 45  
ASN C   OXT  sing N N 46  
ASN CB  CG   sing N N 47  
ASN CB  HB2  sing N N 48  
ASN CB  HB3  sing N N 49  
ASN CG  OD1  doub N N 50  
ASN CG  ND2  sing N N 51  
ASN ND2 HD21 sing N N 52  
ASN ND2 HD22 sing N N 53  
ASN OXT HXT  sing N N 54  
ASP N   CA   sing N N 55  
ASP N   H    sing N N 56  
ASP N   H2   sing N N 57  
ASP CA  C    sing N N 58  
ASP CA  CB   sing N N 59  
ASP CA  HA   sing N N 60  
ASP C   O    doub N N 61  
ASP C   OXT  sing N N 62  
ASP CB  CG   sing N N 63  
ASP CB  HB2  sing N N 64  
ASP CB  HB3  sing N N 65  
ASP CG  OD1  doub N N 66  
ASP CG  OD2  sing N N 67  
ASP OD2 HD2  sing N N 68  
ASP OXT HXT  sing N N 69  
CYS N   CA   sing N N 70  
CYS N   H    sing N N 71  
CYS N   H2   sing N N 72  
CYS CA  C    sing N N 73  
CYS CA  CB   sing N N 74  
CYS CA  HA   sing N N 75  
CYS C   O    doub N N 76  
CYS C   OXT  sing N N 77  
CYS CB  SG   sing N N 78  
CYS CB  HB2  sing N N 79  
CYS CB  HB3  sing N N 80  
CYS SG  HG   sing N N 81  
CYS OXT HXT  sing N N 82  
GLN N   CA   sing N N 83  
GLN N   H    sing N N 84  
GLN N   H2   sing N N 85  
GLN CA  C    sing N N 86  
GLN CA  CB   sing N N 87  
GLN CA  HA   sing N N 88  
GLN C   O    doub N N 89  
GLN C   OXT  sing N N 90  
GLN CB  CG   sing N N 91  
GLN CB  HB2  sing N N 92  
GLN CB  HB3  sing N N 93  
GLN CG  CD   sing N N 94  
GLN CG  HG2  sing N N 95  
GLN CG  HG3  sing N N 96  
GLN CD  OE1  doub N N 97  
GLN CD  NE2  sing N N 98  
GLN NE2 HE21 sing N N 99  
GLN NE2 HE22 sing N N 100 
GLN OXT HXT  sing N N 101 
GLU N   CA   sing N N 102 
GLU N   H    sing N N 103 
GLU N   H2   sing N N 104 
GLU CA  C    sing N N 105 
GLU CA  CB   sing N N 106 
GLU CA  HA   sing N N 107 
GLU C   O    doub N N 108 
GLU C   OXT  sing N N 109 
GLU CB  CG   sing N N 110 
GLU CB  HB2  sing N N 111 
GLU CB  HB3  sing N N 112 
GLU CG  CD   sing N N 113 
GLU CG  HG2  sing N N 114 
GLU CG  HG3  sing N N 115 
GLU CD  OE1  doub N N 116 
GLU CD  OE2  sing N N 117 
GLU OE2 HE2  sing N N 118 
GLU OXT HXT  sing N N 119 
GLY N   CA   sing N N 120 
GLY N   H    sing N N 121 
GLY N   H2   sing N N 122 
GLY CA  C    sing N N 123 
GLY CA  HA2  sing N N 124 
GLY CA  HA3  sing N N 125 
GLY C   O    doub N N 126 
GLY C   OXT  sing N N 127 
GLY OXT HXT  sing N N 128 
HEC FE  NA   sing N N 129 
HEC FE  NB   sing N N 130 
HEC FE  NC   sing N N 131 
HEC FE  ND   sing N N 132 
HEC CHA C1A  doub N N 133 
HEC CHA C4D  sing N N 134 
HEC CHA HHA  sing N N 135 
HEC CHB C4A  doub N N 136 
HEC CHB C1B  sing N N 137 
HEC CHB HHB  sing N N 138 
HEC CHC C4B  doub N N 139 
HEC CHC C1C  sing N N 140 
HEC CHC HHC  sing N N 141 
HEC CHD C4C  doub N N 142 
HEC CHD C1D  sing N N 143 
HEC CHD HHD  sing N N 144 
HEC NA  C1A  sing Y N 145 
HEC NA  C4A  sing Y N 146 
HEC C1A C2A  sing Y N 147 
HEC C2A C3A  doub Y N 148 
HEC C2A CAA  sing N N 149 
HEC C3A C4A  sing Y N 150 
HEC C3A CMA  sing N N 151 
HEC CMA HMA1 sing N N 152 
HEC CMA HMA2 sing N N 153 
HEC CMA HMA3 sing N N 154 
HEC CAA CBA  sing N N 155 
HEC CAA HAA1 sing N N 156 
HEC CAA HAA2 sing N N 157 
HEC CBA CGA  sing N N 158 
HEC CBA HBA1 sing N N 159 
HEC CBA HBA2 sing N N 160 
HEC CGA O1A  doub N N 161 
HEC CGA O2A  sing N N 162 
HEC O2A H2A  sing N N 163 
HEC NB  C1B  sing Y N 164 
HEC NB  C4B  sing Y N 165 
HEC C1B C2B  doub Y N 166 
HEC C2B C3B  sing Y N 167 
HEC C2B CMB  sing N N 168 
HEC C3B C4B  sing Y N 169 
HEC C3B CAB  doub N E 170 
HEC CMB HMB1 sing N N 171 
HEC CMB HMB2 sing N N 172 
HEC CMB HMB3 sing N N 173 
HEC CAB CBB  sing N N 174 
HEC CAB HAB  sing N N 175 
HEC CBB HBB1 sing N N 176 
HEC CBB HBB2 sing N N 177 
HEC CBB HBB3 sing N N 178 
HEC NC  C1C  sing Y N 179 
HEC NC  C4C  sing Y N 180 
HEC C1C C2C  doub Y N 181 
HEC C2C C3C  sing Y N 182 
HEC C2C CMC  sing N N 183 
HEC C3C C4C  sing Y N 184 
HEC C3C CAC  doub N E 185 
HEC CMC HMC1 sing N N 186 
HEC CMC HMC2 sing N N 187 
HEC CMC HMC3 sing N N 188 
HEC CAC CBC  sing N N 189 
HEC CAC HAC  sing N N 190 
HEC CBC HBC1 sing N N 191 
HEC CBC HBC2 sing N N 192 
HEC CBC HBC3 sing N N 193 
HEC ND  C1D  sing Y N 194 
HEC ND  C4D  sing Y N 195 
HEC C1D C2D  doub Y N 196 
HEC C2D C3D  sing Y N 197 
HEC C2D CMD  sing N N 198 
HEC C3D C4D  doub Y N 199 
HEC C3D CAD  sing N N 200 
HEC CMD HMD1 sing N N 201 
HEC CMD HMD2 sing N N 202 
HEC CMD HMD3 sing N N 203 
HEC CAD CBD  sing N N 204 
HEC CAD HAD1 sing N N 205 
HEC CAD HAD2 sing N N 206 
HEC CBD CGD  sing N N 207 
HEC CBD HBD1 sing N N 208 
HEC CBD HBD2 sing N N 209 
HEC CGD O1D  doub N N 210 
HEC CGD O2D  sing N N 211 
HEC O2D H2D  sing N N 212 
HIS N   CA   sing N N 213 
HIS N   H    sing N N 214 
HIS N   H2   sing N N 215 
HIS CA  C    sing N N 216 
HIS CA  CB   sing N N 217 
HIS CA  HA   sing N N 218 
HIS C   O    doub N N 219 
HIS C   OXT  sing N N 220 
HIS CB  CG   sing N N 221 
HIS CB  HB2  sing N N 222 
HIS CB  HB3  sing N N 223 
HIS CG  ND1  sing Y N 224 
HIS CG  CD2  doub Y N 225 
HIS ND1 CE1  doub Y N 226 
HIS ND1 HD1  sing N N 227 
HIS CD2 NE2  sing Y N 228 
HIS CD2 HD2  sing N N 229 
HIS CE1 NE2  sing Y N 230 
HIS CE1 HE1  sing N N 231 
HIS NE2 HE2  sing N N 232 
HIS OXT HXT  sing N N 233 
HOH O   H1   sing N N 234 
HOH O   H2   sing N N 235 
ILE N   CA   sing N N 236 
ILE N   H    sing N N 237 
ILE N   H2   sing N N 238 
ILE CA  C    sing N N 239 
ILE CA  CB   sing N N 240 
ILE CA  HA   sing N N 241 
ILE C   O    doub N N 242 
ILE C   OXT  sing N N 243 
ILE CB  CG1  sing N N 244 
ILE CB  CG2  sing N N 245 
ILE CB  HB   sing N N 246 
ILE CG1 CD1  sing N N 247 
ILE CG1 HG12 sing N N 248 
ILE CG1 HG13 sing N N 249 
ILE CG2 HG21 sing N N 250 
ILE CG2 HG22 sing N N 251 
ILE CG2 HG23 sing N N 252 
ILE CD1 HD11 sing N N 253 
ILE CD1 HD12 sing N N 254 
ILE CD1 HD13 sing N N 255 
ILE OXT HXT  sing N N 256 
LEU N   CA   sing N N 257 
LEU N   H    sing N N 258 
LEU N   H2   sing N N 259 
LEU CA  C    sing N N 260 
LEU CA  CB   sing N N 261 
LEU CA  HA   sing N N 262 
LEU C   O    doub N N 263 
LEU C   OXT  sing N N 264 
LEU CB  CG   sing N N 265 
LEU CB  HB2  sing N N 266 
LEU CB  HB3  sing N N 267 
LEU CG  CD1  sing N N 268 
LEU CG  CD2  sing N N 269 
LEU CG  HG   sing N N 270 
LEU CD1 HD11 sing N N 271 
LEU CD1 HD12 sing N N 272 
LEU CD1 HD13 sing N N 273 
LEU CD2 HD21 sing N N 274 
LEU CD2 HD22 sing N N 275 
LEU CD2 HD23 sing N N 276 
LEU OXT HXT  sing N N 277 
LYS N   CA   sing N N 278 
LYS N   H    sing N N 279 
LYS N   H2   sing N N 280 
LYS CA  C    sing N N 281 
LYS CA  CB   sing N N 282 
LYS CA  HA   sing N N 283 
LYS C   O    doub N N 284 
LYS C   OXT  sing N N 285 
LYS CB  CG   sing N N 286 
LYS CB  HB2  sing N N 287 
LYS CB  HB3  sing N N 288 
LYS CG  CD   sing N N 289 
LYS CG  HG2  sing N N 290 
LYS CG  HG3  sing N N 291 
LYS CD  CE   sing N N 292 
LYS CD  HD2  sing N N 293 
LYS CD  HD3  sing N N 294 
LYS CE  NZ   sing N N 295 
LYS CE  HE2  sing N N 296 
LYS CE  HE3  sing N N 297 
LYS NZ  HZ1  sing N N 298 
LYS NZ  HZ2  sing N N 299 
LYS NZ  HZ3  sing N N 300 
LYS OXT HXT  sing N N 301 
MET N   CA   sing N N 302 
MET N   H    sing N N 303 
MET N   H2   sing N N 304 
MET CA  C    sing N N 305 
MET CA  CB   sing N N 306 
MET CA  HA   sing N N 307 
MET C   O    doub N N 308 
MET C   OXT  sing N N 309 
MET CB  CG   sing N N 310 
MET CB  HB2  sing N N 311 
MET CB  HB3  sing N N 312 
MET CG  SD   sing N N 313 
MET CG  HG2  sing N N 314 
MET CG  HG3  sing N N 315 
MET SD  CE   sing N N 316 
MET CE  HE1  sing N N 317 
MET CE  HE2  sing N N 318 
MET CE  HE3  sing N N 319 
MET OXT HXT  sing N N 320 
NO  N   O    doub N N 321 
PCA N   CA   sing N N 322 
PCA N   CD   sing N N 323 
PCA N   H    sing N N 324 
PCA CA  CB   sing N N 325 
PCA CA  C    sing N N 326 
PCA CA  HA   sing N N 327 
PCA CB  CG   sing N N 328 
PCA CB  HB2  sing N N 329 
PCA CB  HB3  sing N N 330 
PCA CG  CD   sing N N 331 
PCA CG  HG2  sing N N 332 
PCA CG  HG3  sing N N 333 
PCA CD  OE   doub N N 334 
PCA C   O    doub N N 335 
PCA C   OXT  sing N N 336 
PCA OXT HXT  sing N N 337 
PHE N   CA   sing N N 338 
PHE N   H    sing N N 339 
PHE N   H2   sing N N 340 
PHE CA  C    sing N N 341 
PHE CA  CB   sing N N 342 
PHE CA  HA   sing N N 343 
PHE C   O    doub N N 344 
PHE C   OXT  sing N N 345 
PHE CB  CG   sing N N 346 
PHE CB  HB2  sing N N 347 
PHE CB  HB3  sing N N 348 
PHE CG  CD1  doub Y N 349 
PHE CG  CD2  sing Y N 350 
PHE CD1 CE1  sing Y N 351 
PHE CD1 HD1  sing N N 352 
PHE CD2 CE2  doub Y N 353 
PHE CD2 HD2  sing N N 354 
PHE CE1 CZ   doub Y N 355 
PHE CE1 HE1  sing N N 356 
PHE CE2 CZ   sing Y N 357 
PHE CE2 HE2  sing N N 358 
PHE CZ  HZ   sing N N 359 
PHE OXT HXT  sing N N 360 
PRO N   CA   sing N N 361 
PRO N   CD   sing N N 362 
PRO N   H    sing N N 363 
PRO CA  C    sing N N 364 
PRO CA  CB   sing N N 365 
PRO CA  HA   sing N N 366 
PRO C   O    doub N N 367 
PRO C   OXT  sing N N 368 
PRO CB  CG   sing N N 369 
PRO CB  HB2  sing N N 370 
PRO CB  HB3  sing N N 371 
PRO CG  CD   sing N N 372 
PRO CG  HG2  sing N N 373 
PRO CG  HG3  sing N N 374 
PRO CD  HD2  sing N N 375 
PRO CD  HD3  sing N N 376 
PRO OXT HXT  sing N N 377 
SER N   CA   sing N N 378 
SER N   H    sing N N 379 
SER N   H2   sing N N 380 
SER CA  C    sing N N 381 
SER CA  CB   sing N N 382 
SER CA  HA   sing N N 383 
SER C   O    doub N N 384 
SER C   OXT  sing N N 385 
SER CB  OG   sing N N 386 
SER CB  HB2  sing N N 387 
SER CB  HB3  sing N N 388 
SER OG  HG   sing N N 389 
SER OXT HXT  sing N N 390 
THR N   CA   sing N N 391 
THR N   H    sing N N 392 
THR N   H2   sing N N 393 
THR CA  C    sing N N 394 
THR CA  CB   sing N N 395 
THR CA  HA   sing N N 396 
THR C   O    doub N N 397 
THR C   OXT  sing N N 398 
THR CB  OG1  sing N N 399 
THR CB  CG2  sing N N 400 
THR CB  HB   sing N N 401 
THR OG1 HG1  sing N N 402 
THR CG2 HG21 sing N N 403 
THR CG2 HG22 sing N N 404 
THR CG2 HG23 sing N N 405 
THR OXT HXT  sing N N 406 
TRP N   CA   sing N N 407 
TRP N   H    sing N N 408 
TRP N   H2   sing N N 409 
TRP CA  C    sing N N 410 
TRP CA  CB   sing N N 411 
TRP CA  HA   sing N N 412 
TRP C   O    doub N N 413 
TRP C   OXT  sing N N 414 
TRP CB  CG   sing N N 415 
TRP CB  HB2  sing N N 416 
TRP CB  HB3  sing N N 417 
TRP CG  CD1  doub Y N 418 
TRP CG  CD2  sing Y N 419 
TRP CD1 NE1  sing Y N 420 
TRP CD1 HD1  sing N N 421 
TRP CD2 CE2  doub Y N 422 
TRP CD2 CE3  sing Y N 423 
TRP NE1 CE2  sing Y N 424 
TRP NE1 HE1  sing N N 425 
TRP CE2 CZ2  sing Y N 426 
TRP CE3 CZ3  doub Y N 427 
TRP CE3 HE3  sing N N 428 
TRP CZ2 CH2  doub Y N 429 
TRP CZ2 HZ2  sing N N 430 
TRP CZ3 CH2  sing Y N 431 
TRP CZ3 HZ3  sing N N 432 
TRP CH2 HH2  sing N N 433 
TRP OXT HXT  sing N N 434 
TYR N   CA   sing N N 435 
TYR N   H    sing N N 436 
TYR N   H2   sing N N 437 
TYR CA  C    sing N N 438 
TYR CA  CB   sing N N 439 
TYR CA  HA   sing N N 440 
TYR C   O    doub N N 441 
TYR C   OXT  sing N N 442 
TYR CB  CG   sing N N 443 
TYR CB  HB2  sing N N 444 
TYR CB  HB3  sing N N 445 
TYR CG  CD1  doub Y N 446 
TYR CG  CD2  sing Y N 447 
TYR CD1 CE1  sing Y N 448 
TYR CD1 HD1  sing N N 449 
TYR CD2 CE2  doub Y N 450 
TYR CD2 HD2  sing N N 451 
TYR CE1 CZ   doub Y N 452 
TYR CE1 HE1  sing N N 453 
TYR CE2 CZ   sing Y N 454 
TYR CE2 HE2  sing N N 455 
TYR CZ  OH   sing N N 456 
TYR OH  HH   sing N N 457 
TYR OXT HXT  sing N N 458 
VAL N   CA   sing N N 459 
VAL N   H    sing N N 460 
VAL N   H2   sing N N 461 
VAL CA  C    sing N N 462 
VAL CA  CB   sing N N 463 
VAL CA  HA   sing N N 464 
VAL C   O    doub N N 465 
VAL C   OXT  sing N N 466 
VAL CB  CG1  sing N N 467 
VAL CB  CG2  sing N N 468 
VAL CB  HB   sing N N 469 
VAL CG1 HG11 sing N N 470 
VAL CG1 HG12 sing N N 471 
VAL CG1 HG13 sing N N 472 
VAL CG2 HG21 sing N N 473 
VAL CG2 HG22 sing N N 474 
VAL CG2 HG23 sing N N 475 
VAL OXT HXT  sing N N 476 
# 
_pdbx_initial_refinement_model.id               1 
_pdbx_initial_refinement_model.entity_id_list   ? 
_pdbx_initial_refinement_model.type             'experimental model' 
_pdbx_initial_refinement_model.source_name      PDB 
_pdbx_initial_refinement_model.accession_code   1CGO 
_pdbx_initial_refinement_model.details          'PDB ENTRY 1CGO' 
# 
_atom_sites.entry_id                    1E85 
_atom_sites.fract_transf_matrix[1][1]   0.01917399 
_atom_sites.fract_transf_matrix[1][2]   0.01013629 
_atom_sites.fract_transf_matrix[1][3]   -0.00190516 
_atom_sites.fract_transf_matrix[2][1]   0.01467526 
_atom_sites.fract_transf_matrix[2][2]   -0.00709083 
_atom_sites.fract_transf_matrix[2][3]   -0.01443526 
_atom_sites.fract_transf_matrix[3][1]   -0.00215111 
_atom_sites.fract_transf_matrix[3][2]   0.00334887 
_atom_sites.fract_transf_matrix[3][3]   -0.00383190 
_atom_sites.fract_transf_vector[1]      0.453975 
_atom_sites.fract_transf_vector[2]      0.524471 
_atom_sites.fract_transf_vector[3]      0.222390 
# 
loop_
_atom_type.symbol 
C  
FE 
N  
O  
S  
# 
loop_
_atom_site.group_PDB 
_atom_site.id 
_atom_site.type_symbol 
_atom_site.label_atom_id 
_atom_site.label_alt_id 
_atom_site.label_comp_id 
_atom_site.label_asym_id 
_atom_site.label_entity_id 
_atom_site.label_seq_id 
_atom_site.pdbx_PDB_ins_code 
_atom_site.Cartn_x 
_atom_site.Cartn_y 
_atom_site.Cartn_z 
_atom_site.occupancy 
_atom_site.B_iso_or_equiv 
_atom_site.pdbx_formal_charge 
_atom_site.auth_seq_id 
_atom_site.auth_comp_id 
_atom_site.auth_asym_id 
_atom_site.auth_atom_id 
_atom_site.pdbx_PDB_model_num 
HETATM 1    N  N   . PCA A 1 1   ? -7.416  -19.896 -4.040  1.00 17.99 ? 1    PCA A N   1 
HETATM 2    C  CA  . PCA A 1 1   ? -7.098  -19.031 -5.161  1.00 17.42 ? 1    PCA A CA  1 
HETATM 3    C  CB  . PCA A 1 1   ? -7.482  -17.633 -4.644  1.00 18.03 ? 1    PCA A CB  1 
HETATM 4    C  CG  . PCA A 1 1   ? -7.485  -17.766 -3.111  1.00 16.05 ? 1    PCA A CG  1 
HETATM 5    C  CD  . PCA A 1 1   ? -7.803  -19.221 -2.935  1.00 18.01 ? 1    PCA A CD  1 
HETATM 6    O  OE  . PCA A 1 1   ? -8.117  -19.797 -1.889  1.00 18.06 ? 1    PCA A OE  1 
HETATM 7    C  C   . PCA A 1 1   ? -5.652  -19.091 -5.544  1.00 15.96 ? 1    PCA A C   1 
HETATM 8    O  O   . PCA A 1 1   ? -5.351  -18.476 -6.581  1.00 17.96 ? 1    PCA A O   1 
ATOM   9    N  N   . PHE A 1 2   ? -4.755  -19.669 -4.754  1.00 15.54 ? 2    PHE A N   1 
ATOM   10   C  CA  . PHE A 1 2   ? -3.322  -19.664 -5.034  1.00 15.78 ? 2    PHE A CA  1 
ATOM   11   C  C   . PHE A 1 2   ? -2.709  -21.070 -5.117  1.00 14.92 ? 2    PHE A C   1 
ATOM   12   O  O   . PHE A 1 2   ? -1.695  -21.337 -4.472  1.00 16.24 ? 2    PHE A O   1 
ATOM   13   C  CB  . PHE A 1 2   ? -2.569  -18.829 -3.994  1.00 15.90 ? 2    PHE A CB  1 
ATOM   14   C  CG  . PHE A 1 2   ? -3.192  -17.560 -3.504  1.00 13.17 ? 2    PHE A CG  1 
ATOM   15   C  CD1 . PHE A 1 2   ? -3.720  -16.623 -4.380  1.00 14.43 ? 2    PHE A CD1 1 
ATOM   16   C  CD2 . PHE A 1 2   ? -3.244  -17.319 -2.146  1.00 14.88 ? 2    PHE A CD2 1 
ATOM   17   C  CE1 . PHE A 1 2   ? -4.302  -15.457 -3.882  1.00 15.41 ? 2    PHE A CE1 1 
ATOM   18   C  CE2 . PHE A 1 2   ? -3.817  -16.163 -1.632  1.00 15.92 ? 2    PHE A CE2 1 
ATOM   19   C  CZ  . PHE A 1 2   ? -4.337  -15.247 -2.525  1.00 15.57 ? 2    PHE A CZ  1 
ATOM   20   N  N   . ALA A 1 3   ? -3.338  -21.962 -5.844  1.00 19.22 ? 3    ALA A N   1 
ATOM   21   C  CA  . ALA A 1 3   ? -2.904  -23.348 -6.035  1.00 19.78 ? 3    ALA A CA  1 
ATOM   22   C  C   . ALA A 1 3   ? -1.409  -23.540 -6.202  1.00 19.55 ? 3    ALA A C   1 
ATOM   23   O  O   . ALA A 1 3   ? -0.784  -24.390 -5.551  1.00 20.83 ? 3    ALA A O   1 
ATOM   24   C  CB  . ALA A 1 3   ? -3.690  -23.906 -7.212  1.00 20.86 ? 3    ALA A CB  1 
ATOM   25   N  N   . LYS A 1 4   ? -0.776  -22.741 -7.051  1.00 18.35 ? 4    LYS A N   1 
ATOM   26   C  CA  . LYS A 1 4   ? 0.679   -22.780 -7.193  1.00 19.31 ? 4    LYS A CA  1 
ATOM   27   C  C   . LYS A 1 4   ? 1.231   -21.452 -6.729  1.00 17.68 ? 4    LYS A C   1 
ATOM   28   O  O   . LYS A 1 4   ? 0.502   -20.445 -6.676  1.00 18.18 ? 4    LYS A O   1 
ATOM   29   C  CB  . LYS A 1 4   ? 1.078   -23.029 -8.645  1.00 23.22 ? 4    LYS A CB  1 
ATOM   30   C  CG  . LYS A 1 4   ? 0.577   -24.329 -9.244  1.00 24.71 ? 4    LYS A CG  1 
ATOM   31   C  CD  . LYS A 1 4   ? 1.133   -24.566 -10.641 1.00 33.28 ? 4    LYS A CD  1 
ATOM   32   N  N   . PRO A 1 5   ? 2.484   -21.380 -6.298  1.00 17.69 ? 5    PRO A N   1 
ATOM   33   C  CA  . PRO A 1 5   ? 3.151   -20.152 -5.922  1.00 17.40 ? 5    PRO A CA  1 
ATOM   34   C  C   . PRO A 1 5   ? 3.043   -19.098 -7.011  1.00 16.64 ? 5    PRO A C   1 
ATOM   35   O  O   . PRO A 1 5   ? 2.829   -17.917 -6.669  1.00 15.92 ? 5    PRO A O   1 
ATOM   36   C  CB  . PRO A 1 5   ? 4.596   -20.533 -5.647  1.00 18.79 ? 5    PRO A CB  1 
ATOM   37   C  CG  . PRO A 1 5   ? 4.648   -22.020 -5.633  1.00 23.62 ? 5    PRO A CG  1 
ATOM   38   C  CD  . PRO A 1 5   ? 3.428   -22.528 -6.338  1.00 19.17 ? 5    PRO A CD  1 
ATOM   39   N  N   . GLU A 1 6   ? 3.027   -19.460 -8.284  1.00 15.37 ? 6    GLU A N   1 
ATOM   40   C  CA  . GLU A 1 6   ? 2.859   -18.497 -9.361  1.00 16.41 ? 6    GLU A CA  1 
ATOM   41   C  C   . GLU A 1 6   ? 1.511   -17.795 -9.330  1.00 15.22 ? 6    GLU A C   1 
ATOM   42   O  O   . GLU A 1 6   ? 1.453   -16.610 -9.684  1.00 14.37 ? 6    GLU A O   1 
ATOM   43   C  CB  . GLU A 1 6   ? 3.070   -19.174 -10.714 1.00 16.19 ? 6    GLU A CB  1 
ATOM   44   C  CG  . GLU A 1 6   ? 4.500   -19.592 -11.022 1.00 18.89 ? 6    GLU A CG  1 
ATOM   45   C  CD  . GLU A 1 6   ? 4.942   -20.947 -10.535 1.00 18.54 ? 6    GLU A CD  1 
ATOM   46   O  OE1 . GLU A 1 6   ? 4.252   -21.557 -9.687  1.00 17.28 ? 6    GLU A OE1 1 
ATOM   47   O  OE2 . GLU A 1 6   ? 5.983   -21.455 -11.005 1.00 18.61 ? 6    GLU A OE2 1 
ATOM   48   N  N   . ASP A 1 7   ? 0.497   -18.456 -8.778  1.00 13.96 ? 7    ASP A N   1 
ATOM   49   C  CA  . ASP A 1 7   ? -0.820  -17.840 -8.655  1.00 14.15 ? 7    ASP A CA  1 
ATOM   50   C  C   . ASP A 1 7   ? -0.816  -16.790 -7.549  1.00 11.76 ? 7    ASP A C   1 
ATOM   51   O  O   . ASP A 1 7   ? -1.435  -15.719 -7.712  1.00 14.62 ? 7    ASP A O   1 
ATOM   52   C  CB  . ASP A 1 7   ? -1.877  -18.903 -8.329  1.00 15.87 ? 7    ASP A CB  1 
ATOM   53   C  CG  . ASP A 1 7   ? -1.961  -19.900 -9.463  1.00 18.29 ? 7    ASP A CG  1 
ATOM   54   O  OD1 . ASP A 1 7   ? -2.091  -19.501 -10.634 1.00 19.60 ? 7    ASP A OD1 1 
ATOM   55   O  OD2 . ASP A 1 7   ? -1.888  -21.115 -9.154  1.00 21.42 ? 7    ASP A OD2 1 
ATOM   56   N  N   . ALA A 1 8   ? -0.099  -17.059 -6.470  1.00 12.97 ? 8    ALA A N   1 
ATOM   57   C  CA  . ALA A 1 8   ? 0.048   -16.077 -5.392  1.00 12.38 ? 8    ALA A CA  1 
ATOM   58   C  C   . ALA A 1 8   ? 0.853   -14.875 -5.917  1.00 12.99 ? 8    ALA A C   1 
ATOM   59   O  O   . ALA A 1 8   ? 0.511   -13.724 -5.631  1.00 12.46 ? 8    ALA A O   1 
ATOM   60   C  CB  . ALA A 1 8   ? 0.748   -16.647 -4.174  1.00 13.92 ? 8    ALA A CB  1 
ATOM   61   N  N   . VAL A 1 9   ? 1.908   -15.130 -6.699  1.00 12.71 ? 9    VAL A N   1 
ATOM   62   C  CA  . VAL A 1 9   ? 2.706   -14.034 -7.249  1.00 12.96 ? 9    VAL A CA  1 
ATOM   63   C  C   . VAL A 1 9   ? 1.851   -13.177 -8.157  1.00 12.34 ? 9    VAL A C   1 
ATOM   64   O  O   . VAL A 1 9   ? 1.843   -11.926 -8.065  1.00 12.93 ? 9    VAL A O   1 
ATOM   65   C  CB  . VAL A 1 9   ? 3.922   -14.605 -8.007  1.00 12.93 ? 9    VAL A CB  1 
ATOM   66   C  CG1 . VAL A 1 9   ? 4.632   -13.469 -8.757  1.00 13.62 ? 9    VAL A CG1 1 
ATOM   67   C  CG2 . VAL A 1 9   ? 4.894   -15.296 -7.064  1.00 15.66 ? 9    VAL A CG2 1 
ATOM   68   N  N   . LYS A 1 10  ? 1.074   -13.739 -9.062  1.00 13.03 ? 10   LYS A N   1 
ATOM   69   C  CA  . LYS A 1 10  ? 0.231   -13.037 -9.992  1.00 12.43 ? 10   LYS A CA  1 
ATOM   70   C  C   . LYS A 1 10  ? -0.787  -12.168 -9.259  1.00 12.94 ? 10   LYS A C   1 
ATOM   71   O  O   . LYS A 1 10  ? -1.058  -11.000 -9.578  1.00 13.45 ? 10   LYS A O   1 
ATOM   72   C  CB  . LYS A 1 10  ? -0.469  -13.995 -10.960 1.00 17.47 ? 10   LYS A CB  1 
ATOM   73   C  CG  . LYS A 1 10  ? -1.282  -13.261 -12.010 1.00 20.86 ? 10   LYS A CG  1 
ATOM   74   C  CD  . LYS A 1 10  ? -1.863  -14.246 -13.016 1.00 31.70 ? 10   LYS A CD  1 
ATOM   75   C  CE  . LYS A 1 10  ? -2.557  -13.504 -14.148 1.00 34.28 ? 10   LYS A CE  1 
ATOM   76   N  NZ  . LYS A 1 10  ? -2.654  -14.347 -15.375 1.00 39.63 ? 10   LYS A NZ  1 
ATOM   77   N  N   . TYR A 1 11  ? -1.395  -12.776 -8.210  1.00 12.29 ? 11   TYR A N   1 
ATOM   78   C  CA  . TYR A 1 11  ? -2.407  -12.023 -7.444  1.00 12.87 ? 11   TYR A CA  1 
ATOM   79   C  C   . TYR A 1 11  ? -1.760  -10.835 -6.763  1.00 11.84 ? 11   TYR A C   1 
ATOM   80   O  O   . TYR A 1 11  ? -2.291  -9.714  -6.872  1.00 11.58 ? 11   TYR A O   1 
ATOM   81   C  CB  . TYR A 1 11  ? -3.047  -12.982 -6.420  1.00 11.94 ? 11   TYR A CB  1 
ATOM   82   C  CG  . TYR A 1 11  ? -4.054  -12.280 -5.523  1.00 11.66 ? 11   TYR A CG  1 
ATOM   83   C  CD1 . TYR A 1 11  ? -3.657  -11.635 -4.370  1.00 11.98 ? 11   TYR A CD1 1 
ATOM   84   C  CD2 . TYR A 1 11  ? -5.411  -12.293 -5.836  1.00 12.47 ? 11   TYR A CD2 1 
ATOM   85   C  CE1 . TYR A 1 11  ? -4.556  -10.997 -3.547  1.00 10.86 ? 11   TYR A CE1 1 
ATOM   86   C  CE2 . TYR A 1 11  ? -6.321  -11.662 -5.017  1.00 12.09 ? 11   TYR A CE2 1 
ATOM   87   C  CZ  . TYR A 1 11  ? -5.904  -11.011 -3.879  1.00 10.58 ? 11   TYR A CZ  1 
ATOM   88   O  OH  . TYR A 1 11  ? -6.755  -10.364 -3.018  1.00 11.42 ? 11   TYR A OH  1 
ATOM   89   N  N   . ARG A 1 12  ? -0.674  -11.072 -6.029  1.00 11.60 ? 12   ARG A N   1 
ATOM   90   C  CA  . ARG A 1 12  ? -0.092  -9.960  -5.271  1.00 10.60 ? 12   ARG A CA  1 
ATOM   91   C  C   . ARG A 1 12  ? 0.438   -8.870  -6.174  1.00 11.02 ? 12   ARG A C   1 
ATOM   92   O  O   . ARG A 1 12  ? 0.279   -7.662  -5.872  1.00 11.12 ? 12   ARG A O   1 
ATOM   93   C  CB  . ARG A 1 12  ? 0.937   -10.466 -4.271  1.00 11.62 ? 12   ARG A CB  1 
ATOM   94   C  CG  . ARG A 1 12  ? 2.275   -10.939 -4.840  1.00 11.78 ? 12   ARG A CG  1 
ATOM   95   C  CD  . ARG A 1 12  ? 2.893   -11.917 -3.827  1.00 12.09 ? 12   ARG A CD  1 
ATOM   96   N  NE  . ARG A 1 12  ? 4.285   -12.232 -4.230  1.00 12.34 ? 12   ARG A NE  1 
ATOM   97   C  CZ  . ARG A 1 12  ? 4.901   -13.310 -3.803  1.00 11.75 ? 12   ARG A CZ  1 
ATOM   98   N  NH1 . ARG A 1 12  ? 4.337   -14.214 -3.017  1.00 12.99 ? 12   ARG A NH1 1 
ATOM   99   N  NH2 . ARG A 1 12  ? 6.183   -13.518 -4.163  1.00 12.24 ? 12   ARG A NH2 1 
ATOM   100  N  N   . GLN A 1 13  ? 1.017   -9.226  -7.305  1.00 11.29 ? 13   GLN A N   1 
ATOM   101  C  CA  . GLN A 1 13  ? 1.504   -8.217  -8.259  1.00 11.61 ? 13   GLN A CA  1 
ATOM   102  C  C   . GLN A 1 13  ? 0.352   -7.373  -8.796  1.00 11.96 ? 13   GLN A C   1 
ATOM   103  O  O   . GLN A 1 13  ? 0.465   -6.139  -8.956  1.00 13.08 ? 13   GLN A O   1 
ATOM   104  C  CB  . GLN A 1 13  ? 2.298   -8.873  -9.389  1.00 12.17 ? 13   GLN A CB  1 
ATOM   105  C  CG  . GLN A 1 13  ? 3.629   -9.447  -8.926  1.00 12.33 ? 13   GLN A CG  1 
ATOM   106  C  CD  . GLN A 1 13  ? 4.383   -10.107 -10.061 1.00 13.25 ? 13   GLN A CD  1 
ATOM   107  O  OE1 . GLN A 1 13  ? 3.796   -10.417 -11.096 1.00 15.75 ? 13   GLN A OE1 1 
ATOM   108  N  NE2 . GLN A 1 13  ? 5.669   -10.317 -9.818  1.00 12.95 ? 13   GLN A NE2 1 
ATOM   109  N  N   . SER A 1 14  ? -0.783  -7.989  -9.074  1.00 12.05 ? 14   SER A N   1 
ATOM   110  C  CA  . SER A 1 14  ? -1.977  -7.288  -9.539  1.00 12.33 ? 14   SER A CA  1 
ATOM   111  C  C   . SER A 1 14  ? -2.509  -6.330  -8.487  1.00 11.76 ? 14   SER A C   1 
ATOM   112  O  O   . SER A 1 14  ? -2.877  -5.192  -8.780  1.00 11.84 ? 14   SER A O   1 
ATOM   113  C  CB  . SER A 1 14  ? -3.076  -8.271  -9.949  1.00 12.70 ? 14   SER A CB  1 
ATOM   114  O  OG  . SER A 1 14  ? -2.713  -8.934  -11.152 1.00 16.78 ? 14   SER A OG  1 
ATOM   115  N  N   . ALA A 1 15  ? -2.540  -6.806  -7.244  1.00 11.39 ? 15   ALA A N   1 
ATOM   116  C  CA  . ALA A 1 15  ? -3.022  -5.989  -6.138  1.00 12.13 ? 15   ALA A CA  1 
ATOM   117  C  C   . ALA A 1 15  ? -2.101  -4.801  -5.928  1.00 11.45 ? 15   ALA A C   1 
ATOM   118  O  O   . ALA A 1 15  ? -2.572  -3.691  -5.651  1.00 13.46 ? 15   ALA A O   1 
ATOM   119  C  CB  . ALA A 1 15  ? -3.178  -6.801  -4.859  1.00 12.05 ? 15   ALA A CB  1 
ATOM   120  N  N   . LEU A 1 16  ? -0.789  -5.010  -5.962  1.00 11.24 ? 16   LEU A N   1 
ATOM   121  C  CA  . LEU A 1 16  ? 0.205   -3.952  -5.723  1.00 12.23 ? 16   LEU A CA  1 
ATOM   122  C  C   . LEU A 1 16  ? 0.172   -2.923  -6.837  1.00 12.79 ? 16   LEU A C   1 
ATOM   123  O  O   . LEU A 1 16  ? 0.273   -1.720  -6.564  1.00 13.29 ? 16   LEU A O   1 
ATOM   124  C  CB  . LEU A 1 16  ? 1.580   -4.611  -5.517  1.00 13.44 ? 16   LEU A CB  1 
ATOM   125  C  CG  . LEU A 1 16  ? 1.650   -5.370  -4.178  1.00 12.26 ? 16   LEU A CG  1 
ATOM   126  C  CD1 . LEU A 1 16  ? 2.812   -6.376  -4.219  1.00 14.20 ? 16   LEU A CD1 1 
ATOM   127  C  CD2 . LEU A 1 16  ? 1.859   -4.436  -3.000  1.00 14.11 ? 16   LEU A CD2 1 
ATOM   128  N  N   . THR A 1 17  ? -0.059  -3.349  -8.074  1.00 12.10 ? 17   THR A N   1 
ATOM   129  C  CA  . THR A 1 17  ? -0.217  -2.441  -9.202  1.00 13.21 ? 17   THR A CA  1 
ATOM   130  C  C   . THR A 1 17  ? -1.436  -1.559  -8.993  1.00 12.95 ? 17   THR A C   1 
ATOM   131  O  O   . THR A 1 17  ? -1.389  -0.322  -9.191  1.00 13.76 ? 17   THR A O   1 
ATOM   132  C  CB  . THR A 1 17  ? -0.421  -3.238  -10.499 1.00 13.55 ? 17   THR A CB  1 
ATOM   133  O  OG1 . THR A 1 17  ? 0.828   -3.852  -10.870 1.00 16.69 ? 17   THR A OG1 1 
ATOM   134  C  CG2 . THR A 1 17  ? -0.885  -2.403  -11.678 1.00 15.73 ? 17   THR A CG2 1 
ATOM   135  N  N   . LEU A 1 18  ? -2.567  -2.134  -8.579  1.00 13.02 ? 18   LEU A N   1 
ATOM   136  C  CA  . LEU A 1 18  ? -3.772  -1.341  -8.365  1.00 12.40 ? 18   LEU A CA  1 
ATOM   137  C  C   . LEU A 1 18  ? -3.619  -0.356  -7.216  1.00 12.78 ? 18   LEU A C   1 
ATOM   138  O  O   . LEU A 1 18  ? -4.005  0.810   -7.280  1.00 12.96 ? 18   LEU A O   1 
ATOM   139  C  CB  . LEU A 1 18  ? -4.979  -2.243  -8.098  1.00 14.82 ? 18   LEU A CB  1 
ATOM   140  C  CG  . LEU A 1 18  ? -5.444  -3.091  -9.283  1.00 18.52 ? 18   LEU A CG  1 
ATOM   141  C  CD1 . LEU A 1 18  ? -6.699  -3.855  -8.878  1.00 27.12 ? 18   LEU A CD1 1 
ATOM   142  C  CD2 . LEU A 1 18  ? -5.757  -2.267  -10.526 1.00 18.61 ? 18   LEU A CD2 1 
ATOM   143  N  N   . MET A 1 19  ? -3.044  -0.810  -6.112  1.00 13.47 ? 19   MET A N   1 
ATOM   144  C  CA  . MET A 1 19  ? -2.777  -0.025  -4.913  1.00 15.15 ? 19   MET A CA  1 
ATOM   145  C  C   . MET A 1 19  ? -1.896  1.134   -5.288  1.00 14.87 ? 19   MET A C   1 
ATOM   146  O  O   . MET A 1 19  ? -2.209  2.311   -4.951  1.00 9.43  ? 19   MET A O   1 
ATOM   147  C  CB  A MET A 1 19  ? -2.023  -0.854  -3.916  0.50 17.36 ? 19   MET A CB  1 
ATOM   148  C  CB  B MET A 1 19  ? -2.725  -0.953  -3.790  0.50 17.91 ? 19   MET A CB  1 
ATOM   149  C  CG  A MET A 1 19  ? -1.191  -0.346  -2.766  0.50 23.73 ? 19   MET A CG  1 
ATOM   150  C  CG  B MET A 1 19  ? -1.930  -0.705  -2.544  0.50 17.52 ? 19   MET A CG  1 
ATOM   151  S  SD  A MET A 1 19  ? -0.962  -1.644  -1.493  0.50 16.66 ? 19   MET A SD  1 
ATOM   152  S  SD  B MET A 1 19  ? -1.080  -2.191  -1.943  0.50 14.79 ? 19   MET A SD  1 
ATOM   153  C  CE  A MET A 1 19  ? -1.702  -2.975  -2.388  0.50 7.23  ? 19   MET A CE  1 
ATOM   154  C  CE  B MET A 1 19  ? 0.521   -1.485  -1.531  0.50 10.57 ? 19   MET A CE  1 
ATOM   155  N  N   . ALA A 1 20  ? -0.872  0.959   -6.082  1.00 14.25 ? 20   ALA A N   1 
ATOM   156  C  CA  . ALA A 1 20  ? 0.028   1.984   -6.532  1.00 16.35 ? 20   ALA A CA  1 
ATOM   157  C  C   . ALA A 1 20  ? -0.696  2.990   -7.410  1.00 16.21 ? 20   ALA A C   1 
ATOM   158  O  O   . ALA A 1 20  ? -0.433  4.218   -7.338  1.00 15.57 ? 20   ALA A O   1 
ATOM   159  C  CB  . ALA A 1 20  ? 1.223   1.393   -7.282  1.00 17.40 ? 20   ALA A CB  1 
ATOM   160  N  N   . SER A 1 21  ? -1.610  2.560   -8.275  1.00 14.23 ? 21   SER A N   1 
ATOM   161  C  CA  . SER A 1 21  ? -2.313  3.474   -9.150  1.00 13.44 ? 21   SER A CA  1 
ATOM   162  C  C   . SER A 1 21  ? -3.243  4.355   -8.339  1.00 11.55 ? 21   SER A C   1 
ATOM   163  O  O   . SER A 1 21  ? -3.307  5.572   -8.602  1.00 12.56 ? 21   SER A O   1 
ATOM   164  C  CB  . SER A 1 21  ? -3.137  2.661   -10.164 1.00 12.52 ? 21   SER A CB  1 
ATOM   165  O  OG  . SER A 1 21  ? -3.836  3.522   -11.029 1.00 13.40 ? 21   SER A OG  1 
ATOM   166  N  N   . HIS A 1 22  ? -3.949  3.821   -7.363  1.00 10.86 ? 22   HIS A N   1 
ATOM   167  C  CA  . HIS A 1 22  ? -4.878  4.585   -6.534  1.00 11.76 ? 22   HIS A CA  1 
ATOM   168  C  C   . HIS A 1 22  ? -4.134  5.483   -5.557  1.00 12.88 ? 22   HIS A C   1 
ATOM   169  O  O   . HIS A 1 22  ? -4.658  6.568   -5.227  1.00 13.21 ? 22   HIS A O   1 
ATOM   170  C  CB  . HIS A 1 22  ? -5.874  3.659   -5.827  1.00 12.08 ? 22   HIS A CB  1 
ATOM   171  C  CG  . HIS A 1 22  ? -6.896  3.187   -6.847  1.00 11.31 ? 22   HIS A CG  1 
ATOM   172  N  ND1 . HIS A 1 22  ? -8.020  3.937   -7.115  1.00 11.85 ? 22   HIS A ND1 1 
ATOM   173  C  CD2 . HIS A 1 22  ? -6.919  2.094   -7.650  1.00 10.73 ? 22   HIS A CD2 1 
ATOM   174  C  CE1 . HIS A 1 22  ? -8.698  3.293   -8.073  1.00 11.96 ? 22   HIS A CE1 1 
ATOM   175  N  NE2 . HIS A 1 22  ? -8.064  2.189   -8.404  1.00 11.15 ? 22   HIS A NE2 1 
ATOM   176  N  N   . PHE A 1 23  ? -2.932  5.115   -5.132  1.00 12.21 ? 23   PHE A N   1 
ATOM   177  C  CA  . PHE A 1 23  ? -2.133  5.996   -4.272  1.00 11.07 ? 23   PHE A CA  1 
ATOM   178  C  C   . PHE A 1 23  ? -1.535  7.086   -5.126  1.00 11.65 ? 23   PHE A C   1 
ATOM   179  O  O   . PHE A 1 23  ? -1.734  8.281   -4.832  1.00 12.65 ? 23   PHE A O   1 
ATOM   180  C  CB  . PHE A 1 23  ? -1.033  5.175   -3.595  1.00 12.78 ? 23   PHE A CB  1 
ATOM   181  C  CG  . PHE A 1 23  ? -0.136  6.019   -2.694  1.00 13.00 ? 23   PHE A CG  1 
ATOM   182  C  CD1 . PHE A 1 23  ? -0.614  6.517   -1.518  1.00 14.74 ? 23   PHE A CD1 1 
ATOM   183  C  CD2 . PHE A 1 23  ? 1.170   6.261   -3.083  1.00 14.17 ? 23   PHE A CD2 1 
ATOM   184  C  CE1 . PHE A 1 23  ? 0.175   7.285   -0.681  1.00 16.87 ? 23   PHE A CE1 1 
ATOM   185  C  CE2 . PHE A 1 23  ? 1.972   7.042   -2.232  1.00 15.72 ? 23   PHE A CE2 1 
ATOM   186  C  CZ  . PHE A 1 23  ? 1.484   7.538   -1.052  1.00 14.90 ? 23   PHE A CZ  1 
ATOM   187  N  N   . GLY A 1 24  ? -0.806  6.776   -6.177  1.00 13.34 ? 24   GLY A N   1 
ATOM   188  C  CA  . GLY A 1 24  ? -0.030  7.704   -6.966  1.00 13.09 ? 24   GLY A CA  1 
ATOM   189  C  C   . GLY A 1 24  ? -0.873  8.773   -7.613  1.00 13.99 ? 24   GLY A C   1 
ATOM   190  O  O   . GLY A 1 24  ? -0.419  9.934   -7.771  1.00 14.18 ? 24   GLY A O   1 
ATOM   191  N  N   . ARG A 1 25  ? -2.116  8.467   -7.999  1.00 13.61 ? 25   ARG A N   1 
ATOM   192  C  CA  . ARG A 1 25  ? -2.936  9.458   -8.697  1.00 13.62 ? 25   ARG A CA  1 
ATOM   193  C  C   . ARG A 1 25  ? -3.312  10.622  -7.791  1.00 13.60 ? 25   ARG A C   1 
ATOM   194  O  O   . ARG A 1 25  ? -3.775  11.656  -8.290  1.00 15.52 ? 25   ARG A O   1 
ATOM   195  C  CB  . ARG A 1 25  ? -4.201  8.811   -9.277  1.00 13.01 ? 25   ARG A CB  1 
ATOM   196  C  CG  . ARG A 1 25  ? -5.178  8.308   -8.230  1.00 13.67 ? 25   ARG A CG  1 
ATOM   197  C  CD  . ARG A 1 25  ? -6.401  7.648   -8.864  1.00 14.10 ? 25   ARG A CD  1 
ATOM   198  N  NE  . ARG A 1 25  ? -6.014  6.396   -9.542  1.00 12.62 ? 25   ARG A NE  1 
ATOM   199  C  CZ  . ARG A 1 25  ? -6.902  5.645   -10.215 1.00 12.99 ? 25   ARG A CZ  1 
ATOM   200  N  NH1 . ARG A 1 25  ? -8.179  6.041   -10.281 1.00 14.00 ? 25   ARG A NH1 1 
ATOM   201  N  NH2 . ARG A 1 25  ? -6.475  4.543   -10.800 1.00 13.42 ? 25   ARG A NH2 1 
ATOM   202  N  N   . MET A 1 26  ? -3.139  10.544  -6.491  1.00 12.86 ? 26   MET A N   1 
ATOM   203  C  CA  . MET A 1 26  ? -3.426  11.650  -5.577  1.00 12.46 ? 26   MET A CA  1 
ATOM   204  C  C   . MET A 1 26  ? -2.236  12.567  -5.379  1.00 13.68 ? 26   MET A C   1 
ATOM   205  O  O   . MET A 1 26  ? -2.418  13.657  -4.773  1.00 14.67 ? 26   MET A O   1 
ATOM   206  C  CB  . MET A 1 26  ? -3.892  11.129  -4.227  1.00 13.52 ? 26   MET A CB  1 
ATOM   207  C  CG  . MET A 1 26  ? -5.203  10.363  -4.361  1.00 15.09 ? 26   MET A CG  1 
ATOM   208  S  SD  . MET A 1 26  ? -5.860  9.882   -2.757  1.00 13.13 ? 26   MET A SD  1 
ATOM   209  C  CE  . MET A 1 26  ? -4.670  8.611   -2.327  1.00 14.42 ? 26   MET A CE  1 
ATOM   210  N  N   . THR A 1 27  ? -1.099  12.277  -5.958  1.00 12.93 ? 27   THR A N   1 
ATOM   211  C  CA  . THR A 1 27  ? 0.082   13.122  -5.794  1.00 14.09 ? 27   THR A CA  1 
ATOM   212  C  C   . THR A 1 27  ? -0.176  14.572  -6.145  1.00 14.27 ? 27   THR A C   1 
ATOM   213  O  O   . THR A 1 27  ? 0.151   15.454  -5.313  1.00 14.89 ? 27   THR A O   1 
ATOM   214  C  CB  . THR A 1 27  ? 1.292   12.568  -6.564  1.00 14.95 ? 27   THR A CB  1 
ATOM   215  O  OG1 . THR A 1 27  ? 1.519   11.212  -6.127  1.00 16.61 ? 27   THR A OG1 1 
ATOM   216  C  CG2 . THR A 1 27  ? 2.545   13.375  -6.257  1.00 19.69 ? 27   THR A CG2 1 
ATOM   217  N  N   . PRO A 1 28  ? -0.766  14.913  -7.260  1.00 13.09 ? 28   PRO A N   1 
ATOM   218  C  CA  . PRO A 1 28  ? -0.972  16.332  -7.579  1.00 15.44 ? 28   PRO A CA  1 
ATOM   219  C  C   . PRO A 1 28  ? -1.830  17.030  -6.561  1.00 15.18 ? 28   PRO A C   1 
ATOM   220  O  O   . PRO A 1 28  ? -1.605  18.228  -6.267  1.00 15.29 ? 28   PRO A O   1 
ATOM   221  C  CB  . PRO A 1 28  ? -1.584  16.316  -8.957  1.00 15.74 ? 28   PRO A CB  1 
ATOM   222  C  CG  . PRO A 1 28  ? -1.276  14.968  -9.551  1.00 18.47 ? 28   PRO A CG  1 
ATOM   223  C  CD  . PRO A 1 28  ? -1.181  14.029  -8.372  1.00 14.75 ? 28   PRO A CD  1 
ATOM   224  N  N   . VAL A 1 29  ? -2.838  16.417  -5.969  1.00 13.13 ? 29   VAL A N   1 
ATOM   225  C  CA  . VAL A 1 29  ? -3.684  17.065  -4.978  1.00 14.29 ? 29   VAL A CA  1 
ATOM   226  C  C   . VAL A 1 29  ? -2.923  17.350  -3.705  1.00 15.95 ? 29   VAL A C   1 
ATOM   227  O  O   . VAL A 1 29  ? -3.014  18.467  -3.156  1.00 14.79 ? 29   VAL A O   1 
ATOM   228  C  CB  . VAL A 1 29  ? -4.909  16.177  -4.689  1.00 13.80 ? 29   VAL A CB  1 
ATOM   229  C  CG1 . VAL A 1 29  ? -5.789  16.724  -3.591  1.00 15.31 ? 29   VAL A CG1 1 
ATOM   230  C  CG2 . VAL A 1 29  ? -5.729  16.022  -5.972  1.00 17.90 ? 29   VAL A CG2 1 
ATOM   231  N  N   . VAL A 1 30  ? -2.106  16.415  -3.217  1.00 14.34 ? 30   VAL A N   1 
ATOM   232  C  CA  . VAL A 1 30  ? -1.367  16.678  -1.979  1.00 14.96 ? 30   VAL A CA  1 
ATOM   233  C  C   . VAL A 1 30  ? -0.237  17.676  -2.210  1.00 15.54 ? 30   VAL A C   1 
ATOM   234  O  O   . VAL A 1 30  ? 0.182   18.301  -1.204  1.00 17.36 ? 30   VAL A O   1 
ATOM   235  C  CB  . VAL A 1 30  ? -0.846  15.396  -1.320  1.00 18.60 ? 30   VAL A CB  1 
ATOM   236  C  CG1 . VAL A 1 30  ? -2.005  14.514  -0.870  1.00 19.04 ? 30   VAL A CG1 1 
ATOM   237  C  CG2 . VAL A 1 30  ? 0.087   14.640  -2.232  1.00 21.69 ? 30   VAL A CG2 1 
ATOM   238  N  N   . LYS A 1 31  ? 0.203   17.884  -3.410  1.00 13.88 ? 31   LYS A N   1 
ATOM   239  C  CA  . LYS A 1 31  ? 1.211   18.868  -3.757  1.00 15.90 ? 31   LYS A CA  1 
ATOM   240  C  C   . LYS A 1 31  ? 0.583   20.213  -4.103  1.00 16.32 ? 31   LYS A C   1 
ATOM   241  O  O   . LYS A 1 31  ? 1.351   21.099  -4.512  1.00 16.94 ? 31   LYS A O   1 
ATOM   242  C  CB  . LYS A 1 31  ? 2.070   18.361  -4.919  1.00 16.58 ? 31   LYS A CB  1 
ATOM   243  C  CG  . LYS A 1 31  ? 2.868   17.101  -4.569  1.00 19.95 ? 31   LYS A CG  1 
ATOM   244  C  CD  . LYS A 1 31  ? 3.897   16.862  -5.672  1.00 27.25 ? 31   LYS A CD  1 
ATOM   245  N  N   . GLY A 1 32  ? -0.733  20.364  -4.052  1.00 15.04 ? 32   GLY A N   1 
ATOM   246  C  CA  . GLY A 1 32  ? -1.367  21.658  -4.357  1.00 14.65 ? 32   GLY A CA  1 
ATOM   247  C  C   . GLY A 1 32  ? -1.425  21.938  -5.837  1.00 14.55 ? 32   GLY A C   1 
ATOM   248  O  O   . GLY A 1 32  ? -1.789  23.059  -6.254  1.00 15.44 ? 32   GLY A O   1 
ATOM   249  N  N   . GLN A 1 33  ? -1.150  20.977  -6.715  1.00 14.82 ? 33   GLN A N   1 
ATOM   250  C  CA  . GLN A 1 33  ? -1.113  21.132  -8.137  1.00 14.74 ? 33   GLN A CA  1 
ATOM   251  C  C   . GLN A 1 33  ? -2.465  20.959  -8.805  1.00 15.83 ? 33   GLN A C   1 
ATOM   252  O  O   . GLN A 1 33  ? -2.683  21.438  -9.920  1.00 17.95 ? 33   GLN A O   1 
ATOM   253  C  CB  . GLN A 1 33  ? -0.132  20.156  -8.804  1.00 16.92 ? 33   GLN A CB  1 
ATOM   254  C  CG  . GLN A 1 33  ? 1.313   20.412  -8.402  1.00 19.26 ? 33   GLN A CG  1 
ATOM   255  C  CD  . GLN A 1 33  ? 2.223   19.285  -8.872  1.00 24.29 ? 33   GLN A CD  1 
ATOM   256  O  OE1 . GLN A 1 33  ? 1.918   18.119  -8.632  1.00 26.81 ? 33   GLN A OE1 1 
ATOM   257  N  NE2 . GLN A 1 33  ? 3.305   19.618  -9.558  1.00 28.54 ? 33   GLN A NE2 1 
ATOM   258  N  N   . ALA A 1 34  ? -3.398  20.328  -8.132  1.00 15.56 ? 34   ALA A N   1 
ATOM   259  C  CA  . ALA A 1 34  ? -4.766  20.113  -8.600  1.00 15.20 ? 34   ALA A CA  1 
ATOM   260  C  C   . ALA A 1 34  ? -5.735  20.420  -7.459  1.00 14.94 ? 34   ALA A C   1 
ATOM   261  O  O   . ALA A 1 34  ? -5.328  20.231  -6.310  1.00 14.90 ? 34   ALA A O   1 
ATOM   262  C  CB  . ALA A 1 34  ? -4.959  18.657  -9.022  1.00 15.98 ? 34   ALA A CB  1 
ATOM   263  N  N   . PRO A 1 35  ? -6.944  20.875  -7.748  1.00 15.33 ? 35   PRO A N   1 
ATOM   264  C  CA  . PRO A 1 35  ? -7.852  21.237  -6.695  1.00 16.29 ? 35   PRO A CA  1 
ATOM   265  C  C   . PRO A 1 35  ? -8.220  20.024  -5.855  1.00 15.15 ? 35   PRO A C   1 
ATOM   266  O  O   . PRO A 1 35  ? -8.408  18.895  -6.326  1.00 16.85 ? 35   PRO A O   1 
ATOM   267  C  CB  . PRO A 1 35  ? -9.069  21.820  -7.389  1.00 19.00 ? 35   PRO A CB  1 
ATOM   268  C  CG  . PRO A 1 35  ? -8.877  21.603  -8.837  1.00 19.87 ? 35   PRO A CG  1 
ATOM   269  C  CD  . PRO A 1 35  ? -7.486  21.115  -9.095  1.00 18.38 ? 35   PRO A CD  1 
ATOM   270  N  N   . TYR A 1 36  ? -8.379  20.236  -4.557  1.00 14.58 ? 36   TYR A N   1 
ATOM   271  C  CA  . TYR A 1 36  ? -8.829  19.191  -3.640  1.00 14.17 ? 36   TYR A CA  1 
ATOM   272  C  C   . TYR A 1 36  ? -10.346 19.088  -3.660  1.00 15.16 ? 36   TYR A C   1 
ATOM   273  O  O   . TYR A 1 36  ? -11.051 20.016  -3.244  1.00 16.49 ? 36   TYR A O   1 
ATOM   274  C  CB  . TYR A 1 36  ? -8.356  19.528  -2.229  1.00 13.71 ? 36   TYR A CB  1 
ATOM   275  C  CG  . TYR A 1 36  ? -8.824  18.603  -1.145  1.00 12.18 ? 36   TYR A CG  1 
ATOM   276  C  CD1 . TYR A 1 36  ? -8.760  17.210  -1.257  1.00 13.60 ? 36   TYR A CD1 1 
ATOM   277  C  CD2 . TYR A 1 36  ? -9.316  19.110  0.047   1.00 15.04 ? 36   TYR A CD2 1 
ATOM   278  C  CE1 . TYR A 1 36  ? -9.178  16.372  -0.236  1.00 14.12 ? 36   TYR A CE1 1 
ATOM   279  C  CE2 . TYR A 1 36  ? -9.726  18.293  1.074   1.00 15.29 ? 36   TYR A CE2 1 
ATOM   280  C  CZ  . TYR A 1 36  ? -9.657  16.922  0.930   1.00 13.54 ? 36   TYR A CZ  1 
ATOM   281  O  OH  . TYR A 1 36  ? -10.071 16.096  1.960   1.00 15.94 ? 36   TYR A OH  1 
ATOM   282  N  N   . ASP A 1 37  ? -10.865 17.951  -4.084  1.00 14.81 ? 37   ASP A N   1 
ATOM   283  C  CA  . ASP A 1 37  ? -12.288 17.619  -4.086  1.00 14.51 ? 37   ASP A CA  1 
ATOM   284  C  C   . ASP A 1 37  ? -12.461 16.593  -2.975  1.00 14.13 ? 37   ASP A C   1 
ATOM   285  O  O   . ASP A 1 37  ? -12.077 15.423  -3.149  1.00 14.98 ? 37   ASP A O   1 
ATOM   286  C  CB  . ASP A 1 37  ? -12.669 17.062  -5.462  1.00 16.33 ? 37   ASP A CB  1 
ATOM   287  C  CG  . ASP A 1 37  ? -14.115 16.639  -5.582  1.00 18.10 ? 37   ASP A CG  1 
ATOM   288  O  OD1 . ASP A 1 37  ? -14.753 16.252  -4.603  1.00 17.21 ? 37   ASP A OD1 1 
ATOM   289  O  OD2 . ASP A 1 37  ? -14.556 16.655  -6.768  1.00 23.08 ? 37   ASP A OD2 1 
ATOM   290  N  N   . ALA A 1 38  ? -12.888 17.016  -1.797  1.00 14.20 ? 38   ALA A N   1 
ATOM   291  C  CA  . ALA A 1 38  ? -12.873 16.129  -0.639  1.00 14.55 ? 38   ALA A CA  1 
ATOM   292  C  C   . ALA A 1 38  ? -13.679 14.880  -0.850  1.00 14.58 ? 38   ALA A C   1 
ATOM   293  O  O   . ALA A 1 38  ? -13.237 13.799  -0.470  1.00 14.03 ? 38   ALA A O   1 
ATOM   294  C  CB  . ALA A 1 38  ? -13.317 16.887  0.597   1.00 15.95 ? 38   ALA A CB  1 
ATOM   295  N  N   . ALA A 1 39  ? -14.844 14.951  -1.497  1.00 14.24 ? 39   ALA A N   1 
ATOM   296  C  CA  . ALA A 1 39  ? -15.683 13.771  -1.683  1.00 14.30 ? 39   ALA A CA  1 
ATOM   297  C  C   . ALA A 1 39  ? -15.011 12.818  -2.660  1.00 14.00 ? 39   ALA A C   1 
ATOM   298  O  O   . ALA A 1 39  ? -15.045 11.602  -2.418  1.00 14.97 ? 39   ALA A O   1 
ATOM   299  C  CB  . ALA A 1 39  ? -17.057 14.214  -2.198  1.00 15.57 ? 39   ALA A CB  1 
ATOM   300  N  N   . GLN A 1 40  ? -14.362 13.315  -3.694  1.00 14.07 ? 40   GLN A N   1 
ATOM   301  C  CA  . GLN A 1 40  ? -13.728 12.416  -4.665  1.00 15.22 ? 40   GLN A CA  1 
ATOM   302  C  C   . GLN A 1 40  ? -12.541 11.717  -4.002  1.00 14.55 ? 40   GLN A C   1 
ATOM   303  O  O   . GLN A 1 40  ? -12.366 10.506  -4.140  1.00 15.06 ? 40   GLN A O   1 
ATOM   304  C  CB  . GLN A 1 40  ? -13.252 13.122  -5.922  1.00 15.73 ? 40   GLN A CB  1 
ATOM   305  C  CG  . GLN A 1 40  ? -12.951 12.226  -7.113  1.00 19.67 ? 40   GLN A CG  1 
ATOM   306  C  CD  . GLN A 1 40  ? -11.813 11.239  -6.974  1.00 25.72 ? 40   GLN A CD  1 
ATOM   307  O  OE1 . GLN A 1 40  ? -10.707 11.597  -6.562  1.00 27.83 ? 40   GLN A OE1 1 
ATOM   308  N  NE2 . GLN A 1 40  ? -12.033 9.959   -7.298  1.00 30.59 ? 40   GLN A NE2 1 
ATOM   309  N  N   . ILE A 1 41  ? -11.722 12.490  -3.286  1.00 13.53 ? 41   ILE A N   1 
ATOM   310  C  CA  . ILE A 1 41  ? -10.588 11.881  -2.573  1.00 13.95 ? 41   ILE A CA  1 
ATOM   311  C  C   . ILE A 1 41  ? -11.092 10.902  -1.546  1.00 12.23 ? 41   ILE A C   1 
ATOM   312  O  O   . ILE A 1 41  ? -10.502 9.790   -1.432  1.00 12.54 ? 41   ILE A O   1 
ATOM   313  C  CB  . ILE A 1 41  ? -9.742  12.990  -1.954  1.00 12.79 ? 41   ILE A CB  1 
ATOM   314  C  CG1 . ILE A 1 41  ? -8.994  13.762  -3.045  1.00 14.51 ? 41   ILE A CG1 1 
ATOM   315  C  CG2 . ILE A 1 41  ? -8.720  12.396  -0.976  1.00 14.08 ? 41   ILE A CG2 1 
ATOM   316  C  CD1 . ILE A 1 41  ? -7.966  12.950  -3.813  1.00 16.32 ? 41   ILE A CD1 1 
ATOM   317  N  N   . LYS A 1 42  ? -12.158 11.137  -0.813  1.00 12.11 ? 42   LYS A N   1 
ATOM   318  C  CA  . LYS A 1 42  ? -12.673 10.201  0.164   1.00 13.31 ? 42   LYS A CA  1 
ATOM   319  C  C   . LYS A 1 42  ? -13.041 8.877   -0.495  1.00 13.95 ? 42   LYS A C   1 
ATOM   320  O  O   . LYS A 1 42  ? -12.701 7.809   0.001   1.00 13.37 ? 42   LYS A O   1 
ATOM   321  C  CB  . LYS A 1 42  ? -13.858 10.825  0.924   1.00 14.15 ? 42   LYS A CB  1 
ATOM   322  C  CG  . LYS A 1 42  ? -14.451 9.883   1.951   1.00 15.37 ? 42   LYS A CG  1 
ATOM   323  C  CD  . LYS A 1 42  ? -15.610 10.560  2.689   1.00 18.85 ? 42   LYS A CD  1 
ATOM   324  C  CE  . LYS A 1 42  ? -16.289 9.547   3.587   1.00 27.01 ? 42   LYS A CE  1 
ATOM   325  N  NZ  . LYS A 1 42  ? -17.566 10.065  4.161   1.00 30.37 ? 42   LYS A NZ  1 
ATOM   326  N  N   . ALA A 1 43  ? -13.685 8.946   -1.671  1.00 13.48 ? 43   ALA A N   1 
ATOM   327  C  CA  . ALA A 1 43  ? -14.046 7.735   -2.400  1.00 13.07 ? 43   ALA A CA  1 
ATOM   328  C  C   . ALA A 1 43  ? -12.789 7.011   -2.890  1.00 12.74 ? 43   ALA A C   1 
ATOM   329  O  O   . ALA A 1 43  ? -12.697 5.781   -2.826  1.00 12.58 ? 43   ALA A O   1 
ATOM   330  C  CB  . ALA A 1 43  ? -14.961 8.126   -3.560  1.00 14.31 ? 43   ALA A CB  1 
ATOM   331  N  N   . ASN A 1 44  ? -11.807 7.725   -3.431  1.00 11.21 ? 44   ASN A N   1 
ATOM   332  C  CA  . ASN A 1 44  ? -10.573 7.093   -3.885  1.00 11.43 ? 44   ASN A CA  1 
ATOM   333  C  C   . ASN A 1 44  ? -9.787  6.419   -2.753  1.00 11.53 ? 44   ASN A C   1 
ATOM   334  O  O   . ASN A 1 44  ? -9.251  5.316   -2.941  1.00 12.11 ? 44   ASN A O   1 
ATOM   335  C  CB  . ASN A 1 44  ? -9.677  8.063   -4.651  1.00 12.15 ? 44   ASN A CB  1 
ATOM   336  C  CG  . ASN A 1 44  ? -8.492  7.330   -5.241  1.00 12.21 ? 44   ASN A CG  1 
ATOM   337  O  OD1 . ASN A 1 44  ? -8.653  6.512   -6.159  1.00 13.61 ? 44   ASN A OD1 1 
ATOM   338  N  ND2 . ASN A 1 44  ? -7.291  7.575   -4.777  1.00 13.12 ? 44   ASN A ND2 1 
ATOM   339  N  N   . VAL A 1 45  ? -9.772  7.071   -1.592  1.00 11.52 ? 45   VAL A N   1 
ATOM   340  C  CA  . VAL A 1 45  ? -9.035  6.496   -0.453  1.00 11.39 ? 45   VAL A CA  1 
ATOM   341  C  C   . VAL A 1 45  ? -9.776  5.298   0.058   1.00 13.40 ? 45   VAL A C   1 
ATOM   342  O  O   . VAL A 1 45  ? -9.134  4.331   0.502   1.00 12.93 ? 45   VAL A O   1 
ATOM   343  C  CB  . VAL A 1 45  ? -8.773  7.562   0.618   1.00 11.53 ? 45   VAL A CB  1 
ATOM   344  C  CG1 . VAL A 1 45  ? -8.165  6.981   1.891   1.00 13.49 ? 45   VAL A CG1 1 
ATOM   345  C  CG2 . VAL A 1 45  ? -7.820  8.605   0.067   1.00 12.60 ? 45   VAL A CG2 1 
ATOM   346  N  N   . GLU A 1 46  ? -11.111 5.231   -0.031  1.00 12.05 ? 46   GLU A N   1 
ATOM   347  C  CA  . GLU A 1 46  ? -11.815 3.998   0.315   1.00 12.56 ? 46   GLU A CA  1 
ATOM   348  C  C   . GLU A 1 46  ? -11.420 2.853   -0.604  1.00 12.80 ? 46   GLU A C   1 
ATOM   349  O  O   . GLU A 1 46  ? -11.274 1.715   -0.117  1.00 13.12 ? 46   GLU A O   1 
ATOM   350  C  CB  . GLU A 1 46  ? -13.331 4.233   0.240   1.00 15.43 ? 46   GLU A CB  1 
ATOM   351  C  CG  . GLU A 1 46  ? -13.872 4.861   1.510   1.00 19.76 ? 46   GLU A CG  1 
ATOM   352  C  CD  . GLU A 1 46  ? -13.995 3.857   2.643   1.00 29.12 ? 46   GLU A CD  1 
ATOM   353  O  OE1 . GLU A 1 46  ? -13.736 2.647   2.470   1.00 30.53 ? 46   GLU A OE1 1 
ATOM   354  O  OE2 . GLU A 1 46  ? -14.376 4.285   3.752   1.00 36.20 ? 46   GLU A OE2 1 
ATOM   355  N  N   . VAL A 1 47  ? -11.281 3.101   -1.890  1.00 11.88 ? 47   VAL A N   1 
ATOM   356  C  CA  . VAL A 1 47  ? -10.784 2.083   -2.818  1.00 12.34 ? 47   VAL A CA  1 
ATOM   357  C  C   . VAL A 1 47  ? -9.392  1.615   -2.394  1.00 12.65 ? 47   VAL A C   1 
ATOM   358  O  O   . VAL A 1 47  ? -9.098  0.412   -2.253  1.00 11.74 ? 47   VAL A O   1 
ATOM   359  C  CB  . VAL A 1 47  ? -10.774 2.547   -4.278  1.00 12.40 ? 47   VAL A CB  1 
ATOM   360  C  CG1 . VAL A 1 47  ? -10.169 1.474   -5.176  1.00 13.67 ? 47   VAL A CG1 1 
ATOM   361  C  CG2 . VAL A 1 47  ? -12.192 2.867   -4.753  1.00 14.50 ? 47   VAL A CG2 1 
ATOM   362  N  N   . LEU A 1 48  ? -8.484  2.560   -2.152  1.00 12.29 ? 48   LEU A N   1 
ATOM   363  C  CA  . LEU A 1 48  ? -7.134  2.260   -1.699  1.00 11.71 ? 48   LEU A CA  1 
ATOM   364  C  C   . LEU A 1 48  ? -7.156  1.473   -0.393  1.00 11.84 ? 48   LEU A C   1 
ATOM   365  O  O   . LEU A 1 48  ? -6.581  0.366   -0.414  1.00 14.40 ? 48   LEU A O   1 
ATOM   366  C  CB  . LEU A 1 48  ? -6.341  3.572   -1.580  1.00 11.29 ? 48   LEU A CB  1 
ATOM   367  C  CG  . LEU A 1 48  ? -4.923  3.393   -1.056  1.00 11.71 ? 48   LEU A CG  1 
ATOM   368  C  CD1 . LEU A 1 48  ? -4.085  2.543   -2.001  1.00 14.65 ? 48   LEU A CD1 1 
ATOM   369  C  CD2 . LEU A 1 48  ? -4.260  4.759   -0.944  1.00 14.66 ? 48   LEU A CD2 1 
ATOM   370  N  N   . LYS A 1 49  ? -7.854  1.868   0.631   1.00 12.50 ? 49   LYS A N   1 
ATOM   371  C  CA  . LYS A 1 49  ? -8.060  1.091   1.845   1.00 12.06 ? 49   LYS A CA  1 
ATOM   372  C  C   . LYS A 1 49  ? -8.363  -0.371  1.532   1.00 13.15 ? 49   LYS A C   1 
ATOM   373  O  O   . LYS A 1 49  ? -7.731  -1.305  2.039   1.00 13.13 ? 49   LYS A O   1 
ATOM   374  C  CB  . LYS A 1 49  ? -9.203  1.688   2.688   1.00 13.17 ? 49   LYS A CB  1 
ATOM   375  C  CG  . LYS A 1 49  ? -9.523  0.901   3.946   1.00 15.28 ? 49   LYS A CG  1 
ATOM   376  C  CD  . LYS A 1 49  ? -10.775 1.404   4.657   1.00 17.50 ? 49   LYS A CD  1 
ATOM   377  C  CE  . LYS A 1 49  ? -11.000 0.501   5.876   1.00 19.30 ? 49   LYS A CE  1 
ATOM   378  N  NZ  . LYS A 1 49  ? -12.327 0.698   6.500   1.00 24.74 ? 49   LYS A NZ  1 
ATOM   379  N  N   . THR A 1 50  ? -9.329  -0.614  0.656   1.00 11.53 ? 50   THR A N   1 
ATOM   380  C  CA  . THR A 1 50  ? -9.741  -1.950  0.257   1.00 13.19 ? 50   THR A CA  1 
ATOM   381  C  C   . THR A 1 50  ? -8.552  -2.689  -0.338  1.00 11.47 ? 50   THR A C   1 
ATOM   382  O  O   . THR A 1 50  ? -8.157  -3.818  0.035   1.00 12.54 ? 50   THR A O   1 
ATOM   383  C  CB  . THR A 1 50  ? -10.884 -1.834  -0.775  1.00 15.56 ? 50   THR A CB  1 
ATOM   384  O  OG1 . THR A 1 50  ? -12.022 -1.190  -0.179  1.00 21.35 ? 50   THR A OG1 1 
ATOM   385  C  CG2 . THR A 1 50  ? -11.237 -3.206  -1.326  1.00 18.41 ? 50   THR A CG2 1 
ATOM   386  N  N   . LEU A 1 51  ? -7.928  -2.069  -1.341  1.00 10.44 ? 51   LEU A N   1 
ATOM   387  C  CA  . LEU A 1 51  ? -6.818  -2.677  -2.021  1.00 12.20 ? 51   LEU A CA  1 
ATOM   388  C  C   . LEU A 1 51  ? -5.582  -2.948  -1.175  1.00 11.63 ? 51   LEU A C   1 
ATOM   389  O  O   . LEU A 1 51  ? -4.903  -3.984  -1.339  1.00 12.63 ? 51   LEU A O   1 
ATOM   390  C  CB  . LEU A 1 51  ? -6.369  -1.795  -3.205  1.00 13.35 ? 51   LEU A CB  1 
ATOM   391  C  CG  . LEU A 1 51  ? -7.385  -1.631  -4.332  1.00 12.58 ? 51   LEU A CG  1 
ATOM   392  C  CD1 . LEU A 1 51  ? -6.943  -0.511  -5.276  1.00 14.42 ? 51   LEU A CD1 1 
ATOM   393  C  CD2 . LEU A 1 51  ? -7.491  -2.940  -5.121  1.00 17.10 ? 51   LEU A CD2 1 
ATOM   394  N  N   . SER A 1 52  ? -5.325  -2.085  -0.209  1.00 11.77 ? 52   SER A N   1 
ATOM   395  C  CA  . SER A 1 52  ? -4.112  -2.114  0.611   1.00 10.92 ? 52   SER A CA  1 
ATOM   396  C  C   . SER A 1 52  ? -4.080  -3.313  1.519   1.00 12.85 ? 52   SER A C   1 
ATOM   397  O  O   . SER A 1 52  ? -2.969  -3.637  1.997   1.00 13.40 ? 52   SER A O   1 
ATOM   398  C  CB  . SER A 1 52  ? -4.046  -0.830  1.462   1.00 12.34 ? 52   SER A CB  1 
ATOM   399  O  OG  . SER A 1 52  ? -4.989  -0.837  2.496   1.00 15.83 ? 52   SER A OG  1 
ATOM   400  N  N   . ALA A 1 53  ? -5.192  -3.958  1.810   1.00 11.09 ? 53   ALA A N   1 
ATOM   401  C  CA  . ALA A 1 53  ? -5.192  -5.144  2.643   1.00 12.68 ? 53   ALA A CA  1 
ATOM   402  C  C   . ALA A 1 53  ? -4.990  -6.423  1.844   1.00 12.05 ? 53   ALA A C   1 
ATOM   403  O  O   . ALA A 1 53  ? -4.769  -7.467  2.475   1.00 15.59 ? 53   ALA A O   1 
ATOM   404  C  CB  . ALA A 1 53  ? -6.546  -5.225  3.354   1.00 14.78 ? 53   ALA A CB  1 
ATOM   405  N  N   . LEU A 1 54  ? -5.048  -6.380  0.533   1.00 11.42 ? 54   LEU A N   1 
ATOM   406  C  CA  . LEU A 1 54  ? -5.068  -7.595  -0.274  1.00 11.53 ? 54   LEU A CA  1 
ATOM   407  C  C   . LEU A 1 54  ? -3.780  -8.280  -0.536  1.00 12.59 ? 54   LEU A C   1 
ATOM   408  O  O   . LEU A 1 54  ? -3.768  -9.534  -0.609  1.00 12.08 ? 54   LEU A O   1 
ATOM   409  C  CB  . LEU A 1 54  ? -5.774  -7.325  -1.637  1.00 12.14 ? 54   LEU A CB  1 
ATOM   410  C  CG  . LEU A 1 54  ? -7.219  -6.798  -1.535  1.00 11.85 ? 54   LEU A CG  1 
ATOM   411  C  CD1 . LEU A 1 54  ? -7.809  -6.621  -2.926  1.00 14.72 ? 54   LEU A CD1 1 
ATOM   412  C  CD2 . LEU A 1 54  ? -8.068  -7.709  -0.673  1.00 14.05 ? 54   LEU A CD2 1 
ATOM   413  N  N   . PRO A 1 55  ? -2.619  -7.634  -0.725  1.00 11.37 ? 55   PRO A N   1 
ATOM   414  C  CA  . PRO A 1 55  ? -1.455  -8.397  -1.138  1.00 11.92 ? 55   PRO A CA  1 
ATOM   415  C  C   . PRO A 1 55  ? -0.971  -9.405  -0.111  1.00 11.57 ? 55   PRO A C   1 
ATOM   416  O  O   . PRO A 1 55  ? -0.406  -10.436 -0.515  1.00 12.07 ? 55   PRO A O   1 
ATOM   417  C  CB  . PRO A 1 55  ? -0.409  -7.292  -1.325  1.00 12.32 ? 55   PRO A CB  1 
ATOM   418  C  CG  . PRO A 1 55  ? -1.161  -6.016  -1.599  1.00 12.02 ? 55   PRO A CG  1 
ATOM   419  C  CD  . PRO A 1 55  ? -2.427  -6.161  -0.792  1.00 12.51 ? 55   PRO A CD  1 
ATOM   420  N  N   . TRP A 1 56  ? -1.130  -9.131  1.168   1.00 11.22 ? 56   TRP A N   1 
ATOM   421  C  CA  . TRP A 1 56  ? -0.329  -9.776  2.205   1.00 12.88 ? 56   TRP A CA  1 
ATOM   422  C  C   . TRP A 1 56  ? -0.662  -11.236 2.428   1.00 14.30 ? 56   TRP A C   1 
ATOM   423  O  O   . TRP A 1 56  ? 0.238   -12.065 2.602   1.00 16.52 ? 56   TRP A O   1 
ATOM   424  C  CB  . TRP A 1 56  ? -0.369  -8.977  3.530   1.00 14.73 ? 56   TRP A CB  1 
ATOM   425  C  CG  . TRP A 1 56  ? -0.301  -7.506  3.172   1.00 12.75 ? 56   TRP A CG  1 
ATOM   426  C  CD1 . TRP A 1 56  ? -1.314  -6.615  3.389   1.00 13.41 ? 56   TRP A CD1 1 
ATOM   427  C  CD2 . TRP A 1 56  ? 0.723   -6.825  2.436   1.00 12.24 ? 56   TRP A CD2 1 
ATOM   428  N  NE1 . TRP A 1 56  ? -0.941  -5.392  2.876   1.00 12.92 ? 56   TRP A NE1 1 
ATOM   429  C  CE2 . TRP A 1 56  ? 0.272   -5.500  2.258   1.00 11.06 ? 56   TRP A CE2 1 
ATOM   430  C  CE3 . TRP A 1 56  ? 1.956   -7.182  1.884   1.00 12.28 ? 56   TRP A CE3 1 
ATOM   431  C  CZ2 . TRP A 1 56  ? 1.012   -4.569  1.536   1.00 12.93 ? 56   TRP A CZ2 1 
ATOM   432  C  CZ3 . TRP A 1 56  ? 2.698   -6.248  1.181   1.00 13.80 ? 56   TRP A CZ3 1 
ATOM   433  C  CH2 . TRP A 1 56  ? 2.211   -4.936  1.017   1.00 12.93 ? 56   TRP A CH2 1 
ATOM   434  N  N   . ALA A 1 57  ? -1.902  -11.615 2.157   1.00 14.95 ? 57   ALA A N   1 
ATOM   435  C  CA  . ALA A 1 57  ? -2.352  -12.999 2.221   1.00 17.58 ? 57   ALA A CA  1 
ATOM   436  C  C   . ALA A 1 57  ? -1.747  -13.852 1.134   1.00 13.75 ? 57   ALA A C   1 
ATOM   437  O  O   . ALA A 1 57  ? -1.789  -15.090 1.183   1.00 13.79 ? 57   ALA A O   1 
ATOM   438  C  CB  . ALA A 1 57  ? -3.875  -13.058 2.131   1.00 23.21 ? 57   ALA A CB  1 
ATOM   439  N  N   . ALA A 1 58  ? -1.192  -13.280 0.074   1.00 12.40 ? 58   ALA A N   1 
ATOM   440  C  CA  . ALA A 1 58  ? -0.550  -13.929 -1.039  1.00 11.64 ? 58   ALA A CA  1 
ATOM   441  C  C   . ALA A 1 58  ? 0.964   -13.990 -0.865  1.00 11.73 ? 58   ALA A C   1 
ATOM   442  O  O   . ALA A 1 58  ? 1.689   -14.338 -1.799  1.00 13.34 ? 58   ALA A O   1 
ATOM   443  C  CB  . ALA A 1 58  ? -0.957  -13.263 -2.349  1.00 13.65 ? 58   ALA A CB  1 
ATOM   444  N  N   . PHE A 1 59  ? 1.449   -13.752 0.350   1.00 12.59 ? 59   PHE A N   1 
ATOM   445  C  CA  . PHE A 1 59  ? 2.851   -13.960 0.691   1.00 13.42 ? 59   PHE A CA  1 
ATOM   446  C  C   . PHE A 1 59  ? 2.929   -15.005 1.810   1.00 14.64 ? 59   PHE A C   1 
ATOM   447  O  O   . PHE A 1 59  ? 3.766   -14.928 2.721   1.00 15.36 ? 59   PHE A O   1 
ATOM   448  C  CB  . PHE A 1 59  ? 3.525   -12.668 1.153   1.00 15.16 ? 59   PHE A CB  1 
ATOM   449  C  CG  . PHE A 1 59  ? 3.826   -11.607 0.135   1.00 13.17 ? 59   PHE A CG  1 
ATOM   450  C  CD1 . PHE A 1 59  ? 5.010   -11.542 -0.581  1.00 13.22 ? 59   PHE A CD1 1 
ATOM   451  C  CD2 . PHE A 1 59  ? 2.899   -10.583 -0.052  1.00 13.00 ? 59   PHE A CD2 1 
ATOM   452  C  CE1 . PHE A 1 59  ? 5.246   -10.490 -1.450  1.00 14.05 ? 59   PHE A CE1 1 
ATOM   453  C  CE2 . PHE A 1 59  ? 3.139   -9.534  -0.918  1.00 13.75 ? 59   PHE A CE2 1 
ATOM   454  C  CZ  . PHE A 1 59  ? 4.313   -9.484  -1.627  1.00 13.07 ? 59   PHE A CZ  1 
ATOM   455  N  N   . GLY A 1 60  ? 2.045   -15.999 1.709   1.00 15.26 ? 60   GLY A N   1 
ATOM   456  C  CA  . GLY A 1 60  ? 2.037   -17.070 2.714   1.00 15.07 ? 60   GLY A CA  1 
ATOM   457  C  C   . GLY A 1 60  ? 3.198   -18.037 2.543   1.00 17.33 ? 60   GLY A C   1 
ATOM   458  O  O   . GLY A 1 60  ? 4.043   -17.903 1.650   1.00 15.31 ? 60   GLY A O   1 
ATOM   459  N  N   . PRO A 1 61  ? 3.123   -19.170 3.243   1.00 15.51 ? 61   PRO A N   1 
ATOM   460  C  CA  . PRO A 1 61  ? 4.166   -20.185 3.159   1.00 15.92 ? 61   PRO A CA  1 
ATOM   461  C  C   . PRO A 1 61  ? 4.362   -20.648 1.743   1.00 15.81 ? 61   PRO A C   1 
ATOM   462  O  O   . PRO A 1 61  ? 3.440   -20.928 0.989   1.00 16.49 ? 61   PRO A O   1 
ATOM   463  C  CB  . PRO A 1 61  ? 3.601   -21.318 4.030   1.00 17.22 ? 61   PRO A CB  1 
ATOM   464  C  CG  . PRO A 1 61  ? 2.796   -20.615 5.059   1.00 18.14 ? 61   PRO A CG  1 
ATOM   465  C  CD  . PRO A 1 61  ? 2.153   -19.459 4.331   1.00 15.62 ? 61   PRO A CD  1 
ATOM   466  N  N   . GLY A 1 62  ? 5.634   -20.757 1.310   1.00 14.40 ? 62   GLY A N   1 
ATOM   467  C  CA  . GLY A 1 62  ? 5.890   -21.350 0.016   1.00 14.97 ? 62   GLY A CA  1 
ATOM   468  C  C   . GLY A 1 62  ? 5.495   -20.537 -1.204  1.00 15.49 ? 62   GLY A C   1 
ATOM   469  O  O   . GLY A 1 62  ? 5.278   -21.089 -2.280  1.00 18.55 ? 62   GLY A O   1 
ATOM   470  N  N   . THR A 1 63  ? 5.481   -19.211 -1.074  1.00 15.59 ? 63   THR A N   1 
ATOM   471  C  CA  . THR A 1 63  ? 5.101   -18.330 -2.173  1.00 16.00 ? 63   THR A CA  1 
ATOM   472  C  C   . THR A 1 63  ? 6.247   -17.440 -2.648  1.00 14.74 ? 63   THR A C   1 
ATOM   473  O  O   . THR A 1 63  ? 6.054   -16.390 -3.273  1.00 14.34 ? 63   THR A O   1 
ATOM   474  C  CB  . THR A 1 63  ? 3.883   -17.448 -1.811  1.00 14.08 ? 63   THR A CB  1 
ATOM   475  O  OG1 . THR A 1 63  ? 4.168   -16.577 -0.750  1.00 14.52 ? 63   THR A OG1 1 
ATOM   476  C  CG2 . THR A 1 63  ? 2.673   -18.330 -1.490  1.00 16.00 ? 63   THR A CG2 1 
ATOM   477  N  N   . GLU A 1 64  ? 7.466   -17.919 -2.464  1.00 14.08 ? 64   GLU A N   1 
ATOM   478  C  CA  . GLU A 1 64  ? 8.641   -17.306 -3.055  1.00 13.23 ? 64   GLU A CA  1 
ATOM   479  C  C   . GLU A 1 64  ? 8.471   -17.211 -4.574  1.00 12.53 ? 64   GLU A C   1 
ATOM   480  O  O   . GLU A 1 64  ? 7.853   -18.042 -5.218  1.00 13.84 ? 64   GLU A O   1 
ATOM   481  C  CB  . GLU A 1 64  ? 9.874   -18.139 -2.719  1.00 14.24 ? 64   GLU A CB  1 
ATOM   482  C  CG  . GLU A 1 64  ? 9.819   -19.579 -3.176  1.00 24.78 ? 64   GLU A CG  1 
ATOM   483  C  CD  . GLU A 1 64  ? 9.085   -20.541 -2.245  1.00 22.94 ? 64   GLU A CD  1 
ATOM   484  O  OE1 . GLU A 1 64  ? 8.670   -20.130 -1.141  1.00 21.78 ? 64   GLU A OE1 1 
ATOM   485  O  OE2 . GLU A 1 64  ? 8.964   -21.711 -2.701  1.00 25.87 ? 64   GLU A OE2 1 
ATOM   486  N  N   . GLY A 1 65  ? 8.898   -16.049 -5.086  1.00 12.77 ? 65   GLY A N   1 
ATOM   487  C  CA  . GLY A 1 65  ? 8.793   -15.818 -6.530  1.00 14.23 ? 65   GLY A CA  1 
ATOM   488  C  C   . GLY A 1 65  ? 8.655   -14.313 -6.799  1.00 14.15 ? 65   GLY A C   1 
ATOM   489  O  O   . GLY A 1 65  ? 8.766   -13.488 -5.901  1.00 13.60 ? 65   GLY A O   1 
ATOM   490  N  N   . GLY A 1 66  ? 8.472   -14.025 -8.072  1.00 13.60 ? 66   GLY A N   1 
ATOM   491  C  CA  . GLY A 1 66  ? 8.342   -12.633 -8.512  1.00 14.22 ? 66   GLY A CA  1 
ATOM   492  C  C   . GLY A 1 66  ? 9.595   -11.848 -8.168  1.00 14.70 ? 66   GLY A C   1 
ATOM   493  O  O   . GLY A 1 66  ? 10.739  -12.318 -8.189  1.00 15.74 ? 66   GLY A O   1 
ATOM   494  N  N   . ASP A 1 67  ? 9.375   -10.615 -7.715  1.00 13.35 ? 67   ASP A N   1 
ATOM   495  C  CA  . ASP A 1 67  ? 10.462  -9.729  -7.314  1.00 13.34 ? 67   ASP A CA  1 
ATOM   496  C  C   . ASP A 1 67  ? 10.557  -9.650  -5.807  1.00 14.12 ? 67   ASP A C   1 
ATOM   497  O  O   . ASP A 1 67  ? 11.167  -8.761  -5.229  1.00 16.52 ? 67   ASP A O   1 
ATOM   498  C  CB  . ASP A 1 67  ? 10.336  -8.339  -7.945  1.00 16.81 ? 67   ASP A CB  1 
ATOM   499  C  CG  . ASP A 1 67  ? 10.710  -8.314  -9.409  1.00 22.98 ? 67   ASP A CG  1 
ATOM   500  O  OD1 . ASP A 1 67  ? 11.244  -9.304  -9.958  1.00 27.02 ? 67   ASP A OD1 1 
ATOM   501  O  OD2 . ASP A 1 67  ? 10.461  -7.257  -10.031 1.00 22.58 ? 67   ASP A OD2 1 
ATOM   502  N  N   . ALA A 1 68  ? 9.932   -10.588 -5.094  1.00 12.82 ? 68   ALA A N   1 
ATOM   503  C  CA  . ALA A 1 68  ? 9.919   -10.675 -3.644  1.00 13.03 ? 68   ALA A CA  1 
ATOM   504  C  C   . ALA A 1 68  ? 11.215  -11.276 -3.110  1.00 14.18 ? 68   ALA A C   1 
ATOM   505  O  O   . ALA A 1 68  ? 11.615  -12.354 -3.608  1.00 17.44 ? 68   ALA A O   1 
ATOM   506  C  CB  . ALA A 1 68  ? 8.754   -11.573 -3.232  1.00 13.77 ? 68   ALA A CB  1 
ATOM   507  N  N   . ARG A 1 69  ? 11.879  -10.600 -2.181  1.00 12.82 ? 69   ARG A N   1 
ATOM   508  C  CA  . ARG A 1 69  ? 13.141  -11.152 -1.644  1.00 13.99 ? 69   ARG A CA  1 
ATOM   509  C  C   . ARG A 1 69  ? 12.849  -12.270 -0.660  1.00 14.42 ? 69   ARG A C   1 
ATOM   510  O  O   . ARG A 1 69  ? 11.883  -12.205 0.119   1.00 13.35 ? 69   ARG A O   1 
ATOM   511  C  CB  . ARG A 1 69  ? 13.947  -10.045 -0.942  1.00 13.94 ? 69   ARG A CB  1 
ATOM   512  C  CG  . ARG A 1 69  ? 14.574  -9.054  -1.922  1.00 16.34 ? 69   ARG A CG  1 
ATOM   513  C  CD  . ARG A 1 69  ? 15.356  -7.988  -1.178  1.00 21.75 ? 69   ARG A CD  1 
ATOM   514  N  NE  . ARG A 1 69  ? 15.987  -7.035  -2.076  1.00 29.40 ? 69   ARG A NE  1 
ATOM   515  C  CZ  . ARG A 1 69  ? 17.123  -7.158  -2.740  1.00 33.87 ? 69   ARG A CZ  1 
ATOM   516  N  NH1 . ARG A 1 69  ? 17.863  -8.262  -2.660  1.00 35.08 ? 69   ARG A NH1 1 
ATOM   517  N  NH2 . ARG A 1 69  ? 17.530  -6.150  -3.504  1.00 35.97 ? 69   ARG A NH2 1 
ATOM   518  N  N   . PRO A 1 70  ? 13.759  -13.251 -0.540  1.00 14.26 ? 70   PRO A N   1 
ATOM   519  C  CA  . PRO A 1 70  ? 13.564  -14.344 0.394   1.00 13.75 ? 70   PRO A CA  1 
ATOM   520  C  C   . PRO A 1 70  ? 13.513  -13.912 1.834   1.00 14.13 ? 70   PRO A C   1 
ATOM   521  O  O   . PRO A 1 70  ? 12.915  -14.612 2.659   1.00 14.14 ? 70   PRO A O   1 
ATOM   522  C  CB  . PRO A 1 70  ? 14.738  -15.286 0.152   1.00 15.88 ? 70   PRO A CB  1 
ATOM   523  C  CG  . PRO A 1 70  ? 15.676  -14.560 -0.726  1.00 17.39 ? 70   PRO A CG  1 
ATOM   524  C  CD  . PRO A 1 70  ? 14.911  -13.465 -1.437  1.00 15.45 ? 70   PRO A CD  1 
ATOM   525  N  N   . GLU A 1 71  ? 14.091  -12.764 2.194   1.00 13.32 ? 71   GLU A N   1 
ATOM   526  C  CA  . GLU A 1 71  ? 14.075  -12.270 3.556   1.00 14.62 ? 71   GLU A CA  1 
ATOM   527  C  C   . GLU A 1 71  ? 12.688  -11.909 4.047   1.00 14.56 ? 71   GLU A C   1 
ATOM   528  O  O   . GLU A 1 71  ? 12.467  -11.787 5.254   1.00 15.25 ? 71   GLU A O   1 
ATOM   529  C  CB  . GLU A 1 71  ? 15.006  -11.054 3.641   1.00 18.93 ? 71   GLU A CB  1 
ATOM   530  C  CG  . GLU A 1 71  ? 16.490  -11.431 3.570   1.00 21.77 ? 71   GLU A CG  1 
ATOM   531  C  CD  . GLU A 1 71  ? 17.014  -11.667 2.180   1.00 22.91 ? 71   GLU A CD  1 
ATOM   532  O  OE1 . GLU A 1 71  ? 16.351  -11.411 1.146   1.00 19.18 ? 71   GLU A OE1 1 
ATOM   533  O  OE2 . GLU A 1 71  ? 18.172  -12.151 2.017   1.00 28.59 ? 71   GLU A OE2 1 
ATOM   534  N  N   . ILE A 1 72  ? 11.688  -11.779 3.173   1.00 14.61 ? 72   ILE A N   1 
ATOM   535  C  CA  . ILE A 1 72  ? 10.297  -11.641 3.590   1.00 14.78 ? 72   ILE A CA  1 
ATOM   536  C  C   . ILE A 1 72  ? 9.900   -12.798 4.509   1.00 14.90 ? 72   ILE A C   1 
ATOM   537  O  O   . ILE A 1 72  ? 9.215   -12.590 5.514   1.00 15.74 ? 72   ILE A O   1 
ATOM   538  C  CB  . ILE A 1 72  ? 9.369   -11.649 2.361   1.00 13.64 ? 72   ILE A CB  1 
ATOM   539  C  CG1 . ILE A 1 72  ? 9.550   -10.318 1.600   1.00 13.63 ? 72   ILE A CG1 1 
ATOM   540  C  CG2 . ILE A 1 72  ? 7.905   -11.881 2.738   1.00 13.57 ? 72   ILE A CG2 1 
ATOM   541  C  CD1 . ILE A 1 72  ? 8.718   -10.264 0.333   1.00 14.78 ? 72   ILE A CD1 1 
ATOM   542  N  N   . TRP A 1 73  ? 10.394  -14.005 4.201   1.00 14.39 ? 73   TRP A N   1 
ATOM   543  C  CA  . TRP A 1 73  ? 10.086  -15.201 4.960   1.00 15.28 ? 73   TRP A CA  1 
ATOM   544  C  C   . TRP A 1 73  ? 11.182  -15.558 5.947   1.00 16.24 ? 73   TRP A C   1 
ATOM   545  O  O   . TRP A 1 73  ? 10.824  -16.028 7.050   1.00 18.91 ? 73   TRP A O   1 
ATOM   546  C  CB  . TRP A 1 73  ? 9.880   -16.377 4.001   1.00 14.94 ? 73   TRP A CB  1 
ATOM   547  C  CG  . TRP A 1 73  ? 8.699   -16.119 3.117   1.00 14.53 ? 73   TRP A CG  1 
ATOM   548  C  CD1 . TRP A 1 73  ? 7.405   -16.401 3.439   1.00 17.18 ? 73   TRP A CD1 1 
ATOM   549  C  CD2 . TRP A 1 73  ? 8.691   -15.553 1.806   1.00 13.16 ? 73   TRP A CD2 1 
ATOM   550  N  NE1 . TRP A 1 73  ? 6.597   -16.033 2.399   1.00 17.65 ? 73   TRP A NE1 1 
ATOM   551  C  CE2 . TRP A 1 73  ? 7.341   -15.491 1.387   1.00 15.31 ? 73   TRP A CE2 1 
ATOM   552  C  CE3 . TRP A 1 73  ? 9.678   -15.045 0.963   1.00 14.65 ? 73   TRP A CE3 1 
ATOM   553  C  CZ2 . TRP A 1 73  ? 6.988   -14.990 0.141   1.00 16.74 ? 73   TRP A CZ2 1 
ATOM   554  C  CZ3 . TRP A 1 73  ? 9.316   -14.537 -0.266  1.00 14.71 ? 73   TRP A CZ3 1 
ATOM   555  C  CH2 . TRP A 1 73  ? 7.970   -14.501 -0.671  1.00 15.19 ? 73   TRP A CH2 1 
ATOM   556  N  N   . SER A 1 74  ? 12.443  -15.240 5.704   1.00 16.00 ? 74   SER A N   1 
ATOM   557  C  CA  . SER A 1 74  ? 13.473  -15.601 6.687   1.00 16.80 ? 74   SER A CA  1 
ATOM   558  C  C   . SER A 1 74  ? 13.482  -14.617 7.834   1.00 19.18 ? 74   SER A C   1 
ATOM   559  O  O   . SER A 1 74  ? 13.922  -14.930 8.950   1.00 20.74 ? 74   SER A O   1 
ATOM   560  C  CB  . SER A 1 74  ? 14.835  -15.754 6.023   1.00 20.50 ? 74   SER A CB  1 
ATOM   561  O  OG  . SER A 1 74  ? 15.296  -14.539 5.496   1.00 21.67 ? 74   SER A OG  1 
ATOM   562  N  N   . ASP A 1 75  ? 13.011  -13.389 7.633   1.00 18.10 ? 75   ASP A N   1 
ATOM   563  C  CA  . ASP A 1 75  ? 12.908  -12.347 8.646   1.00 19.92 ? 75   ASP A CA  1 
ATOM   564  C  C   . ASP A 1 75  ? 11.425  -11.958 8.725   1.00 18.43 ? 75   ASP A C   1 
ATOM   565  O  O   . ASP A 1 75  ? 11.096  -10.776 8.544   1.00 18.40 ? 75   ASP A O   1 
ATOM   566  C  CB  . ASP A 1 75  ? 13.723  -11.112 8.286   1.00 21.53 ? 75   ASP A CB  1 
ATOM   567  C  CG  . ASP A 1 75  ? 15.210  -11.318 8.123   1.00 30.53 ? 75   ASP A CG  1 
ATOM   568  O  OD1 . ASP A 1 75  ? 15.731  -12.210 8.830   1.00 31.77 ? 75   ASP A OD1 1 
ATOM   569  O  OD2 . ASP A 1 75  ? 15.839  -10.593 7.326   1.00 32.67 ? 75   ASP A OD2 1 
ATOM   570  N  N   . ALA A 1 76  ? 10.564  -12.891 9.070   1.00 17.78 ? 76   ALA A N   1 
ATOM   571  C  CA  . ALA A 1 76  ? 9.122   -12.665 9.026   1.00 17.86 ? 76   ALA A CA  1 
ATOM   572  C  C   . ALA A 1 76  ? 8.696   -11.602 10.010  1.00 17.19 ? 76   ALA A C   1 
ATOM   573  O  O   . ALA A 1 76  ? 7.803   -10.809 9.677   1.00 16.56 ? 76   ALA A O   1 
ATOM   574  C  CB  . ALA A 1 76  ? 8.352   -13.960 9.241   1.00 19.44 ? 76   ALA A CB  1 
ATOM   575  N  N   . ALA A 1 77  ? 9.222   -11.550 11.228  1.00 18.51 ? 77   ALA A N   1 
ATOM   576  C  CA  . ALA A 1 77  ? 8.819   -10.523 12.190  1.00 18.15 ? 77   ALA A CA  1 
ATOM   577  C  C   . ALA A 1 77  ? 9.124   -9.139  11.647  1.00 16.12 ? 77   ALA A C   1 
ATOM   578  O  O   . ALA A 1 77  ? 8.317   -8.201  11.813  1.00 16.84 ? 77   ALA A O   1 
ATOM   579  C  CB  . ALA A 1 77  ? 9.508   -10.740 13.539  1.00 18.03 ? 77   ALA A CB  1 
ATOM   580  N  N   . SER A 1 78  ? 10.291  -8.934  11.065  1.00 16.10 ? 78   SER A N   1 
ATOM   581  C  CA  . SER A 1 78  ? 10.661  -7.656  10.476  1.00 16.05 ? 78   SER A CA  1 
ATOM   582  C  C   . SER A 1 78  ? 9.775   -7.302  9.294   1.00 15.61 ? 78   SER A C   1 
ATOM   583  O  O   . SER A 1 78  ? 9.355   -6.137  9.149   1.00 16.60 ? 78   SER A O   1 
ATOM   584  C  CB  . SER A 1 78  ? 12.126  -7.641  10.066  1.00 18.30 ? 78   SER A CB  1 
ATOM   585  O  OG  . SER A 1 78  ? 12.959  -7.630  11.216  1.00 22.79 ? 78   SER A OG  1 
ATOM   586  N  N   . PHE A 1 79  ? 9.452   -8.248  8.423   1.00 14.01 ? 79   PHE A N   1 
ATOM   587  C  CA  . PHE A 1 79  ? 8.563   -7.977  7.293   1.00 14.87 ? 79   PHE A CA  1 
ATOM   588  C  C   . PHE A 1 79  ? 7.208   -7.584  7.845   1.00 14.38 ? 79   PHE A C   1 
ATOM   589  O  O   . PHE A 1 79  ? 6.579   -6.628  7.346   1.00 14.71 ? 79   PHE A O   1 
ATOM   590  C  CB  . PHE A 1 79  ? 8.425   -9.221  6.422   1.00 15.28 ? 79   PHE A CB  1 
ATOM   591  C  CG  . PHE A 1 79  ? 7.491   -8.969  5.258   1.00 14.68 ? 79   PHE A CG  1 
ATOM   592  C  CD1 . PHE A 1 79  ? 7.940   -8.273  4.148   1.00 14.53 ? 79   PHE A CD1 1 
ATOM   593  C  CD2 . PHE A 1 79  ? 6.184   -9.407  5.277   1.00 15.23 ? 79   PHE A CD2 1 
ATOM   594  C  CE1 . PHE A 1 79  ? 7.088   -8.034  3.082   1.00 15.78 ? 79   PHE A CE1 1 
ATOM   595  C  CE2 . PHE A 1 79  ? 5.340   -9.194  4.204   1.00 16.33 ? 79   PHE A CE2 1 
ATOM   596  C  CZ  . PHE A 1 79  ? 5.782   -8.474  3.113   1.00 15.90 ? 79   PHE A CZ  1 
ATOM   597  N  N   . LYS A 1 80  ? 6.711   -8.271  8.856   1.00 15.34 ? 80   LYS A N   1 
ATOM   598  C  CA  . LYS A 1 80  ? 5.424   -7.945  9.452   1.00 16.70 ? 80   LYS A CA  1 
ATOM   599  C  C   . LYS A 1 80  ? 5.437   -6.530  10.002  1.00 16.12 ? 80   LYS A C   1 
ATOM   600  O  O   . LYS A 1 80  ? 4.398   -5.863  9.836   1.00 14.98 ? 80   LYS A O   1 
ATOM   601  C  CB  . LYS A 1 80  ? 5.046   -8.958  10.532  1.00 19.16 ? 80   LYS A CB  1 
ATOM   602  C  CG  . LYS A 1 80  ? 3.683   -8.679  11.153  1.00 26.25 ? 80   LYS A CG  1 
ATOM   603  N  N   . GLN A 1 81  ? 6.533   -5.998  10.528  1.00 15.23 ? 81   GLN A N   1 
ATOM   604  C  CA  . GLN A 1 81  ? 6.522   -4.602  10.958  1.00 14.98 ? 81   GLN A CA  1 
ATOM   605  C  C   . GLN A 1 81  ? 6.495   -3.677  9.752   1.00 15.81 ? 81   GLN A C   1 
ATOM   606  O  O   . GLN A 1 81  ? 5.827   -2.637  9.861   1.00 15.80 ? 81   GLN A O   1 
ATOM   607  C  CB  . GLN A 1 81  ? 7.702   -4.319  11.895  1.00 18.23 ? 81   GLN A CB  1 
ATOM   608  C  CG  . GLN A 1 81  ? 7.519   -4.899  13.303  1.00 22.70 ? 81   GLN A CG  1 
ATOM   609  C  CD  . GLN A 1 81  ? 6.241   -4.389  13.944  1.00 26.29 ? 81   GLN A CD  1 
ATOM   610  O  OE1 . GLN A 1 81  ? 6.097   -3.191  14.203  1.00 25.55 ? 81   GLN A OE1 1 
ATOM   611  N  NE2 . GLN A 1 81  ? 5.288   -5.291  14.161  1.00 29.29 ? 81   GLN A NE2 1 
ATOM   612  N  N   . LYS A 1 82  ? 7.136   -3.962  8.640   1.00 14.58 ? 82   LYS A N   1 
ATOM   613  C  CA  . LYS A 1 82  ? 7.056   -3.098  7.462   1.00 13.53 ? 82   LYS A CA  1 
ATOM   614  C  C   . LYS A 1 82  ? 5.643   -3.069  6.883   1.00 12.82 ? 82   LYS A C   1 
ATOM   615  O  O   . LYS A 1 82  ? 5.127   -1.995  6.566   1.00 13.52 ? 82   LYS A O   1 
ATOM   616  C  CB  . LYS A 1 82  ? 8.042   -3.554  6.391   1.00 16.50 ? 82   LYS A CB  1 
ATOM   617  C  CG  . LYS A 1 82  ? 9.501   -3.438  6.860   1.00 24.27 ? 82   LYS A CG  1 
ATOM   618  C  CD  . LYS A 1 82  ? 10.153  -2.135  6.483   1.00 28.96 ? 82   LYS A CD  1 
ATOM   619  C  CE  . LYS A 1 82  ? 11.660  -2.173  6.540   1.00 24.05 ? 82   LYS A CE  1 
ATOM   620  N  NZ  . LYS A 1 82  ? 12.290  -2.169  7.882   1.00 21.98 ? 82   LYS A NZ  1 
ATOM   621  N  N   . GLN A 1 83  ? 4.962   -4.205  6.897   1.00 12.69 ? 83   GLN A N   1 
ATOM   622  C  CA  . GLN A 1 83  ? 3.584   -4.320  6.456   1.00 12.62 ? 83   GLN A CA  1 
ATOM   623  C  C   . GLN A 1 83  ? 2.646   -3.561  7.386   1.00 13.61 ? 83   GLN A C   1 
ATOM   624  O  O   . GLN A 1 83  ? 1.789   -2.778  6.965   1.00 13.81 ? 83   GLN A O   1 
ATOM   625  C  CB  . GLN A 1 83  ? 3.151   -5.789  6.420   1.00 13.85 ? 83   GLN A CB  1 
ATOM   626  C  CG  . GLN A 1 83  ? 1.744   -6.008  5.898   1.00 14.81 ? 83   GLN A CG  1 
ATOM   627  C  CD  . GLN A 1 83  ? 1.228   -7.404  6.143   1.00 16.41 ? 83   GLN A CD  1 
ATOM   628  O  OE1 . GLN A 1 83  ? 1.927   -8.391  5.841   1.00 18.50 ? 83   GLN A OE1 1 
ATOM   629  N  NE2 . GLN A 1 83  ? -0.002  -7.557  6.606   1.00 15.93 ? 83   GLN A NE2 1 
ATOM   630  N  N   . GLN A 1 84  ? 2.826   -3.724  8.702   1.00 13.63 ? 84   GLN A N   1 
ATOM   631  C  CA  . GLN A 1 84  ? 1.990   -3.049  9.683   1.00 14.19 ? 84   GLN A CA  1 
ATOM   632  C  C   . GLN A 1 84  ? 2.152   -1.539  9.588   1.00 14.46 ? 84   GLN A C   1 
ATOM   633  O  O   . GLN A 1 84  ? 1.184   -0.785  9.751   1.00 14.92 ? 84   GLN A O   1 
ATOM   634  C  CB  . GLN A 1 84  ? 2.294   -3.506  11.106  1.00 15.11 ? 84   GLN A CB  1 
ATOM   635  C  CG  . GLN A 1 84  ? 1.323   -2.930  12.152  1.00 18.41 ? 84   GLN A CG  1 
ATOM   636  C  CD  . GLN A 1 84  ? 1.890   -2.959  13.550  1.00 20.09 ? 84   GLN A CD  1 
ATOM   637  O  OE1 . GLN A 1 84  ? 2.222   -4.037  14.069  1.00 24.36 ? 84   GLN A OE1 1 
ATOM   638  N  NE2 . GLN A 1 84  ? 2.011   -1.798  14.192  1.00 24.39 ? 84   GLN A NE2 1 
ATOM   639  N  N   . ALA A 1 85  ? 3.386   -1.044  9.528   1.00 14.66 ? 85   ALA A N   1 
ATOM   640  C  CA  . ALA A 1 85  ? 3.641   0.382   9.354   1.00 13.29 ? 85   ALA A CA  1 
ATOM   641  C  C   . ALA A 1 85  ? 2.815   0.900   8.175   1.00 12.39 ? 85   ALA A C   1 
ATOM   642  O  O   . ALA A 1 85  ? 2.146   1.929   8.320   1.00 12.74 ? 85   ALA A O   1 
ATOM   643  C  CB  . ALA A 1 85  ? 5.119   0.645   9.132   1.00 16.78 ? 85   ALA A CB  1 
ATOM   644  N  N   . PHE A 1 86  ? 2.938   0.269   7.025   1.00 12.05 ? 86   PHE A N   1 
ATOM   645  C  CA  . PHE A 1 86  ? 2.131   0.642   5.869   1.00 11.49 ? 86   PHE A CA  1 
ATOM   646  C  C   . PHE A 1 86  ? 0.627   0.594   6.145   1.00 11.23 ? 86   PHE A C   1 
ATOM   647  O  O   . PHE A 1 86  ? -0.044  1.605   5.869   1.00 11.86 ? 86   PHE A O   1 
ATOM   648  C  CB  . PHE A 1 86  ? 2.504   -0.255  4.689   1.00 12.30 ? 86   PHE A CB  1 
ATOM   649  C  CG  . PHE A 1 86  ? 1.515   -0.121  3.565   1.00 10.59 ? 86   PHE A CG  1 
ATOM   650  C  CD1 . PHE A 1 86  ? 1.481   1.039   2.799   1.00 12.68 ? 86   PHE A CD1 1 
ATOM   651  C  CD2 . PHE A 1 86  ? 0.618   -1.138  3.251   1.00 12.79 ? 86   PHE A CD2 1 
ATOM   652  C  CE1 . PHE A 1 86  ? 0.569   1.181   1.763   1.00 12.63 ? 86   PHE A CE1 1 
ATOM   653  C  CE2 . PHE A 1 86  ? -0.296  -1.000  2.221   1.00 12.39 ? 86   PHE A CE2 1 
ATOM   654  C  CZ  . PHE A 1 86  ? -0.314  0.154   1.470   1.00 12.49 ? 86   PHE A CZ  1 
ATOM   655  N  N   . GLN A 1 87  ? 0.123   -0.463  6.725   1.00 11.64 ? 87   GLN A N   1 
ATOM   656  C  CA  . GLN A 1 87  ? -1.315  -0.562  6.967   1.00 12.37 ? 87   GLN A CA  1 
ATOM   657  C  C   . GLN A 1 87  ? -1.753  0.467   7.991   1.00 12.17 ? 87   GLN A C   1 
ATOM   658  O  O   . GLN A 1 87  ? -2.852  1.039   7.870   1.00 12.46 ? 87   GLN A O   1 
ATOM   659  C  CB  . GLN A 1 87  ? -1.702  -1.992  7.340   1.00 12.72 ? 87   GLN A CB  1 
ATOM   660  C  CG  . GLN A 1 87  ? -1.494  -2.933  6.157   1.00 14.48 ? 87   GLN A CG  1 
ATOM   661  C  CD  . GLN A 1 87  ? -2.095  -4.303  6.358   1.00 16.69 ? 87   GLN A CD  1 
ATOM   662  O  OE1 . GLN A 1 87  ? -1.478  -5.130  7.028   1.00 16.73 ? 87   GLN A OE1 1 
ATOM   663  N  NE2 . GLN A 1 87  ? -3.263  -4.499  5.769   1.00 16.58 ? 87   GLN A NE2 1 
ATOM   664  N  N   . ASP A 1 88  ? -0.920  0.761   8.996   1.00 12.89 ? 88   ASP A N   1 
ATOM   665  C  CA  . ASP A 1 88  ? -1.229  1.804   9.958   1.00 12.80 ? 88   ASP A CA  1 
ATOM   666  C  C   . ASP A 1 88  ? -1.303  3.158   9.279   1.00 10.78 ? 88   ASP A C   1 
ATOM   667  O  O   . ASP A 1 88  ? -2.198  3.978   9.543   1.00 11.97 ? 88   ASP A O   1 
ATOM   668  C  CB  . ASP A 1 88  ? -0.157  1.818   11.056  1.00 14.20 ? 88   ASP A CB  1 
ATOM   669  C  CG  . ASP A 1 88  ? -0.258  0.667   12.033  1.00 17.76 ? 88   ASP A CG  1 
ATOM   670  O  OD1 . ASP A 1 88  ? -1.296  -0.029  12.050  1.00 19.84 ? 88   ASP A OD1 1 
ATOM   671  O  OD2 . ASP A 1 88  ? 0.712   0.450   12.791  1.00 18.83 ? 88   ASP A OD2 1 
ATOM   672  N  N   . ASN A 1 89  ? -0.394  3.428   8.350   1.00 11.89 ? 89   ASN A N   1 
ATOM   673  C  CA  . ASN A 1 89  ? -0.414  4.641   7.571   1.00 11.43 ? 89   ASN A CA  1 
ATOM   674  C  C   . ASN A 1 89  ? -1.649  4.756   6.672   1.00 12.04 ? 89   ASN A C   1 
ATOM   675  O  O   . ASN A 1 89  ? -2.158  5.883   6.508   1.00 11.81 ? 89   ASN A O   1 
ATOM   676  C  CB  . ASN A 1 89  ? 0.872   4.801   6.753   1.00 14.40 ? 89   ASN A CB  1 
ATOM   677  C  CG  . ASN A 1 89  ? 2.076   5.062   7.672   1.00 16.40 ? 89   ASN A CG  1 
ATOM   678  O  OD1 . ASN A 1 89  ? 1.906   5.633   8.716   1.00 17.40 ? 89   ASN A OD1 1 
ATOM   679  N  ND2 . ASN A 1 89  ? 3.199   4.606   7.170   1.00 18.21 ? 89   ASN A ND2 1 
ATOM   680  N  N   . ILE A 1 90  ? -2.143  3.642   6.160   1.00 11.44 ? 90   ILE A N   1 
ATOM   681  C  CA  . ILE A 1 90  ? -3.391  3.694   5.379   1.00 11.56 ? 90   ILE A CA  1 
ATOM   682  C  C   . ILE A 1 90  ? -4.531  4.097   6.277   1.00 10.63 ? 90   ILE A C   1 
ATOM   683  O  O   . ILE A 1 90  ? -5.387  4.928   5.919   1.00 11.80 ? 90   ILE A O   1 
ATOM   684  C  CB  . ILE A 1 90  ? -3.617  2.323   4.720   1.00 11.34 ? 90   ILE A CB  1 
ATOM   685  C  CG1 . ILE A 1 90  ? -2.633  2.088   3.572   1.00 12.80 ? 90   ILE A CG1 1 
ATOM   686  C  CG2 . ILE A 1 90  ? -5.066  2.158   4.245   1.00 13.38 ? 90   ILE A CG2 1 
ATOM   687  C  CD1 . ILE A 1 90  ? -2.770  3.008   2.362   1.00 13.17 ? 90   ILE A CD1 1 
ATOM   688  N  N   . VAL A 1 91  ? -4.582  3.656   7.537   1.00 11.89 ? 91   VAL A N   1 
ATOM   689  C  CA  . VAL A 1 91  ? -5.598  4.093   8.487   1.00 11.59 ? 91   VAL A CA  1 
ATOM   690  C  C   . VAL A 1 91  ? -5.516  5.596   8.686   1.00 12.33 ? 91   VAL A C   1 
ATOM   691  O  O   . VAL A 1 91  ? -6.547  6.273   8.716   1.00 12.71 ? 91   VAL A O   1 
ATOM   692  C  CB  . VAL A 1 91  ? -5.478  3.334   9.831   1.00 11.99 ? 91   VAL A CB  1 
ATOM   693  C  CG1 . VAL A 1 91  ? -6.473  3.862   10.848  1.00 14.04 ? 91   VAL A CG1 1 
ATOM   694  C  CG2 . VAL A 1 91  ? -5.733  1.855   9.594   1.00 16.04 ? 91   VAL A CG2 1 
ATOM   695  N  N   . LYS A 1 92  ? -4.303  6.140   8.834   1.00 12.05 ? 92   LYS A N   1 
ATOM   696  C  CA  . LYS A 1 92  ? -4.171  7.587   8.956   1.00 12.77 ? 92   LYS A CA  1 
ATOM   697  C  C   . LYS A 1 92  ? -4.688  8.303   7.710   1.00 11.90 ? 92   LYS A C   1 
ATOM   698  O  O   . LYS A 1 92  ? -5.315  9.359   7.824   1.00 12.43 ? 92   LYS A O   1 
ATOM   699  C  CB  . LYS A 1 92  ? -2.707  7.989   9.138   1.00 13.75 ? 92   LYS A CB  1 
ATOM   700  C  CG  . LYS A 1 92  ? -1.912  7.436   10.314  1.00 19.47 ? 92   LYS A CG  1 
ATOM   701  C  CD  . LYS A 1 92  ? -0.444  7.893   10.224  1.00 23.85 ? 92   LYS A CD  1 
ATOM   702  C  CE  . LYS A 1 92  ? 0.542   7.035   10.992  1.00 23.92 ? 92   LYS A CE  1 
ATOM   703  N  NZ  . LYS A 1 92  ? 1.967   7.422   10.741  1.00 26.61 ? 92   LYS A NZ  1 
ATOM   704  N  N   . LEU A 1 93  ? -4.390  7.757   6.532   1.00 11.82 ? 93   LEU A N   1 
ATOM   705  C  CA  . LEU A 1 93  ? -4.811  8.409   5.295   1.00 12.12 ? 93   LEU A CA  1 
ATOM   706  C  C   . LEU A 1 93  ? -6.327  8.441   5.180   1.00 12.40 ? 93   LEU A C   1 
ATOM   707  O  O   . LEU A 1 93  ? -6.912  9.467   4.842   1.00 12.61 ? 93   LEU A O   1 
ATOM   708  C  CB  . LEU A 1 93  ? -4.162  7.683   4.113   1.00 12.39 ? 93   LEU A CB  1 
ATOM   709  C  CG  . LEU A 1 93  ? -4.355  8.311   2.736   1.00 12.16 ? 93   LEU A CG  1 
ATOM   710  C  CD1 . LEU A 1 93  ? -3.586  9.612   2.599   1.00 15.22 ? 93   LEU A CD1 1 
ATOM   711  C  CD2 . LEU A 1 93  ? -3.929  7.346   1.638   1.00 13.91 ? 93   LEU A CD2 1 
ATOM   712  N  N   . SER A 1 94  ? -6.952  7.317   5.522   1.00 12.07 ? 94   SER A N   1 
ATOM   713  C  CA  . SER A 1 94  ? -8.401  7.217   5.558   1.00 12.23 ? 94   SER A CA  1 
ATOM   714  C  C   . SER A 1 94  ? -8.963  8.242   6.513   1.00 12.81 ? 94   SER A C   1 
ATOM   715  O  O   . SER A 1 94  ? -10.031 8.845   6.306   1.00 13.45 ? 94   SER A O   1 
ATOM   716  C  CB  . SER A 1 94  ? -8.849  5.820   5.997   1.00 13.08 ? 94   SER A CB  1 
ATOM   717  O  OG  . SER A 1 94  ? -8.632  4.862   4.981   1.00 14.69 ? 94   SER A OG  1 
ATOM   718  N  N   . ALA A 1 95  ? -8.434  8.333   7.743   1.00 12.77 ? 95   ALA A N   1 
ATOM   719  C  CA  . ALA A 1 95  ? -8.928  9.295   8.730   1.00 13.50 ? 95   ALA A CA  1 
ATOM   720  C  C   . ALA A 1 95  ? -8.882  10.694  8.119   1.00 13.75 ? 95   ALA A C   1 
ATOM   721  O  O   . ALA A 1 95  ? -9.846  11.473  8.331   1.00 14.12 ? 95   ALA A O   1 
ATOM   722  C  CB  . ALA A 1 95  ? -8.151  9.203   10.031  1.00 14.51 ? 95   ALA A CB  1 
ATOM   723  N  N   . ALA A 1 96  ? -7.743  11.117  7.598   1.00 12.78 ? 96   ALA A N   1 
ATOM   724  C  CA  . ALA A 1 96  ? -7.660  12.428  6.971   1.00 13.32 ? 96   ALA A CA  1 
ATOM   725  C  C   . ALA A 1 96  ? -8.681  12.623  5.856   1.00 13.50 ? 96   ALA A C   1 
ATOM   726  O  O   . ALA A 1 96  ? -9.335  13.677  5.731   1.00 14.35 ? 96   ALA A O   1 
ATOM   727  C  CB  . ALA A 1 96  ? -6.259  12.647  6.417   1.00 13.30 ? 96   ALA A CB  1 
ATOM   728  N  N   . ALA A 1 97  ? -8.849  11.637  4.966   1.00 12.79 ? 97   ALA A N   1 
ATOM   729  C  CA  . ALA A 1 97  ? -9.776  11.776  3.827   1.00 13.22 ? 97   ALA A CA  1 
ATOM   730  C  C   . ALA A 1 97  ? -11.196 11.821  4.315   1.00 13.45 ? 97   ALA A C   1 
ATOM   731  O  O   . ALA A 1 97  ? -12.001 12.625  3.788   1.00 15.32 ? 97   ALA A O   1 
ATOM   732  C  CB  . ALA A 1 97  ? -9.566  10.598  2.888   1.00 12.74 ? 97   ALA A CB  1 
ATOM   733  N  N   . ASP A 1 98  ? -11.566 11.010  5.298   1.00 14.29 ? 98   ASP A N   1 
ATOM   734  C  CA  . ASP A 1 98  ? -12.920 11.029  5.841   1.00 15.68 ? 98   ASP A CA  1 
ATOM   735  C  C   . ASP A 1 98  ? -13.216 12.356  6.494   1.00 18.67 ? 98   ASP A C   1 
ATOM   736  O  O   . ASP A 1 98  ? -14.394 12.748  6.466   1.00 19.13 ? 98   ASP A O   1 
ATOM   737  C  CB  . ASP A 1 98  ? -13.154 9.858   6.791   1.00 15.60 ? 98   ASP A CB  1 
ATOM   738  C  CG  . ASP A 1 98  ? -13.122 8.504   6.120   1.00 17.04 ? 98   ASP A CG  1 
ATOM   739  O  OD1 . ASP A 1 98  ? -13.231 8.408   4.882   1.00 18.56 ? 98   ASP A OD1 1 
ATOM   740  O  OD2 . ASP A 1 98  ? -12.980 7.498   6.867   1.00 19.98 ? 98   ASP A OD2 1 
ATOM   741  N  N   . ALA A 1 99  ? -12.238 13.019  7.099   1.00 16.07 ? 99   ALA A N   1 
ATOM   742  C  CA  . ALA A 1 99  ? -12.460 14.300  7.738   1.00 17.27 ? 99   ALA A CA  1 
ATOM   743  C  C   . ALA A 1 99  ? -12.421 15.453  6.750   1.00 17.31 ? 99   ALA A C   1 
ATOM   744  O  O   . ALA A 1 99  ? -12.724 16.598  7.128   1.00 20.06 ? 99   ALA A O   1 
ATOM   745  C  CB  . ALA A 1 99  ? -11.408 14.520  8.824   1.00 19.29 ? 99   ALA A CB  1 
ATOM   746  N  N   . GLY A 1 100 ? -11.975 15.240  5.530   1.00 15.40 ? 100  GLY A N   1 
ATOM   747  C  CA  . GLY A 1 100 ? -11.817 16.306  4.539   1.00 15.95 ? 100  GLY A CA  1 
ATOM   748  C  C   . GLY A 1 100 ? -10.742 17.319  4.911   1.00 17.61 ? 100  GLY A C   1 
ATOM   749  O  O   . GLY A 1 100 ? -10.762 18.500  4.534   1.00 18.07 ? 100  GLY A O   1 
ATOM   750  N  N   . ASP A 1 101 ? -9.642  16.816  5.486   1.00 16.49 ? 101  ASP A N   1 
ATOM   751  C  CA  . ASP A 1 101 ? -8.562  17.664  5.983   1.00 16.30 ? 101  ASP A CA  1 
ATOM   752  C  C   . ASP A 1 101 ? -7.338  17.509  5.100   1.00 15.84 ? 101  ASP A C   1 
ATOM   753  O  O   . ASP A 1 101 ? -6.588  16.512  5.199   1.00 15.27 ? 101  ASP A O   1 
ATOM   754  C  CB  . ASP A 1 101 ? -8.261  17.310  7.436   1.00 18.95 ? 101  ASP A CB  1 
ATOM   755  C  CG  . ASP A 1 101 ? -7.235  18.198  8.109   1.00 21.58 ? 101  ASP A CG  1 
ATOM   756  O  OD1 . ASP A 1 101 ? -6.316  18.729  7.454   1.00 19.02 ? 101  ASP A OD1 1 
ATOM   757  O  OD2 . ASP A 1 101 ? -7.385  18.347  9.345   1.00 26.60 ? 101  ASP A OD2 1 
ATOM   758  N  N   . LEU A 1 102 ? -7.115  18.465  4.229   1.00 14.65 ? 102  LEU A N   1 
ATOM   759  C  CA  . LEU A 1 102 ? -6.072  18.407  3.229   1.00 15.35 ? 102  LEU A CA  1 
ATOM   760  C  C   . LEU A 1 102 ? -4.689  18.392  3.846   1.00 15.35 ? 102  LEU A C   1 
ATOM   761  O  O   . LEU A 1 102 ? -3.787  17.678  3.384   1.00 14.96 ? 102  LEU A O   1 
ATOM   762  C  CB  . LEU A 1 102 ? -6.195  19.547  2.217   1.00 16.22 ? 102  LEU A CB  1 
ATOM   763  C  CG  . LEU A 1 102 ? -5.205  19.568  1.054   1.00 14.67 ? 102  LEU A CG  1 
ATOM   764  C  CD1 . LEU A 1 102 ? -5.173  18.220  0.320   1.00 17.06 ? 102  LEU A CD1 1 
ATOM   765  C  CD2 . LEU A 1 102 ? -5.555  20.689  0.084   1.00 17.27 ? 102  LEU A CD2 1 
ATOM   766  N  N   . ASP A 1 103 ? -4.481  19.169  4.906   1.00 14.94 ? 103  ASP A N   1 
ATOM   767  C  CA  . ASP A 1 103 ? -3.155  19.194  5.535   1.00 15.23 ? 103  ASP A CA  1 
ATOM   768  C  C   . ASP A 1 103 ? -2.854  17.867  6.179   1.00 13.50 ? 103  ASP A C   1 
ATOM   769  O  O   . ASP A 1 103 ? -1.716  17.374  6.062   1.00 14.67 ? 103  ASP A O   1 
ATOM   770  C  CB  . ASP A 1 103 ? -3.027  20.343  6.531   1.00 19.07 ? 103  ASP A CB  1 
ATOM   771  C  CG  . ASP A 1 103 ? -2.957  21.673  5.794   1.00 26.32 ? 103  ASP A CG  1 
ATOM   772  O  OD1 . ASP A 1 103 ? -2.555  21.738  4.608   1.00 26.05 ? 103  ASP A OD1 1 
ATOM   773  O  OD2 . ASP A 1 103 ? -3.318  22.681  6.444   1.00 32.73 ? 103  ASP A OD2 1 
ATOM   774  N  N   . LYS A 1 104 ? -3.811  17.235  6.836   1.00 14.88 ? 104  LYS A N   1 
ATOM   775  C  CA  . LYS A 1 104 ? -3.612  15.910  7.387   1.00 14.71 ? 104  LYS A CA  1 
ATOM   776  C  C   . LYS A 1 104 ? -3.471  14.893  6.281   1.00 14.04 ? 104  LYS A C   1 
ATOM   777  O  O   . LYS A 1 104 ? -2.644  14.015  6.463   1.00 14.74 ? 104  LYS A O   1 
ATOM   778  C  CB  . LYS A 1 104 ? -4.708  15.519  8.364   1.00 15.72 ? 104  LYS A CB  1 
ATOM   779  C  CG  . LYS A 1 104 ? -4.615  16.370  9.634   1.00 20.20 ? 104  LYS A CG  1 
ATOM   780  C  CD  . LYS A 1 104 ? -5.431  15.741  10.754  1.00 28.30 ? 104  LYS A CD  1 
ATOM   781  N  N   . LEU A 1 105 ? -4.192  15.029  5.179   1.00 13.20 ? 105  LEU A N   1 
ATOM   782  C  CA  . LEU A 1 105 ? -4.066  14.127  4.040   1.00 13.55 ? 105  LEU A CA  1 
ATOM   783  C  C   . LEU A 1 105 ? -2.653  14.175  3.487   1.00 13.50 ? 105  LEU A C   1 
ATOM   784  O  O   . LEU A 1 105 ? -2.059  13.132  3.209   1.00 13.20 ? 105  LEU A O   1 
ATOM   785  C  CB  . LEU A 1 105 ? -5.068  14.526  2.942   1.00 14.23 ? 105  LEU A CB  1 
ATOM   786  C  CG  . LEU A 1 105 ? -5.189  13.517  1.783   1.00 15.13 ? 105  LEU A CG  1 
ATOM   787  C  CD1 . LEU A 1 105 ? -6.119  12.384  2.151   1.00 16.46 ? 105  LEU A CD1 1 
ATOM   788  C  CD2 . LEU A 1 105 ? -5.727  14.217  0.545   1.00 18.14 ? 105  LEU A CD2 1 
ATOM   789  N  N   . ARG A 1 106 ? -2.072  15.375  3.352   1.00 13.74 ? 106  ARG A N   1 
ATOM   790  C  CA  . ARG A 1 106 ? -0.717  15.479  2.856   1.00 14.24 ? 106  ARG A CA  1 
ATOM   791  C  C   . ARG A 1 106 ? 0.264   14.769  3.783   1.00 13.47 ? 106  ARG A C   1 
ATOM   792  O  O   . ARG A 1 106 ? 1.138   14.049  3.268   1.00 14.29 ? 106  ARG A O   1 
ATOM   793  C  CB  . ARG A 1 106 ? -0.339  16.973  2.777   1.00 16.40 ? 106  ARG A CB  1 
ATOM   794  C  CG  . ARG A 1 106 ? 1.164   17.187  2.632   1.00 18.35 ? 106  ARG A CG  1 
ATOM   795  C  CD  . ARG A 1 106 ? 1.444   18.687  2.756   1.00 17.74 ? 106  ARG A CD  1 
ATOM   796  N  NE  . ARG A 1 106 ? 2.898   18.845  2.905   1.00 18.92 ? 106  ARG A NE  1 
ATOM   797  C  CZ  . ARG A 1 106 ? 3.458   20.054  2.971   1.00 21.56 ? 106  ARG A CZ  1 
ATOM   798  N  NH1 . ARG A 1 106 ? 2.694   21.134  2.906   1.00 21.91 ? 106  ARG A NH1 1 
ATOM   799  N  NH2 . ARG A 1 106 ? 4.784   20.057  3.083   1.00 21.66 ? 106  ARG A NH2 1 
ATOM   800  N  N   . ALA A 1 107 ? 0.120   14.969  5.088   1.00 13.60 ? 107  ALA A N   1 
ATOM   801  C  CA  . ALA A 1 107 ? 1.072   14.302  5.994   1.00 15.48 ? 107  ALA A CA  1 
ATOM   802  C  C   . ALA A 1 107 ? 0.958   12.787  5.879   1.00 14.36 ? 107  ALA A C   1 
ATOM   803  O  O   . ALA A 1 107 ? 1.910   12.027  5.965   1.00 14.35 ? 107  ALA A O   1 
ATOM   804  C  CB  . ALA A 1 107 ? 0.783   14.750  7.422   1.00 17.63 ? 107  ALA A CB  1 
ATOM   805  N  N   . ALA A 1 108 ? -0.303  12.328  5.993   1.00 13.46 ? 108  ALA A N   1 
ATOM   806  C  CA  . ALA A 1 108 ? -0.561  10.894  5.893   1.00 13.88 ? 108  ALA A CA  1 
ATOM   807  C  C   . ALA A 1 108 ? -0.070  10.296  4.585   1.00 12.66 ? 108  ALA A C   1 
ATOM   808  O  O   . ALA A 1 108 ? 0.474   9.189   4.579   1.00 12.87 ? 108  ALA A O   1 
ATOM   809  C  CB  . ALA A 1 108 ? -2.054  10.626  6.042   1.00 14.49 ? 108  ALA A CB  1 
ATOM   810  N  N   . PHE A 1 109 ? -0.253  10.985  3.467   1.00 12.40 ? 109  PHE A N   1 
ATOM   811  C  CA  . PHE A 1 109 ? 0.225   10.541  2.169   1.00 12.89 ? 109  PHE A CA  1 
ATOM   812  C  C   . PHE A 1 109 ? 1.730   10.407  2.212   1.00 13.26 ? 109  PHE A C   1 
ATOM   813  O  O   . PHE A 1 109 ? 2.238   9.406   1.682   1.00 13.44 ? 109  PHE A O   1 
ATOM   814  C  CB  . PHE A 1 109 ? -0.220  11.529  1.101   1.00 13.70 ? 109  PHE A CB  1 
ATOM   815  C  CG  . PHE A 1 109 ? 0.110   11.181  -0.321  1.00 13.18 ? 109  PHE A CG  1 
ATOM   816  C  CD1 . PHE A 1 109 ? 1.326   11.504  -0.870  1.00 14.54 ? 109  PHE A CD1 1 
ATOM   817  C  CD2 . PHE A 1 109 ? -0.858  10.527  -1.081  1.00 13.58 ? 109  PHE A CD2 1 
ATOM   818  C  CE1 . PHE A 1 109 ? 1.605   11.167  -2.193  1.00 15.40 ? 109  PHE A CE1 1 
ATOM   819  C  CE2 . PHE A 1 109 ? -0.570  10.204  -2.408  1.00 15.98 ? 109  PHE A CE2 1 
ATOM   820  C  CZ  . PHE A 1 109 ? 0.644   10.519  -2.938  1.00 15.76 ? 109  PHE A CZ  1 
ATOM   821  N  N   . GLY A 1 110 ? 2.459   11.368  2.776   1.00 12.40 ? 110  GLY A N   1 
ATOM   822  C  CA  . GLY A 1 110 ? 3.925   11.225  2.813   1.00 13.27 ? 110  GLY A CA  1 
ATOM   823  C  C   . GLY A 1 110 ? 4.278   10.058  3.730   1.00 11.51 ? 110  GLY A C   1 
ATOM   824  O  O   . GLY A 1 110 ? 5.237   9.340   3.391   1.00 13.34 ? 110  GLY A O   1 
ATOM   825  N  N   . ASP A 1 111 ? 3.584   9.830   4.830   1.00 12.23 ? 111  ASP A N   1 
ATOM   826  C  CA  . ASP A 1 111 ? 3.904   8.659   5.653   1.00 11.97 ? 111  ASP A CA  1 
ATOM   827  C  C   . ASP A 1 111 ? 3.697   7.352   4.885   1.00 11.78 ? 111  ASP A C   1 
ATOM   828  O  O   . ASP A 1 111 ? 4.530   6.451   4.934   1.00 12.37 ? 111  ASP A O   1 
ATOM   829  C  CB  . ASP A 1 111 ? 3.077   8.651   6.935   1.00 14.33 ? 111  ASP A CB  1 
ATOM   830  C  CG  . ASP A 1 111 ? 3.379   9.773   7.934   1.00 15.72 ? 111  ASP A CG  1 
ATOM   831  O  OD1 . ASP A 1 111 ? 4.408   10.421  7.765   1.00 17.54 ? 111  ASP A OD1 1 
ATOM   832  O  OD2 . ASP A 1 111 ? 2.544   9.908   8.846   1.00 19.68 ? 111  ASP A OD2 1 
ATOM   833  N  N   . VAL A 1 112 ? 2.570   7.240   4.173   1.00 11.73 ? 112  VAL A N   1 
ATOM   834  C  CA  . VAL A 1 112 ? 2.321   6.047   3.361   1.00 11.57 ? 112  VAL A CA  1 
ATOM   835  C  C   . VAL A 1 112 ? 3.452   5.850   2.371   1.00 12.73 ? 112  VAL A C   1 
ATOM   836  O  O   . VAL A 1 112 ? 4.032   4.752   2.295   1.00 11.98 ? 112  VAL A O   1 
ATOM   837  C  CB  . VAL A 1 112 ? 0.979   6.133   2.608   1.00 11.10 ? 112  VAL A CB  1 
ATOM   838  C  CG1 . VAL A 1 112 ? 0.888   4.987   1.600   1.00 12.39 ? 112  VAL A CG1 1 
ATOM   839  C  CG2 . VAL A 1 112 ? -0.193  6.085   3.554   1.00 12.41 ? 112  VAL A CG2 1 
ATOM   840  N  N   . GLY A 1 113 ? 3.817   6.890   1.617   1.00 11.99 ? 113  GLY A N   1 
ATOM   841  C  CA  . GLY A 1 113 ? 4.861   6.780   0.636   1.00 12.62 ? 113  GLY A CA  1 
ATOM   842  C  C   . GLY A 1 113 ? 6.180   6.341   1.247   1.00 12.85 ? 113  GLY A C   1 
ATOM   843  O  O   . GLY A 1 113 ? 6.862   5.506   0.640   1.00 13.85 ? 113  GLY A O   1 
ATOM   844  N  N   . ALA A 1 114 ? 6.532   6.852   2.418   1.00 13.23 ? 114  ALA A N   1 
ATOM   845  C  CA  . ALA A 1 114 ? 7.779   6.422   3.051   1.00 12.97 ? 114  ALA A CA  1 
ATOM   846  C  C   . ALA A 1 114 ? 7.724   4.955   3.454   1.00 13.74 ? 114  ALA A C   1 
ATOM   847  O  O   . ALA A 1 114 ? 8.719   4.231   3.323   1.00 14.04 ? 114  ALA A O   1 
ATOM   848  C  CB  . ALA A 1 114 ? 8.070   7.288   4.276   1.00 14.38 ? 114  ALA A CB  1 
ATOM   849  N  N   . SER A 1 115 ? 6.539   4.470   3.848   1.00 12.64 ? 115  SER A N   1 
ATOM   850  C  CA  . SER A 1 115 ? 6.419   3.047   4.185   1.00 12.69 ? 115  SER A CA  1 
ATOM   851  C  C   . SER A 1 115 ? 6.458   2.170   2.952   1.00 13.21 ? 115  SER A C   1 
ATOM   852  O  O   . SER A 1 115 ? 7.003   1.044   3.056   1.00 13.74 ? 115  SER A O   1 
ATOM   853  C  CB  A SER A 1 115 ? 5.120   2.743   4.921   0.50 16.21 ? 115  SER A CB  1 
ATOM   854  C  CB  B SER A 1 115 ? 5.222   2.828   5.101   0.50 10.11 ? 115  SER A CB  1 
ATOM   855  O  OG  A SER A 1 115 ? 5.003   3.396   6.153   0.50 16.85 ? 115  SER A OG  1 
ATOM   856  O  OG  B SER A 1 115 ? 3.974   3.015   4.465   0.50 9.34  ? 115  SER A OG  1 
ATOM   857  N  N   . CYS A 1 116 ? 5.985   2.600   1.803   1.00 12.55 ? 116  CYS A N   1 
ATOM   858  C  CA  . CYS A 1 116 ? 6.121   1.863   0.566   1.00 12.87 ? 116  CYS A CA  1 
ATOM   859  C  C   . CYS A 1 116 ? 7.617   1.680   0.280   1.00 15.04 ? 116  CYS A C   1 
ATOM   860  O  O   . CYS A 1 116 ? 8.107   0.592   -0.029  1.00 14.56 ? 116  CYS A O   1 
ATOM   861  C  CB  . CYS A 1 116 ? 5.534   2.648   -0.608  1.00 14.35 ? 116  CYS A CB  1 
ATOM   862  S  SG  . CYS A 1 116 ? 3.807   3.219   -0.581  1.00 15.23 ? 116  CYS A SG  1 
ATOM   863  N  N   . LYS A 1 117 ? 8.353   2.799   0.330   1.00 13.28 ? 117  LYS A N   1 
ATOM   864  C  CA  . LYS A 1 117 ? 9.781   2.798   0.018   1.00 14.92 ? 117  LYS A CA  1 
ATOM   865  C  C   . LYS A 1 117 ? 10.575  1.978   1.011   1.00 13.69 ? 117  LYS A C   1 
ATOM   866  O  O   . LYS A 1 117 ? 11.496  1.257   0.621   1.00 14.87 ? 117  LYS A O   1 
ATOM   867  C  CB  . LYS A 1 117 ? 10.282  4.248   -0.013  1.00 16.26 ? 117  LYS A CB  1 
ATOM   868  C  CG  . LYS A 1 117 ? 11.772  4.340   -0.339  1.00 21.18 ? 117  LYS A CG  1 
ATOM   869  C  CD  . LYS A 1 117 ? 12.185  5.787   -0.591  1.00 27.11 ? 117  LYS A CD  1 
ATOM   870  C  CE  . LYS A 1 117 ? 13.700  5.929   -0.652  1.00 33.88 ? 117  LYS A CE  1 
ATOM   871  N  NZ  . LYS A 1 117 ? 14.085  7.341   -0.955  1.00 38.52 ? 117  LYS A NZ  1 
ATOM   872  N  N   . ALA A 1 118 ? 10.242  2.029   2.283   1.00 13.22 ? 118  ALA A N   1 
ATOM   873  C  CA  . ALA A 1 118 ? 10.982  1.264   3.295   1.00 13.70 ? 118  ALA A CA  1 
ATOM   874  C  C   . ALA A 1 118 ? 10.868  -0.222  3.010   1.00 14.48 ? 118  ALA A C   1 
ATOM   875  O  O   . ALA A 1 118 ? 11.860  -0.959  3.065   1.00 15.80 ? 118  ALA A O   1 
ATOM   876  C  CB  . ALA A 1 118 ? 10.507  1.565   4.693   1.00 15.90 ? 118  ALA A CB  1 
ATOM   877  N  N   . CYS A 1 119 ? 9.655   -0.665  2.662   1.00 13.75 ? 119  CYS A N   1 
ATOM   878  C  CA  . CYS A 1 119 ? 9.507   -2.085  2.367   1.00 13.88 ? 119  CYS A CA  1 
ATOM   879  C  C   . CYS A 1 119 ? 10.152  -2.428  1.036   1.00 13.68 ? 119  CYS A C   1 
ATOM   880  O  O   . CYS A 1 119 ? 10.893  -3.428  0.987   1.00 15.70 ? 119  CYS A O   1 
ATOM   881  C  CB  . CYS A 1 119 ? 8.034   -2.450  2.352   1.00 14.02 ? 119  CYS A CB  1 
ATOM   882  S  SG  . CYS A 1 119 ? 7.896   -4.281  2.269   1.00 12.80 ? 119  CYS A SG  1 
ATOM   883  N  N   . HIS A 1 120 ? 10.031  -1.598  0.021   1.00 13.88 ? 120  HIS A N   1 
ATOM   884  C  CA  . HIS A 1 120 ? 10.726  -1.797  -1.232  1.00 14.92 ? 120  HIS A CA  1 
ATOM   885  C  C   . HIS A 1 120 ? 12.224  -1.994  -0.997  1.00 16.92 ? 120  HIS A C   1 
ATOM   886  O  O   . HIS A 1 120 ? 12.836  -2.950  -1.505  1.00 16.03 ? 120  HIS A O   1 
ATOM   887  C  CB  . HIS A 1 120 ? 10.508  -0.627  -2.177  1.00 17.69 ? 120  HIS A CB  1 
ATOM   888  C  CG  . HIS A 1 120 ? 11.101  -0.748  -3.539  1.00 20.21 ? 120  HIS A CG  1 
ATOM   889  N  ND1 . HIS A 1 120 ? 10.561  -0.110  -4.628  1.00 26.35 ? 120  HIS A ND1 1 
ATOM   890  C  CD2 . HIS A 1 120 ? 12.138  -1.473  -4.032  1.00 27.53 ? 120  HIS A CD2 1 
ATOM   891  C  CE1 . HIS A 1 120 ? 11.255  -0.382  -5.712  1.00 27.27 ? 120  HIS A CE1 1 
ATOM   892  N  NE2 . HIS A 1 120 ? 12.227  -1.211  -5.375  1.00 30.93 ? 120  HIS A NE2 1 
ATOM   893  N  N   . ASP A 1 121 ? 12.854  -1.104  -0.254  1.00 15.15 ? 121  ASP A N   1 
ATOM   894  C  CA  . ASP A 1 121 ? 14.304  -1.127  -0.074  1.00 15.44 ? 121  ASP A CA  1 
ATOM   895  C  C   . ASP A 1 121 ? 14.802  -2.363  0.653   1.00 18.97 ? 121  ASP A C   1 
ATOM   896  O  O   . ASP A 1 121 ? 15.843  -2.914  0.265   1.00 20.35 ? 121  ASP A O   1 
ATOM   897  C  CB  . ASP A 1 121 ? 14.705  0.127   0.690   1.00 16.15 ? 121  ASP A CB  1 
ATOM   898  C  CG  . ASP A 1 121 ? 14.670  1.390   -0.165  1.00 17.83 ? 121  ASP A CG  1 
ATOM   899  O  OD1 . ASP A 1 121 ? 14.587  1.327   -1.401  1.00 21.20 ? 121  ASP A OD1 1 
ATOM   900  O  OD2 . ASP A 1 121 ? 14.737  2.430   0.515   1.00 22.28 ? 121  ASP A OD2 1 
ATOM   901  N  N   . ALA A 1 122 ? 14.002  -2.918  1.553   1.00 15.97 ? 122  ALA A N   1 
ATOM   902  C  CA  . ALA A 1 122 ? 14.373  -4.126  2.262   1.00 15.24 ? 122  ALA A CA  1 
ATOM   903  C  C   . ALA A 1 122 ? 13.913  -5.411  1.623   1.00 16.51 ? 122  ALA A C   1 
ATOM   904  O  O   . ALA A 1 122 ? 14.592  -6.445  1.790   1.00 17.53 ? 122  ALA A O   1 
ATOM   905  C  CB  . ALA A 1 122 ? 13.782  -4.075  3.680   1.00 18.04 ? 122  ALA A CB  1 
ATOM   906  N  N   . TYR A 1 123 ? 12.763  -5.511  0.965   1.00 14.56 ? 123  TYR A N   1 
ATOM   907  C  CA  . TYR A 1 123 ? 12.142  -6.744  0.538   1.00 14.01 ? 123  TYR A CA  1 
ATOM   908  C  C   . TYR A 1 123 ? 11.744  -6.877  -0.911  1.00 13.75 ? 123  TYR A C   1 
ATOM   909  O  O   . TYR A 1 123 ? 11.209  -7.931  -1.298  1.00 14.83 ? 123  TYR A O   1 
ATOM   910  C  CB  . TYR A 1 123 ? 10.858  -6.909  1.420   1.00 13.79 ? 123  TYR A CB  1 
ATOM   911  C  CG  . TYR A 1 123 ? 11.234  -7.046  2.878   1.00 13.42 ? 123  TYR A CG  1 
ATOM   912  C  CD1 . TYR A 1 123 ? 12.014  -8.126  3.288   1.00 14.34 ? 123  TYR A CD1 1 
ATOM   913  C  CD2 . TYR A 1 123 ? 10.846  -6.109  3.826   1.00 15.21 ? 123  TYR A CD2 1 
ATOM   914  C  CE1 . TYR A 1 123 ? 12.380  -8.273  4.617   1.00 17.23 ? 123  TYR A CE1 1 
ATOM   915  C  CE2 . TYR A 1 123 ? 11.215  -6.257  5.148   1.00 16.13 ? 123  TYR A CE2 1 
ATOM   916  C  CZ  . TYR A 1 123 ? 11.979  -7.327  5.524   1.00 15.48 ? 123  TYR A CZ  1 
ATOM   917  O  OH  . TYR A 1 123 ? 12.325  -7.392  6.866   1.00 19.36 ? 123  TYR A OH  1 
ATOM   918  N  N   . ARG A 1 124 ? 12.062  -5.917  -1.764  1.00 14.99 ? 124  ARG A N   1 
ATOM   919  C  CA  . ARG A 1 124 ? 11.744  -6.031  -3.202  1.00 14.93 ? 124  ARG A CA  1 
ATOM   920  C  C   . ARG A 1 124 ? 13.033  -6.005  -3.998  1.00 19.70 ? 124  ARG A C   1 
ATOM   921  O  O   . ARG A 1 124 ? 13.919  -5.182  -3.727  1.00 21.14 ? 124  ARG A O   1 
ATOM   922  C  CB  . ARG A 1 124 ? 10.763  -4.924  -3.605  1.00 17.26 ? 124  ARG A CB  1 
ATOM   923  C  CG  . ARG A 1 124 ? 10.302  -4.984  -5.050  1.00 17.35 ? 124  ARG A CG  1 
ATOM   924  C  CD  . ARG A 1 124 ? 9.304   -3.867  -5.324  1.00 18.22 ? 124  ARG A CD  1 
ATOM   925  N  NE  . ARG A 1 124 ? 9.054   -3.747  -6.758  1.00 18.78 ? 124  ARG A NE  1 
ATOM   926  C  CZ  . ARG A 1 124 ? 8.471   -2.697  -7.319  1.00 17.70 ? 124  ARG A CZ  1 
ATOM   927  N  NH1 . ARG A 1 124 ? 8.086   -1.676  -6.573  1.00 20.58 ? 124  ARG A NH1 1 
ATOM   928  N  NH2 . ARG A 1 124 ? 8.279   -2.665  -8.630  1.00 19.92 ? 124  ARG A NH2 1 
ATOM   929  N  N   . LYS A 1 125 ? 13.208  -6.922  -4.940  1.00 19.34 ? 125  LYS A N   1 
ATOM   930  C  CA  . LYS A 1 125 ? 14.457  -7.052  -5.698  1.00 23.07 ? 125  LYS A CA  1 
ATOM   931  C  C   . LYS A 1 125 ? 14.542  -6.017  -6.795  1.00 26.40 ? 125  LYS A C   1 
ATOM   932  O  O   . LYS A 1 125 ? 13.572  -5.495  -7.332  1.00 27.87 ? 125  LYS A O   1 
ATOM   933  C  CB  . LYS A 1 125 ? 14.583  -8.466  -6.274  1.00 24.29 ? 125  LYS A CB  1 
HETATM 934  FE FE  . HEC B 2 .   ? 5.254   -2.699  -3.152  1.00 14.52 ? 128  HEC A FE  1 
HETATM 935  C  CHA . HEC B 2 .   ? 5.824   -4.889  -5.728  1.00 10.90 ? 128  HEC A CHA 1 
HETATM 936  C  CHB . HEC B 2 .   ? 4.197   -0.354  -5.348  1.00 14.42 ? 128  HEC A CHB 1 
HETATM 937  C  CHC . HEC B 2 .   ? 3.882   -0.912  -0.580  1.00 11.91 ? 128  HEC A CHC 1 
HETATM 938  C  CHD . HEC B 2 .   ? 6.417   -4.991  -0.925  1.00 10.91 ? 128  HEC A CHD 1 
HETATM 939  N  NA  . HEC B 2 .   ? 5.042   -2.653  -5.097  1.00 11.83 ? 128  HEC A NA  1 
HETATM 940  C  C1A . HEC B 2 .   ? 5.305   -3.644  -6.039  1.00 11.38 ? 128  HEC A C1A 1 
HETATM 941  C  C2A . HEC B 2 .   ? 4.938   -3.179  -7.351  1.00 11.48 ? 128  HEC A C2A 1 
HETATM 942  C  C3A . HEC B 2 .   ? 4.488   -1.924  -7.242  1.00 12.67 ? 128  HEC A C3A 1 
HETATM 943  C  C4A . HEC B 2 .   ? 4.562   -1.585  -5.839  1.00 12.42 ? 128  HEC A C4A 1 
HETATM 944  C  CMA . HEC B 2 .   ? 3.968   -0.959  -8.324  1.00 14.56 ? 128  HEC A CMA 1 
HETATM 945  C  CAA . HEC B 2 .   ? 5.055   -4.033  -8.635  1.00 12.87 ? 128  HEC A CAA 1 
HETATM 946  C  CBA . HEC B 2 .   ? 3.830   -4.944  -8.869  1.00 15.39 ? 128  HEC A CBA 1 
HETATM 947  C  CGA . HEC B 2 .   ? 3.856   -5.695  -10.177 1.00 17.44 ? 128  HEC A CGA 1 
HETATM 948  O  O1A . HEC B 2 .   ? 4.675   -6.626  -10.278 1.00 16.13 ? 128  HEC A O1A 1 
HETATM 949  O  O2A . HEC B 2 .   ? 3.041   -5.313  -11.058 1.00 21.25 ? 128  HEC A O2A 1 
HETATM 950  N  NB  . HEC B 2 .   ? 4.214   -0.978  -2.983  1.00 11.35 ? 128  HEC A NB  1 
HETATM 951  C  C1B . HEC B 2 .   ? 3.957   -0.106  -4.019  1.00 13.34 ? 128  HEC A C1B 1 
HETATM 952  C  C2B . HEC B 2 .   ? 3.363   1.099   -3.481  1.00 12.76 ? 128  HEC A C2B 1 
HETATM 953  C  C3B . HEC B 2 .   ? 3.242   0.936   -2.168  1.00 13.33 ? 128  HEC A C3B 1 
HETATM 954  C  C4B . HEC B 2 .   ? 3.779   -0.363  -1.821  1.00 11.61 ? 128  HEC A C4B 1 
HETATM 955  C  CMB . HEC B 2 .   ? 2.926   2.263   -4.405  1.00 17.94 ? 128  HEC A CMB 1 
HETATM 956  C  CAB . HEC B 2 .   ? 2.638   1.912   -1.141  1.00 12.90 ? 128  HEC A CAB 1 
HETATM 957  C  CBB . HEC B 2 .   ? 1.433   2.499   -1.479  1.00 15.36 ? 128  HEC A CBB 1 
HETATM 958  N  NC  . HEC B 2 .   ? 5.125   -2.936  -1.158  1.00 11.46 ? 128  HEC A NC  1 
HETATM 959  C  C1C . HEC B 2 .   ? 4.555   -2.078  -0.236  1.00 10.68 ? 128  HEC A C1C 1 
HETATM 960  C  C2C . HEC B 2 .   ? 4.814   -2.532  1.106   1.00 11.22 ? 128  HEC A C2C 1 
HETATM 961  C  C3C . HEC B 2 .   ? 5.520   -3.685  1.003   1.00 11.11 ? 128  HEC A C3C 1 
HETATM 962  C  C4C . HEC B 2 .   ? 5.734   -3.917  -0.395  1.00 11.05 ? 128  HEC A C4C 1 
HETATM 963  C  CMC . HEC B 2 .   ? 4.312   -1.806  2.343   1.00 12.92 ? 128  HEC A CMC 1 
HETATM 964  C  CAC . HEC B 2 .   ? 6.066   -4.595  2.137   1.00 11.74 ? 128  HEC A CAC 1 
HETATM 965  C  CBC . HEC B 2 .   ? 5.454   -4.585  3.352   1.00 13.63 ? 128  HEC A CBC 1 
HETATM 966  N  ND  . HEC B 2 .   ? 5.985   -4.582  -3.301  1.00 11.43 ? 128  HEC A ND  1 
HETATM 967  C  C1D . HEC B 2 .   ? 6.471   -5.328  -2.250  1.00 11.15 ? 128  HEC A C1D 1 
HETATM 968  C  C2D . HEC B 2 .   ? 7.016   -6.567  -2.804  1.00 10.96 ? 128  HEC A C2D 1 
HETATM 969  C  C3D . HEC B 2 .   ? 6.842   -6.545  -4.107  1.00 10.21 ? 128  HEC A C3D 1 
HETATM 970  C  C4D . HEC B 2 .   ? 6.183   -5.285  -4.469  1.00 10.46 ? 128  HEC A C4D 1 
HETATM 971  C  CMD . HEC B 2 .   ? 7.659   -7.659  -1.911  1.00 12.20 ? 128  HEC A CMD 1 
HETATM 972  C  CAD . HEC B 2 .   ? 7.223   -7.632  -5.138  1.00 12.40 ? 128  HEC A CAD 1 
HETATM 973  C  CBD . HEC B 2 .   ? 6.020   -8.613  -5.332  1.00 13.14 ? 128  HEC A CBD 1 
HETATM 974  C  CGD . HEC B 2 .   ? 6.355   -9.742  -6.250  1.00 12.76 ? 128  HEC A CGD 1 
HETATM 975  O  O1D . HEC B 2 .   ? 6.077   -10.917 -5.879  1.00 12.98 ? 128  HEC A O1D 1 
HETATM 976  O  O2D . HEC B 2 .   ? 6.869   -9.470  -7.353  1.00 12.53 ? 128  HEC A O2D 1 
HETATM 977  N  N   A NO  C 3 .   ? 7.083   -1.843  -2.886  0.50 15.08 ? 130  NO  A N   1 
HETATM 978  N  N   B NO  C 3 .   ? 6.942   -1.766  -3.189  0.50 15.43 ? 130  NO  A N   1 
HETATM 979  O  O   A NO  C 3 .   ? 8.023   -2.393  -2.472  0.50 16.07 ? 130  NO  A O   1 
HETATM 980  O  O   B NO  C 3 .   ? 7.330   -0.889  -3.849  0.50 17.65 ? 130  NO  A O   1 
HETATM 981  O  O   . HOH D 4 .   ? -8.302  -22.563 -4.400  1.00 34.84 ? 2001 HOH A O   1 
HETATM 982  O  O   . HOH D 4 .   ? -10.457 -19.183 -0.626  1.00 37.15 ? 2002 HOH A O   1 
HETATM 983  O  O   . HOH D 4 .   ? -9.123  -24.335 -1.686  1.00 49.08 ? 2003 HOH A O   1 
HETATM 984  O  O   . HOH D 4 .   ? 0.639   -20.452 -3.317  1.00 18.64 ? 2004 HOH A O   1 
HETATM 985  O  O   . HOH D 4 .   ? 1.592   -24.461 -3.837  1.00 32.81 ? 2005 HOH A O   1 
HETATM 986  O  O   . HOH D 4 .   ? -6.670  -21.876 -7.212  1.00 40.50 ? 2006 HOH A O   1 
HETATM 987  O  O   . HOH D 4 .   ? 3.987   -25.718 -7.272  1.00 29.04 ? 2007 HOH A O   1 
HETATM 988  O  O   . HOH D 4 .   ? 1.133   -16.990 -13.719 1.00 45.34 ? 2008 HOH A O   1 
HETATM 989  O  O   . HOH D 4 .   ? -6.975  -11.588 1.820   1.00 47.83 ? 2009 HOH A O   1 
HETATM 990  O  O   . HOH D 4 .   ? 6.684   -20.732 -13.409 1.00 21.43 ? 2010 HOH A O   1 
HETATM 991  O  O   . HOH D 4 .   ? 7.879   -20.912 -8.922  1.00 18.64 ? 2011 HOH A O   1 
HETATM 992  O  O   . HOH D 4 .   ? 5.594   -23.920 -8.797  1.00 19.45 ? 2012 HOH A O   1 
HETATM 993  O  O   . HOH D 4 .   ? 2.899   -15.510 -11.733 1.00 23.67 ? 2013 HOH A O   1 
HETATM 994  O  O   . HOH D 4 .   ? 6.522   -14.054 -13.044 1.00 31.79 ? 2014 HOH A O   1 
HETATM 995  O  O   . HOH D 4 .   ? -18.639 7.047   -4.007  1.00 38.76 ? 2015 HOH A O   1 
HETATM 996  O  O   . HOH D 4 .   ? -17.967 5.820   -6.177  1.00 46.93 ? 2016 HOH A O   1 
HETATM 997  O  O   . HOH D 4 .   ? -4.284  -14.950 -9.397  1.00 29.38 ? 2017 HOH A O   1 
HETATM 998  O  O   . HOH D 4 .   ? -2.334  -17.185 -12.045 1.00 40.84 ? 2018 HOH A O   1 
HETATM 999  O  O   . HOH D 4 .   ? -2.817  -22.947 -10.924 1.00 33.60 ? 2019 HOH A O   1 
HETATM 1000 O  O   . HOH D 4 .   ? 0.342   4.012   -11.299 1.00 36.31 ? 2020 HOH A O   1 
HETATM 1001 O  O   . HOH D 4 .   ? 2.727   -0.034  -11.643 1.00 32.20 ? 2021 HOH A O   1 
HETATM 1002 O  O   . HOH D 4 .   ? -8.698  -0.805  9.104   1.00 29.20 ? 2022 HOH A O   1 
HETATM 1003 O  O   . HOH D 4 .   ? -9.465  1.259   10.694  1.00 29.95 ? 2023 HOH A O   1 
HETATM 1004 O  O   . HOH D 4 .   ? -7.855  -8.896  4.279   1.00 36.13 ? 2024 HOH A O   1 
HETATM 1005 O  O   . HOH D 4 .   ? 4.213   3.689   -8.293  1.00 50.44 ? 2025 HOH A O   1 
HETATM 1006 O  O   . HOH D 4 .   ? 3.618   7.291   -6.186  1.00 44.69 ? 2026 HOH A O   1 
HETATM 1007 O  O   . HOH D 4 .   ? -0.955  9.181   -11.487 1.00 41.05 ? 2027 HOH A O   1 
HETATM 1008 O  O   . HOH D 4 .   ? -1.662  12.042  -11.967 1.00 46.82 ? 2028 HOH A O   1 
HETATM 1009 O  O   . HOH D 4 .   ? -12.490 8.597   -10.768 1.00 35.32 ? 2029 HOH A O   1 
HETATM 1010 O  O   . HOH D 4 .   ? -4.894  15.274  -10.464 1.00 35.14 ? 2030 HOH A O   1 
HETATM 1011 O  O   . HOH D 4 .   ? -6.978  -12.591 -1.191  1.00 19.19 ? 2031 HOH A O   1 
HETATM 1012 O  O   . HOH D 4 .   ? 2.912   -12.702 -12.408 1.00 32.62 ? 2032 HOH A O   1 
HETATM 1013 O  O   . HOH D 4 .   ? 1.960   -9.530  -12.893 1.00 37.97 ? 2033 HOH A O   1 
HETATM 1014 O  O   . HOH D 4 .   ? 7.414   -11.765 -11.735 1.00 25.55 ? 2034 HOH A O   1 
HETATM 1015 O  O   . HOH D 4 .   ? -11.021 17.100  -9.294  1.00 45.07 ? 2035 HOH A O   1 
HETATM 1016 O  O   . HOH D 4 .   ? -7.226  15.278  -9.377  1.00 50.36 ? 2036 HOH A O   1 
HETATM 1017 O  O   . HOH D 4 .   ? -12.791 20.964  1.158   1.00 38.66 ? 2037 HOH A O   1 
HETATM 1018 O  O   . HOH D 4 .   ? -18.611 17.050  -8.299  1.00 41.07 ? 2038 HOH A O   1 
HETATM 1019 O  O   . HOH D 4 .   ? -18.541 12.170  0.640   1.00 33.29 ? 2039 HOH A O   1 
HETATM 1020 O  O   . HOH D 4 .   ? -15.424 16.080  4.626   1.00 41.80 ? 2040 HOH A O   1 
HETATM 1021 O  O   . HOH D 4 .   ? -16.934 7.837   -0.387  1.00 30.16 ? 2041 HOH A O   1 
HETATM 1022 O  O   . HOH D 4 .   ? -18.611 10.210  -3.763  1.00 36.54 ? 2042 HOH A O   1 
HETATM 1023 O  O   . HOH D 4 .   ? -15.290 1.928   -1.990  1.00 34.15 ? 2043 HOH A O   1 
HETATM 1024 O  O   . HOH D 4 .   ? -17.202 5.626   -1.824  1.00 35.78 ? 2044 HOH A O   1 
HETATM 1025 O  O   . HOH D 4 .   ? -15.290 4.847   -5.888  1.00 24.67 ? 2045 HOH A O   1 
HETATM 1026 O  O   . HOH D 4 .   ? 10.554  10.279  4.530   1.00 35.89 ? 2046 HOH A O   1 
HETATM 1027 O  O   . HOH D 4 .   ? 0.294   0.952   -11.016 1.00 22.02 ? 2047 HOH A O   1 
HETATM 1028 O  O   . HOH D 4 .   ? -7.473  -0.060  6.763   1.00 18.53 ? 2048 HOH A O   1 
HETATM 1029 O  O   . HOH D 4 .   ? -9.761  3.228   8.800   1.00 22.89 ? 2049 HOH A O   1 
HETATM 1030 O  O   . HOH D 4 .   ? -11.936 -4.287  2.623   1.00 48.82 ? 2050 HOH A O   1 
HETATM 1031 O  O   . HOH D 4 .   ? -15.144 -2.285  3.988   1.00 47.84 ? 2051 HOH A O   1 
HETATM 1032 O  O   . HOH D 4 .   ? -9.696  -7.958  2.609   1.00 21.15 ? 2052 HOH A O   1 
HETATM 1033 O  O   . HOH D 4 .   ? 2.348   5.038   -6.812  1.00 29.65 ? 2053 HOH A O   1 
HETATM 1034 O  O   . HOH D 4 .   ? -9.404  -10.175 0.928   1.00 31.64 ? 2054 HOH A O   1 
HETATM 1035 O  O   . HOH D 4 .   ? -1.449  6.551   -10.688 1.00 39.27 ? 2055 HOH A O   1 
HETATM 1036 O  O   . HOH D 4 .   ? -2.293  3.367   -13.178 1.00 25.28 ? 2056 HOH A O   1 
HETATM 1037 O  O   . HOH D 4 .   ? -0.802  -14.657 5.584   1.00 28.42 ? 2057 HOH A O   1 
HETATM 1038 O  O   . HOH D 4 .   ? 4.857   -26.024 -4.638  1.00 40.01 ? 2058 HOH A O   1 
HETATM 1039 O  O   . HOH D 4 .   ? 0.437   11.480  -10.386 1.00 53.75 ? 2059 HOH A O   1 
HETATM 1040 O  O   . HOH D 4 .   ? -4.212  12.574  -10.924 1.00 25.63 ? 2060 HOH A O   1 
HETATM 1041 O  O   . HOH D 4 .   ? -11.247 5.903   -10.220 1.00 40.48 ? 2061 HOH A O   1 
HETATM 1042 O  O   . HOH D 4 .   ? -9.715  8.121   -9.262  1.00 29.83 ? 2062 HOH A O   1 
HETATM 1043 O  O   . HOH D 4 .   ? -6.559  12.004  -7.297  1.00 32.86 ? 2063 HOH A O   1 
HETATM 1044 O  O   . HOH D 4 .   ? 19.290  -12.994 6.397   1.00 29.80 ? 2064 HOH A O   1 
HETATM 1045 O  O   . HOH D 4 .   ? 3.894   10.121  -5.597  1.00 34.13 ? 2065 HOH A O   1 
HETATM 1046 O  O   . HOH D 4 .   ? 8.549   -7.634  15.662  1.00 34.82 ? 2066 HOH A O   1 
HETATM 1047 O  O   . HOH D 4 .   ? 11.059  -4.988  13.365  1.00 24.69 ? 2067 HOH A O   1 
HETATM 1048 O  O   . HOH D 4 .   ? 13.895  -4.781  13.345  1.00 50.10 ? 2068 HOH A O   1 
HETATM 1049 O  O   . HOH D 4 .   ? 2.692   19.072  -0.427  1.00 24.79 ? 2069 HOH A O   1 
HETATM 1050 O  O   . HOH D 4 .   ? 10.045  -3.350  15.228  1.00 23.85 ? 2070 HOH A O   1 
HETATM 1051 O  O   . HOH D 4 .   ? 3.709   21.312  -2.288  1.00 32.15 ? 2071 HOH A O   1 
HETATM 1052 O  O   . HOH D 4 .   ? 2.300   23.538  -5.369  1.00 24.27 ? 2072 HOH A O   1 
HETATM 1053 O  O   . HOH D 4 .   ? 8.573   0.818   7.651   1.00 19.69 ? 2073 HOH A O   1 
HETATM 1054 O  O   . HOH D 4 .   ? -2.708  -9.283  9.161   1.00 41.40 ? 2074 HOH A O   1 
HETATM 1055 O  O   . HOH D 4 .   ? -3.649  24.609  -4.768  1.00 15.11 ? 2075 HOH A O   1 
HETATM 1056 O  O   . HOH D 4 .   ? -1.021  19.408  -12.106 1.00 51.40 ? 2076 HOH A O   1 
HETATM 1057 O  O   . HOH D 4 .   ? 2.405   15.491  -9.234  1.00 37.77 ? 2077 HOH A O   1 
HETATM 1058 O  O   . HOH D 4 .   ? 1.387   18.485  -12.356 1.00 50.68 ? 2078 HOH A O   1 
HETATM 1059 O  O   . HOH D 4 .   ? -5.077  -2.085  9.351   1.00 39.01 ? 2079 HOH A O   1 
HETATM 1060 O  O   . HOH D 4 .   ? -4.596  20.730  -3.653  1.00 16.01 ? 2080 HOH A O   1 
HETATM 1061 O  O   . HOH D 4 .   ? -8.606  17.425  -8.742  1.00 33.35 ? 2081 HOH A O   1 
HETATM 1062 O  O   . HOH D 4 .   ? -12.499 21.249  -5.350  1.00 35.68 ? 2082 HOH A O   1 
HETATM 1063 O  O   . HOH D 4 .   ? -11.140 13.730  1.375   1.00 14.52 ? 2083 HOH A O   1 
HETATM 1064 O  O   . HOH D 4 .   ? -11.958 8.648   11.344  1.00 28.19 ? 2084 HOH A O   1 
HETATM 1065 O  O   . HOH D 4 .   ? -12.481 15.230  -8.598  1.00 29.26 ? 2085 HOH A O   1 
HETATM 1066 O  O   . HOH D 4 .   ? -9.082  16.214  -5.409  1.00 17.43 ? 2086 HOH A O   1 
HETATM 1067 O  O   . HOH D 4 .   ? -16.823 14.932  -7.673  0.50 24.73 ? 2087 HOH A O   1 
HETATM 1068 O  O   . HOH D 4 .   ? -13.440 19.760  -1.374  1.00 28.07 ? 2088 HOH A O   1 
HETATM 1069 O  O   . HOH D 4 .   ? -6.453  22.971  3.817   1.00 38.64 ? 2089 HOH A O   1 
HETATM 1070 O  O   . HOH D 4 .   ? -10.413 22.141  2.305   1.00 46.43 ? 2090 HOH A O   1 
HETATM 1071 O  O   . HOH D 4 .   ? -16.505 14.273  1.687   1.00 29.44 ? 2091 HOH A O   1 
HETATM 1072 O  O   . HOH D 4 .   ? -16.281 17.535  -1.738  1.00 24.51 ? 2092 HOH A O   1 
HETATM 1073 O  O   . HOH D 4 .   ? -17.161 10.394  -1.184  1.00 20.75 ? 2093 HOH A O   1 
HETATM 1074 O  O   . HOH D 4 .   ? 0.552   23.995  4.741   1.00 24.55 ? 2094 HOH A O   1 
HETATM 1075 O  O   . HOH D 4 .   ? 0.142   20.519  8.397   1.00 29.85 ? 2095 HOH A O   1 
HETATM 1076 O  O   . HOH D 4 .   ? 2.896   17.467  6.582   0.50 22.55 ? 2096 HOH A O   1 
HETATM 1077 O  O   . HOH D 4 .   ? -1.132  15.089  10.596  1.00 28.29 ? 2097 HOH A O   1 
HETATM 1078 O  O   . HOH D 4 .   ? -8.424  10.157  -7.066  1.00 28.62 ? 2098 HOH A O   1 
HETATM 1079 O  O   . HOH D 4 .   ? -10.095 14.239  -7.105  1.00 30.71 ? 2099 HOH A O   1 
HETATM 1080 O  O   . HOH D 4 .   ? 5.752   16.465  4.109   0.50 22.26 ? 2100 HOH A O   1 
HETATM 1081 O  O   . HOH D 4 .   ? 4.549   13.074  -0.320  1.00 34.35 ? 2101 HOH A O   1 
HETATM 1082 O  O   . HOH D 4 .   ? 9.372   8.399   0.471   1.00 37.85 ? 2102 HOH A O   1 
HETATM 1083 O  O   . HOH D 4 .   ? -19.424 10.268  2.238   1.00 45.50 ? 2103 HOH A O   1 
HETATM 1084 O  O   . HOH D 4 .   ? 8.007   11.011  5.172   1.00 38.90 ? 2104 HOH A O   1 
HETATM 1085 O  O   . HOH D 4 .   ? -15.109 4.320   -3.113  1.00 19.50 ? 2105 HOH A O   1 
HETATM 1086 O  O   . HOH D 4 .   ? 11.227  7.979   2.732   1.00 31.02 ? 2106 HOH A O   1 
HETATM 1087 O  O   . HOH D 4 .   ? -11.029 5.992   -7.570  1.00 23.35 ? 2107 HOH A O   1 
HETATM 1088 O  O   . HOH D 4 .   ? -13.194 6.528   -6.312  1.00 24.93 ? 2108 HOH A O   1 
HETATM 1089 O  O   . HOH D 4 .   ? 14.372  2.284   4.920   1.00 27.06 ? 2109 HOH A O   1 
HETATM 1090 O  O   . HOH D 4 .   ? 15.202  -1.241  -8.512  1.00 42.93 ? 2110 HOH A O   1 
HETATM 1091 O  O   . HOH D 4 .   ? -15.156 6.579   4.217   1.00 29.76 ? 2111 HOH A O   1 
HETATM 1092 O  O   . HOH D 4 .   ? -12.271 -1.524  8.417   1.00 46.11 ? 2112 HOH A O   1 
HETATM 1093 O  O   . HOH D 4 .   ? -7.730  -2.093  4.852   1.00 23.80 ? 2113 HOH A O   1 
HETATM 1094 O  O   . HOH D 4 .   ? -12.218 3.187   7.639   1.00 25.44 ? 2114 HOH A O   1 
HETATM 1095 O  O   . HOH D 4 .   ? -9.971  -3.352  3.913   1.00 34.24 ? 2115 HOH A O   1 
HETATM 1096 O  O   . HOH D 4 .   ? -9.795  -5.374  1.691   1.00 17.26 ? 2116 HOH A O   1 
HETATM 1097 O  O   . HOH D 4 .   ? -12.212 -1.593  3.119   1.00 43.37 ? 2117 HOH A O   1 
HETATM 1098 O  O   . HOH D 4 .   ? -13.895 -0.037  -1.173  1.00 33.55 ? 2118 HOH A O   1 
HETATM 1099 O  O   . HOH D 4 .   ? -4.711  -2.194  4.809   1.00 20.48 ? 2119 HOH A O   1 
HETATM 1100 O  O   . HOH D 4 .   ? -4.083  -10.039 2.900   1.00 22.38 ? 2120 HOH A O   1 
HETATM 1101 O  O   . HOH D 4 .   ? -4.324  -7.301  5.437   1.00 29.22 ? 2121 HOH A O   1 
HETATM 1102 O  O   . HOH D 4 .   ? -6.175  -10.586 -0.310  1.00 33.92 ? 2122 HOH A O   1 
HETATM 1103 O  O   . HOH D 4 .   ? 2.354   -11.549 4.687   1.00 40.70 ? 2123 HOH A O   1 
HETATM 1104 O  O   . HOH D 4 .   ? -1.931  -16.311 3.747   1.00 15.18 ? 2124 HOH A O   1 
HETATM 1105 O  O   . HOH D 4 .   ? 4.389   -16.756 5.585   1.00 43.10 ? 2125 HOH A O   1 
HETATM 1106 O  O   . HOH D 4 .   ? 4.429   -13.159 4.557   1.00 25.89 ? 2126 HOH A O   1 
HETATM 1107 O  O   . HOH D 4 .   ? 2.475   -15.093 6.123   1.00 37.41 ? 2127 HOH A O   1 
HETATM 1108 O  O   . HOH D 4 .   ? 5.896   -23.704 -2.498  1.00 47.06 ? 2128 HOH A O   1 
HETATM 1109 O  O   . HOH D 4 .   ? 6.873   -18.631 -7.732  1.00 23.00 ? 2129 HOH A O   1 
HETATM 1110 O  O   . HOH D 4 .   ? 8.321   -23.940 -1.474  1.00 21.38 ? 2130 HOH A O   1 
HETATM 1111 O  O   . HOH D 4 .   ? 7.501   -20.805 -4.567  1.00 28.34 ? 2131 HOH A O   1 
HETATM 1112 O  O   . HOH D 4 .   ? 12.558  -11.601 -10.371 1.00 26.66 ? 2132 HOH A O   1 
HETATM 1113 O  O   . HOH D 4 .   ? 13.159  -5.959  -10.782 1.00 45.99 ? 2133 HOH A O   1 
HETATM 1114 O  O   . HOH D 4 .   ? 8.736   -5.462  -9.002  1.00 22.34 ? 2134 HOH A O   1 
HETATM 1115 O  O   . HOH D 4 .   ? 10.978  -14.887 -3.441  1.00 17.71 ? 2135 HOH A O   1 
HETATM 1116 O  O   . HOH D 4 .   ? 17.482  -10.959 -1.288  1.00 28.66 ? 2136 HOH A O   1 
HETATM 1117 O  O   . HOH D 4 .   ? 19.626  -13.766 3.811   1.00 27.52 ? 2137 HOH A O   1 
HETATM 1118 O  O   . HOH D 4 .   ? 6.585   -13.212 6.206   1.00 20.13 ? 2138 HOH A O   1 
HETATM 1119 O  O   . HOH D 4 .   ? 16.104  -17.017 9.154   1.00 25.28 ? 2139 HOH A O   1 
HETATM 1120 O  O   . HOH D 4 .   ? 14.860  -8.195  6.955   1.00 32.60 ? 2140 HOH A O   1 
HETATM 1121 O  O   . HOH D 4 .   ? 17.020  -13.976 7.667   1.00 35.09 ? 2141 HOH A O   1 
HETATM 1122 O  O   . HOH D 4 .   ? 18.495  -10.521 6.740   1.00 38.46 ? 2142 HOH A O   1 
HETATM 1123 O  O   . HOH D 4 .   ? 11.195  -15.665 10.031  1.00 34.88 ? 2143 HOH A O   1 
HETATM 1124 O  O   . HOH D 4 .   ? 5.600   -11.685 8.221   1.00 23.67 ? 2144 HOH A O   1 
HETATM 1125 O  O   . HOH D 4 .   ? 6.418   -8.163  13.855  1.00 29.31 ? 2145 HOH A O   1 
HETATM 1126 O  O   . HOH D 4 .   ? 10.785  -7.447  14.318  1.00 29.44 ? 2146 HOH A O   1 
HETATM 1127 O  O   . HOH D 4 .   ? 12.451  -10.969 11.663  1.00 26.73 ? 2147 HOH A O   1 
HETATM 1128 O  O   . HOH D 4 .   ? 12.855  -9.375  13.866  1.00 36.43 ? 2148 HOH A O   1 
HETATM 1129 O  O   . HOH D 4 .   ? 14.261  -4.529  10.761  1.00 46.15 ? 2149 HOH A O   1 
HETATM 1130 O  O   . HOH D 4 .   ? 1.498   -6.855  10.128  1.00 34.89 ? 2150 HOH A O   1 
HETATM 1131 O  O   . HOH D 4 .   ? 8.492   -1.599  14.235  1.00 27.10 ? 2151 HOH A O   1 
HETATM 1132 O  O   . HOH D 4 .   ? 5.249   -1.668  12.246  1.00 41.91 ? 2152 HOH A O   1 
HETATM 1133 O  O   . HOH D 4 .   ? 14.888  -1.331  6.817   1.00 33.29 ? 2153 HOH A O   1 
HETATM 1134 O  O   . HOH D 4 .   ? 7.103   -0.280  5.549   1.00 15.03 ? 2154 HOH A O   1 
HETATM 1135 O  O   . HOH D 4 .   ? -0.988  -10.274 6.907   1.00 33.40 ? 2155 HOH A O   1 
HETATM 1136 O  O   . HOH D 4 .   ? 1.408   -6.490  12.933  1.00 30.66 ? 2156 HOH A O   1 
HETATM 1137 O  O   . HOH D 4 .   ? -4.894  -0.656  7.050   1.00 17.63 ? 2157 HOH A O   1 
HETATM 1138 O  O   . HOH D 4 .   ? -0.854  -5.133  9.516   1.00 34.43 ? 2158 HOH A O   1 
HETATM 1139 O  O   . HOH D 4 .   ? -1.580  -1.699  13.997  1.00 34.75 ? 2159 HOH A O   1 
HETATM 1140 O  O   . HOH D 4 .   ? -0.615  7.927   6.837   1.00 27.48 ? 2160 HOH A O   1 
HETATM 1141 O  O   . HOH D 4 .   ? -9.121  5.640   9.668   1.00 16.26 ? 2161 HOH A O   1 
HETATM 1142 O  O   . HOH D 4 .   ? 3.868   8.152   12.639  1.00 25.65 ? 2162 HOH A O   1 
HETATM 1143 O  O   . HOH D 4 .   ? -4.716  11.537  9.555   1.00 18.37 ? 2163 HOH A O   1 
HETATM 1144 O  O   . HOH D 4 .   ? -10.883 5.157   3.653   1.00 16.71 ? 2164 HOH A O   1 
HETATM 1145 O  O   . HOH D 4 .   ? -8.148  2.612   6.635   1.00 17.78 ? 2165 HOH A O   1 
HETATM 1146 O  O   . HOH D 4 .   ? -11.628 10.998  10.501  1.00 24.14 ? 2166 HOH A O   1 
HETATM 1147 O  O   . HOH D 4 .   ? -14.401 14.225  3.271   1.00 28.44 ? 2167 HOH A O   1 
HETATM 1148 O  O   . HOH D 4 .   ? -12.789 5.098   5.793   1.00 27.38 ? 2168 HOH A O   1 
HETATM 1149 O  O   . HOH D 4 .   ? -11.492 6.961   9.156   1.00 20.24 ? 2169 HOH A O   1 
HETATM 1150 O  O   . HOH D 4 .   ? -14.957 7.344   8.768   1.00 49.99 ? 2170 HOH A O   1 
HETATM 1151 O  O   . HOH D 4 .   ? -11.613 7.552   2.678   1.00 16.92 ? 2171 HOH A O   1 
HETATM 1152 O  O   . HOH D 4 .   ? -13.100 19.600  3.439   1.00 32.52 ? 2172 HOH A O   1 
HETATM 1153 O  O   . HOH D 4 .   ? -9.974  21.055  6.718   1.00 47.87 ? 2173 HOH A O   1 
HETATM 1154 O  O   . HOH D 4 .   ? -8.750  20.833  4.171   1.00 23.11 ? 2174 HOH A O   1 
HETATM 1155 O  O   . HOH D 4 .   ? 0.058   21.312  4.205   1.00 23.20 ? 2175 HOH A O   1 
HETATM 1156 O  O   . HOH D 4 .   ? -3.723  24.981  4.740   1.00 27.53 ? 2176 HOH A O   1 
HETATM 1157 O  O   . HOH D 4 .   ? 0.602   18.982  6.008   1.00 18.17 ? 2177 HOH A O   1 
HETATM 1158 O  O   . HOH D 4 .   ? -6.427  21.365  5.814   1.00 40.03 ? 2178 HOH A O   1 
HETATM 1159 O  O   . HOH D 4 .   ? -3.239  22.712  9.182   1.00 47.10 ? 2179 HOH A O   1 
HETATM 1160 O  O   . HOH D 4 .   ? -1.580  24.747  6.111   1.00 27.04 ? 2180 HOH A O   1 
HETATM 1161 O  O   . HOH D 4 .   ? -2.191  12.705  9.025   1.00 21.07 ? 2181 HOH A O   1 
HETATM 1162 O  O   . HOH D 4 .   ? 3.239   14.366  1.451   1.00 26.54 ? 2182 HOH A O   1 
HETATM 1163 O  O   . HOH D 4 .   ? 6.591   18.420  1.292   1.00 42.79 ? 2183 HOH A O   1 
HETATM 1164 O  O   . HOH D 4 .   ? 4.109   16.668  0.226   1.00 47.45 ? 2184 HOH A O   1 
HETATM 1165 O  O   . HOH D 4 .   ? 7.257   10.247  1.634   1.00 28.60 ? 2185 HOH A O   1 
HETATM 1166 O  O   . HOH D 4 .   ? 3.506   10.364  11.266  1.00 19.43 ? 2186 HOH A O   1 
HETATM 1167 O  O   . HOH D 4 .   ? 0.339   11.531  9.372   1.00 23.74 ? 2187 HOH A O   1 
HETATM 1168 O  O   . HOH D 4 .   ? 6.909   9.459   7.330   1.00 26.39 ? 2188 HOH A O   1 
HETATM 1169 O  O   . HOH D 4 .   ? 11.279  5.357   3.455   1.00 23.77 ? 2189 HOH A O   1 
HETATM 1170 O  O   . HOH D 4 .   ? 8.734   4.580   6.706   1.00 39.80 ? 2190 HOH A O   1 
HETATM 1171 O  O   . HOH D 4 .   ? 7.273   3.173   7.773   1.00 23.50 ? 2191 HOH A O   1 
HETATM 1172 O  O   . HOH D 4 .   ? 14.118  -0.364  4.291   1.00 23.24 ? 2192 HOH A O   1 
HETATM 1173 O  O   . HOH D 4 .   ? 14.587  -2.745  -6.492  1.00 35.07 ? 2193 HOH A O   1 
HETATM 1174 O  O   . HOH D 4 .   ? 8.781   2.499   -3.498  1.00 45.05 ? 2194 HOH A O   1 
HETATM 1175 O  O   . HOH D 4 .   ? 13.535  3.707   2.836   1.00 27.64 ? 2195 HOH A O   1 
HETATM 1176 O  O   . HOH D 4 .   ? 17.169  2.269   2.367   1.00 45.76 ? 2196 HOH A O   1 
HETATM 1177 O  O   . HOH D 4 .   ? 18.538  -4.495  0.848   1.00 49.84 ? 2197 HOH A O   1 
HETATM 1178 O  O   . HOH D 4 .   ? 15.926  -7.266  4.138   1.00 35.29 ? 2198 HOH A O   1 
HETATM 1179 O  O   . HOH D 4 .   ? 16.632  -1.686  3.762   1.00 36.94 ? 2199 HOH A O   1 
HETATM 1180 O  O   . HOH D 4 .   ? 13.399  -4.905  7.696   1.00 28.35 ? 2200 HOH A O   1 
HETATM 1181 O  O   . HOH D 4 .   ? 15.867  -4.293  -2.133  1.00 36.94 ? 2201 HOH A O   1 
HETATM 1182 O  O   . HOH D 4 .   ? 6.748   -7.039  -8.490  1.00 16.51 ? 2202 HOH A O   1 
HETATM 1183 O  O   . HOH D 4 .   ? 3.358   -2.558  -11.750 1.00 31.14 ? 2203 HOH A O   1 
HETATM 1184 O  O   . HOH D 4 .   ? 5.879   -7.537  -12.642 1.00 33.34 ? 2204 HOH A O   1 
# 
_atom_site_anisotrop.id                   934 
_atom_site_anisotrop.type_symbol          FE 
_atom_site_anisotrop.pdbx_label_atom_id   FE 
_atom_site_anisotrop.pdbx_label_alt_id    . 
_atom_site_anisotrop.pdbx_label_comp_id   HEC 
_atom_site_anisotrop.pdbx_label_asym_id   B 
_atom_site_anisotrop.pdbx_label_seq_id    . 
_atom_site_anisotrop.pdbx_PDB_ins_code    ? 
_atom_site_anisotrop.U[1][1]              0.1722 
_atom_site_anisotrop.U[2][2]              0.1580 
_atom_site_anisotrop.U[3][3]              0.2216 
_atom_site_anisotrop.U[1][2]              0.0134 
_atom_site_anisotrop.U[1][3]              -0.0267 
_atom_site_anisotrop.U[2][3]              0.0232 
_atom_site_anisotrop.pdbx_auth_seq_id     128 
_atom_site_anisotrop.pdbx_auth_comp_id    HEC 
_atom_site_anisotrop.pdbx_auth_asym_id    A 
_atom_site_anisotrop.pdbx_auth_atom_id    FE 
# 
